data_3ETF
#
_entry.id   3ETF
#
_cell.length_a   133.875
_cell.length_b   133.875
_cell.length_c   247.028
_cell.angle_alpha   90.00
_cell.angle_beta   90.00
_cell.angle_gamma   120.00
#
_symmetry.space_group_name_H-M   'P 32 2 1'
#
loop_
_entity.id
_entity.type
_entity.pdbx_description
1 polymer 'Putative succinate-semialdehyde dehydrogenase'
2 water water
#
_entity_poly.entity_id   1
_entity_poly.type   'polypeptide(L)'
_entity_poly.pdbx_seq_one_letter_code
;(MSE)T(MSE)(MSE)TATQALSVNPATGQTLAA(MSE)PWANAQEIEHALSLAASGFKKWK(MSE)TSVAQRAQTLRDI
GQALRAHAEE(MSE)AQCITRE(MSE)GKPIKQARAEVTKSAALCDWYAEHGPA(MSE)LNPEPTLVENQQAVIEYRPLG
VILAI(MSE)PWNFPLWQVLRGAVPILLAGNSYLLKHAPNVTGCAQ(MSE)IARILAEAGTPAGVYGWVNANNEGVSQ
(MSE)INDPRIAAVTVTGSVRAGAAIGAQAGAALKKCVLELGGSDPFIVLNDADLELAVKAAVAGRYQNTGQVCAAAKRF
IVEEGIAQAFTDRFVAAAAALK(MSE)GDPLVEENDLGP(MSE)ARFDLRDELHQQVQASVAEGARLLLGGEKIAGEGNY
YAATVLADVTPD(MSE)TAFRQELFGPVAAITVAKDAAHALALANDSEFGLSATIFTADDTLAAE(MSE)AARLECGGVF
INGYSASDARVAFGGVKKSGFGRELSHFGLHEFCNVQTVWKNRV
;
_entity_poly.pdbx_strand_id   A,B,C,D
#
# COMPACT_ATOMS: atom_id res chain seq x y z
N ALA A 6 1.75 -14.23 -8.86
CA ALA A 6 3.01 -15.03 -8.77
C ALA A 6 2.93 -16.26 -9.65
N THR A 7 3.74 -16.27 -10.71
CA THR A 7 3.79 -17.41 -11.62
C THR A 7 5.11 -18.18 -11.42
N GLN A 8 5.38 -19.16 -12.28
CA GLN A 8 6.61 -19.97 -12.16
C GLN A 8 7.60 -19.59 -13.25
N ALA A 9 8.91 -19.53 -12.92
CA ALA A 9 9.94 -19.30 -13.99
C ALA A 9 10.20 -20.62 -14.72
N LEU A 10 9.33 -20.91 -15.66
CA LEU A 10 9.35 -22.18 -16.37
C LEU A 10 8.85 -21.93 -17.78
N SER A 11 9.54 -22.50 -18.76
CA SER A 11 9.11 -22.49 -20.15
C SER A 11 8.58 -23.85 -20.47
N VAL A 12 7.38 -23.86 -21.05
CA VAL A 12 6.72 -25.09 -21.49
C VAL A 12 6.17 -24.78 -22.88
N ASN A 13 6.39 -25.69 -23.83
CA ASN A 13 5.84 -25.49 -25.16
C ASN A 13 4.32 -25.73 -25.13
N PRO A 14 3.52 -24.67 -25.37
CA PRO A 14 2.04 -24.83 -25.29
C PRO A 14 1.43 -25.75 -26.35
N ALA A 15 2.18 -26.00 -27.44
CA ALA A 15 1.69 -26.87 -28.50
C ALA A 15 1.81 -28.32 -28.10
N THR A 16 2.82 -28.63 -27.30
CA THR A 16 3.06 -30.02 -26.87
C THR A 16 2.82 -30.33 -25.40
N GLY A 17 2.78 -29.29 -24.57
CA GLY A 17 2.67 -29.44 -23.11
C GLY A 17 3.98 -29.85 -22.45
N GLN A 18 5.07 -29.94 -23.22
CA GLN A 18 6.34 -30.43 -22.71
C GLN A 18 7.29 -29.32 -22.22
N THR A 19 7.95 -29.59 -21.11
CA THR A 19 8.88 -28.67 -20.47
C THR A 19 10.04 -28.36 -21.39
N LEU A 20 10.37 -27.07 -21.47
CA LEU A 20 11.49 -26.57 -22.26
C LEU A 20 12.68 -26.29 -21.36
N ALA A 21 12.46 -25.52 -20.29
CA ALA A 21 13.53 -25.12 -19.38
C ALA A 21 12.97 -24.48 -18.14
N ALA A 22 13.74 -24.54 -17.06
CA ALA A 22 13.41 -23.84 -15.81
C ALA A 22 14.58 -22.92 -15.51
N MSE A 23 14.28 -21.71 -15.03
CA MSE A 23 15.36 -20.79 -14.68
C MSE A 23 15.16 -20.25 -13.27
O MSE A 23 14.10 -19.70 -12.99
CB MSE A 23 15.39 -19.63 -15.68
CG MSE A 23 16.62 -18.79 -15.54
SE MSE A 23 16.55 -17.31 -16.80
CE MSE A 23 18.20 -16.42 -16.21
N PRO A 24 16.17 -20.40 -12.38
CA PRO A 24 16.01 -19.87 -11.03
C PRO A 24 15.84 -18.35 -11.04
N TRP A 25 15.11 -17.82 -10.06
CA TRP A 25 14.94 -16.39 -9.96
C TRP A 25 16.29 -15.78 -9.63
N ALA A 26 16.48 -14.53 -10.04
CA ALA A 26 17.72 -13.82 -9.75
C ALA A 26 17.90 -13.66 -8.25
N ASN A 27 19.09 -13.97 -7.77
CA ASN A 27 19.41 -13.78 -6.35
C ASN A 27 19.81 -12.32 -6.08
N ALA A 28 20.09 -11.99 -4.81
CA ALA A 28 20.47 -10.62 -4.41
C ALA A 28 21.68 -10.02 -5.14
N GLN A 29 22.72 -10.83 -5.29
CA GLN A 29 23.95 -10.43 -6.01
C GLN A 29 23.63 -10.11 -7.47
N GLU A 30 22.78 -10.93 -8.07
CA GLU A 30 22.38 -10.77 -9.48
C GLU A 30 21.55 -9.51 -9.71
N ILE A 31 20.64 -9.20 -8.80
CA ILE A 31 19.83 -7.98 -8.91
C ILE A 31 20.76 -6.79 -8.76
N GLU A 32 21.65 -6.85 -7.76
CA GLU A 32 22.62 -5.77 -7.56
C GLU A 32 23.52 -5.61 -8.77
N HIS A 33 23.97 -6.71 -9.35
CA HIS A 33 24.80 -6.60 -10.52
C HIS A 33 24.07 -5.96 -11.71
N ALA A 34 22.80 -6.33 -11.93
CA ALA A 34 22.00 -5.77 -13.02
C ALA A 34 21.82 -4.26 -12.85
N LEU A 35 21.54 -3.83 -11.62
CA LEU A 35 21.35 -2.39 -11.33
C LEU A 35 22.66 -1.60 -11.46
N SER A 36 23.74 -2.17 -10.93
CA SER A 36 25.04 -1.52 -10.97
C SER A 36 25.51 -1.35 -12.44
N LEU A 37 25.33 -2.40 -13.24
CA LEU A 37 25.73 -2.36 -14.65
C LEU A 37 24.88 -1.39 -15.46
N ALA A 38 23.58 -1.36 -15.19
CA ALA A 38 22.69 -0.41 -15.86
C ALA A 38 23.10 1.02 -15.56
N ALA A 39 23.41 1.31 -14.29
CA ALA A 39 23.81 2.67 -13.91
C ALA A 39 25.16 3.06 -14.57
N SER A 40 26.11 2.14 -14.60
CA SER A 40 27.44 2.48 -15.15
C SER A 40 27.32 2.60 -16.68
N GLY A 41 26.47 1.77 -17.27
CA GLY A 41 26.15 1.87 -18.70
C GLY A 41 25.54 3.23 -19.03
N PHE A 42 24.57 3.65 -18.22
CA PHE A 42 23.90 4.93 -18.42
C PHE A 42 24.91 6.07 -18.34
N LYS A 43 25.82 5.98 -17.37
CA LYS A 43 26.78 7.06 -17.13
C LYS A 43 27.61 7.39 -18.36
N LYS A 44 27.94 6.38 -19.15
CA LYS A 44 28.67 6.57 -20.39
C LYS A 44 27.75 6.85 -21.60
N TRP A 45 26.63 6.14 -21.66
CA TRP A 45 25.69 6.26 -22.77
C TRP A 45 25.07 7.66 -22.88
N LYS A 46 24.79 8.28 -21.74
CA LYS A 46 24.20 9.61 -21.75
C LYS A 46 25.11 10.67 -22.40
N MSE A 47 26.40 10.35 -22.51
CA MSE A 47 27.42 11.29 -23.04
C MSE A 47 27.66 11.10 -24.53
O MSE A 47 28.48 11.82 -25.11
CB MSE A 47 28.78 11.05 -22.36
CG MSE A 47 28.77 11.08 -20.87
SE MSE A 47 28.26 12.84 -20.27
CE MSE A 47 30.01 13.75 -20.43
N THR A 48 27.00 10.11 -25.16
CA THR A 48 27.21 9.85 -26.59
C THR A 48 26.44 10.86 -27.41
N SER A 49 26.76 10.96 -28.70
N SER A 49 26.79 10.92 -28.68
CA SER A 49 25.98 11.81 -29.57
CA SER A 49 26.05 11.71 -29.63
C SER A 49 24.70 11.03 -29.92
C SER A 49 24.73 10.99 -29.91
N VAL A 50 23.60 11.74 -30.13
N VAL A 50 23.67 11.74 -30.16
CA VAL A 50 22.37 11.03 -30.53
CA VAL A 50 22.40 11.13 -30.55
C VAL A 50 22.58 10.28 -31.85
C VAL A 50 22.62 10.28 -31.82
N ALA A 51 23.47 10.79 -32.71
CA ALA A 51 23.75 10.11 -33.98
C ALA A 51 24.45 8.77 -33.76
N GLN A 52 25.30 8.69 -32.74
CA GLN A 52 25.95 7.42 -32.39
C GLN A 52 24.90 6.41 -31.87
N ARG A 53 23.97 6.90 -31.06
CA ARG A 53 22.89 6.03 -30.57
C ARG A 53 21.99 5.55 -31.74
N ALA A 54 21.75 6.41 -32.72
CA ALA A 54 20.97 6.05 -33.90
C ALA A 54 21.72 4.96 -34.67
N GLN A 55 23.05 5.07 -34.76
CA GLN A 55 23.83 4.03 -35.44
C GLN A 55 23.72 2.69 -34.71
N THR A 56 23.77 2.73 -33.38
CA THR A 56 23.57 1.53 -32.56
C THR A 56 22.21 0.89 -32.87
N LEU A 57 21.18 1.71 -33.05
CA LEU A 57 19.85 1.16 -33.42
C LEU A 57 19.92 0.43 -34.76
N ARG A 58 20.62 1.01 -35.75
CA ARG A 58 20.76 0.32 -37.05
C ARG A 58 21.49 -1.01 -36.88
N ASP A 59 22.53 -1.01 -36.04
CA ASP A 59 23.30 -2.24 -35.77
C ASP A 59 22.43 -3.31 -35.10
N ILE A 60 21.58 -2.90 -34.15
CA ILE A 60 20.62 -3.83 -33.54
C ILE A 60 19.70 -4.41 -34.62
N GLY A 61 19.18 -3.56 -35.50
CA GLY A 61 18.30 -4.03 -36.61
C GLY A 61 19.02 -5.07 -37.44
N GLN A 62 20.28 -4.83 -37.77
CA GLN A 62 21.06 -5.77 -38.58
C GLN A 62 21.30 -7.10 -37.85
N ALA A 63 21.61 -7.04 -36.54
CA ALA A 63 21.84 -8.27 -35.75
C ALA A 63 20.54 -9.11 -35.65
N LEU A 64 19.44 -8.42 -35.46
N LEU A 64 19.42 -8.43 -35.45
CA LEU A 64 18.14 -9.09 -35.40
CA LEU A 64 18.12 -9.11 -35.40
C LEU A 64 17.85 -9.80 -36.72
C LEU A 64 17.83 -9.81 -36.72
N ARG A 65 18.06 -9.11 -37.84
CA ARG A 65 17.81 -9.73 -39.16
C ARG A 65 18.75 -10.90 -39.44
N ALA A 66 19.97 -10.85 -38.89
CA ALA A 66 20.94 -11.94 -39.02
C ALA A 66 20.51 -13.18 -38.25
N HIS A 67 19.70 -13.01 -37.22
CA HIS A 67 19.22 -14.15 -36.38
C HIS A 67 17.69 -14.31 -36.45
N ALA A 68 17.09 -13.82 -37.52
CA ALA A 68 15.64 -13.70 -37.61
C ALA A 68 14.89 -15.03 -37.46
N GLU A 69 15.35 -16.06 -38.15
CA GLU A 69 14.59 -17.34 -38.06
C GLU A 69 14.72 -17.98 -36.66
N GLU A 70 15.93 -17.95 -36.10
CA GLU A 70 16.17 -18.47 -34.76
C GLU A 70 15.27 -17.73 -33.78
N MSE A 71 15.19 -16.41 -33.94
CA MSE A 71 14.32 -15.60 -33.05
C MSE A 71 12.84 -16.00 -33.19
O MSE A 71 12.14 -16.18 -32.18
CB MSE A 71 14.52 -14.12 -33.37
CG MSE A 71 13.79 -13.15 -32.46
SE MSE A 71 14.65 -13.02 -30.67
CE MSE A 71 13.37 -14.11 -29.64
N ALA A 72 12.35 -16.07 -34.43
CA ALA A 72 10.94 -16.43 -34.66
C ALA A 72 10.64 -17.81 -34.08
N GLN A 73 11.52 -18.77 -34.33
CA GLN A 73 11.32 -20.15 -33.81
C GLN A 73 11.23 -20.16 -32.27
N CYS A 74 12.04 -19.33 -31.61
CA CYS A 74 12.03 -19.22 -30.15
C CYS A 74 10.70 -18.68 -29.65
N ILE A 75 10.19 -17.63 -30.30
CA ILE A 75 8.88 -17.05 -29.98
C ILE A 75 7.79 -18.11 -30.07
N THR A 76 7.74 -18.80 -31.22
CA THR A 76 6.72 -19.84 -31.42
C THR A 76 6.85 -20.95 -30.42
N ARG A 77 8.08 -21.40 -30.19
CA ARG A 77 8.32 -22.53 -29.28
C ARG A 77 7.85 -22.25 -27.84
N GLU A 78 8.12 -21.04 -27.35
CA GLU A 78 7.83 -20.73 -25.95
C GLU A 78 6.40 -20.31 -25.70
N MSE A 79 5.78 -19.66 -26.68
CA MSE A 79 4.43 -19.15 -26.43
C MSE A 79 3.34 -19.46 -27.45
O MSE A 79 2.21 -19.04 -27.28
CB MSE A 79 4.44 -17.66 -25.97
CG MSE A 79 5.23 -16.67 -26.85
SE MSE A 79 4.29 -16.44 -28.54
CE MSE A 79 2.48 -15.77 -27.90
N GLY A 80 3.67 -20.26 -28.49
CA GLY A 80 2.66 -20.81 -29.40
C GLY A 80 2.19 -20.04 -30.61
N LYS A 81 2.75 -18.85 -30.82
CA LYS A 81 2.33 -17.98 -31.92
C LYS A 81 2.59 -18.70 -33.25
N PRO A 82 1.62 -18.68 -34.17
CA PRO A 82 1.90 -19.25 -35.51
C PRO A 82 3.22 -18.70 -36.07
N ILE A 83 4.02 -19.57 -36.67
CA ILE A 83 5.38 -19.17 -37.08
C ILE A 83 5.35 -18.02 -38.13
N LYS A 84 4.32 -17.97 -38.98
CA LYS A 84 4.20 -16.87 -39.94
C LYS A 84 4.12 -15.53 -39.22
N GLN A 85 3.37 -15.49 -38.11
CA GLN A 85 3.24 -14.26 -37.30
C GLN A 85 4.48 -13.98 -36.43
N ALA A 86 5.17 -15.02 -35.95
CA ALA A 86 6.42 -14.80 -35.20
C ALA A 86 7.47 -14.18 -36.14
N ARG A 87 7.54 -14.66 -37.38
CA ARG A 87 8.44 -14.05 -38.37
C ARG A 87 8.08 -12.59 -38.65
N ALA A 88 6.80 -12.29 -38.77
CA ALA A 88 6.35 -10.91 -39.03
C ALA A 88 6.69 -10.02 -37.82
N GLU A 89 6.65 -10.58 -36.62
CA GLU A 89 7.00 -9.84 -35.39
C GLU A 89 8.47 -9.43 -35.48
N VAL A 90 9.32 -10.33 -35.95
CA VAL A 90 10.77 -10.03 -36.08
C VAL A 90 10.96 -8.95 -37.16
N THR A 91 10.29 -9.10 -38.30
CA THR A 91 10.37 -8.08 -39.37
C THR A 91 9.97 -6.70 -38.86
N LYS A 92 8.87 -6.61 -38.13
CA LYS A 92 8.38 -5.31 -37.64
C LYS A 92 9.31 -4.70 -36.63
N SER A 93 9.86 -5.55 -35.75
CA SER A 93 10.76 -5.10 -34.68
C SER A 93 12.06 -4.55 -35.29
N ALA A 94 12.60 -5.24 -36.30
CA ALA A 94 13.81 -4.75 -36.98
C ALA A 94 13.53 -3.44 -37.74
N ALA A 95 12.37 -3.35 -38.37
CA ALA A 95 12.01 -2.12 -39.10
C ALA A 95 11.92 -0.92 -38.14
N LEU A 96 11.46 -1.17 -36.92
CA LEU A 96 11.33 -0.12 -35.93
C LEU A 96 12.70 0.49 -35.55
N CYS A 97 13.73 -0.35 -35.45
CA CYS A 97 15.10 0.13 -35.17
C CYS A 97 15.50 1.12 -36.25
N ASP A 98 15.27 0.73 -37.50
CA ASP A 98 15.67 1.60 -38.62
C ASP A 98 14.85 2.88 -38.69
N TRP A 99 13.55 2.78 -38.38
CA TRP A 99 12.66 3.95 -38.43
C TRP A 99 13.11 5.00 -37.42
N TYR A 100 13.32 4.59 -36.16
CA TYR A 100 13.80 5.54 -35.16
C TYR A 100 15.22 6.04 -35.46
N ALA A 101 16.07 5.23 -36.08
CA ALA A 101 17.41 5.72 -36.42
C ALA A 101 17.30 6.87 -37.42
N GLU A 102 16.35 6.75 -38.34
CA GLU A 102 16.12 7.79 -39.37
C GLU A 102 15.42 9.03 -38.85
N HIS A 103 14.32 8.83 -38.10
CA HIS A 103 13.44 9.93 -37.69
C HIS A 103 13.57 10.43 -36.25
N GLY A 104 14.12 9.58 -35.38
CA GLY A 104 14.25 9.92 -33.98
C GLY A 104 15.16 11.09 -33.65
N PRO A 105 16.37 11.15 -34.22
CA PRO A 105 17.29 12.21 -33.79
C PRO A 105 16.71 13.62 -33.87
N ALA A 106 15.97 13.93 -34.93
CA ALA A 106 15.37 15.28 -35.07
C ALA A 106 14.37 15.58 -33.94
N MSE A 107 13.71 14.54 -33.41
CA MSE A 107 12.74 14.72 -32.33
C MSE A 107 13.39 15.09 -31.00
O MSE A 107 12.71 15.48 -30.04
CB MSE A 107 11.90 13.44 -32.15
CG MSE A 107 11.37 12.87 -33.43
SE MSE A 107 10.45 11.13 -33.11
CE MSE A 107 11.52 10.39 -31.78
N LEU A 108 14.73 14.97 -30.94
CA LEU A 108 15.51 15.34 -29.78
C LEU A 108 16.22 16.68 -29.93
N ASN A 109 15.92 17.42 -30.99
CA ASN A 109 16.55 18.73 -31.16
C ASN A 109 15.98 19.66 -30.09
N PRO A 110 16.79 20.61 -29.62
CA PRO A 110 16.21 21.56 -28.68
C PRO A 110 15.08 22.36 -29.32
N GLU A 111 14.14 22.83 -28.50
CA GLU A 111 13.01 23.62 -28.98
C GLU A 111 13.24 25.09 -28.67
N PRO A 112 13.01 25.98 -29.65
CA PRO A 112 13.00 27.41 -29.32
C PRO A 112 11.78 27.76 -28.47
N THR A 113 11.84 28.90 -27.79
CA THR A 113 10.73 29.37 -26.98
C THR A 113 10.43 30.80 -27.39
N LEU A 114 9.35 31.35 -26.84
CA LEU A 114 8.96 32.71 -27.13
C LEU A 114 9.71 33.74 -26.29
N VAL A 115 10.61 33.27 -25.42
CA VAL A 115 11.46 34.18 -24.65
C VAL A 115 12.29 35.00 -25.65
N GLU A 116 12.40 36.30 -25.43
CA GLU A 116 13.05 37.18 -26.40
C GLU A 116 14.53 36.91 -26.63
N ASN A 117 14.98 37.19 -27.84
CA ASN A 117 16.41 37.14 -28.17
C ASN A 117 17.07 35.76 -28.02
N GLN A 118 16.29 34.69 -28.25
CA GLN A 118 16.80 33.31 -28.24
C GLN A 118 17.49 32.96 -26.93
N GLN A 119 17.00 33.52 -25.83
CA GLN A 119 17.68 33.33 -24.54
C GLN A 119 17.29 32.02 -23.84
N ALA A 120 16.18 31.42 -24.24
CA ALA A 120 15.73 30.16 -23.59
C ALA A 120 15.33 29.10 -24.60
N VAL A 121 15.78 27.86 -24.32
CA VAL A 121 15.44 26.70 -25.12
C VAL A 121 14.97 25.57 -24.21
N ILE A 122 14.26 24.62 -24.79
CA ILE A 122 13.90 23.39 -24.08
C ILE A 122 14.78 22.28 -24.63
N GLU A 123 15.50 21.60 -23.75
CA GLU A 123 16.34 20.46 -24.16
C GLU A 123 15.69 19.17 -23.70
N TYR A 124 15.88 18.10 -24.46
CA TYR A 124 15.36 16.79 -24.09
C TYR A 124 16.52 15.93 -23.61
N ARG A 125 16.70 15.82 -22.29
CA ARG A 125 17.82 15.08 -21.70
C ARG A 125 17.36 13.67 -21.30
N PRO A 126 18.29 12.70 -21.22
CA PRO A 126 17.80 11.41 -20.69
C PRO A 126 17.50 11.46 -19.20
N LEU A 127 16.70 10.51 -18.71
CA LEU A 127 16.35 10.41 -17.30
C LEU A 127 17.32 9.53 -16.54
N GLY A 128 17.68 8.38 -17.10
CA GLY A 128 18.49 7.42 -16.33
C GLY A 128 18.16 5.99 -16.74
N VAL A 129 18.13 5.10 -15.76
CA VAL A 129 17.79 3.71 -16.08
C VAL A 129 16.26 3.53 -16.02
N ILE A 130 15.69 2.97 -17.06
CA ILE A 130 14.25 2.72 -17.08
C ILE A 130 14.01 1.22 -16.87
N LEU A 131 13.23 0.89 -15.83
CA LEU A 131 12.89 -0.52 -15.56
C LEU A 131 11.67 -0.84 -16.42
N ALA A 132 11.72 -1.97 -17.13
CA ALA A 132 10.62 -2.37 -18.01
C ALA A 132 10.07 -3.71 -17.55
N ILE A 133 8.75 -3.81 -17.47
CA ILE A 133 8.12 -5.09 -17.11
C ILE A 133 7.25 -5.48 -18.29
N MSE A 134 7.64 -6.55 -18.98
CA MSE A 134 7.01 -6.90 -20.29
C MSE A 134 6.29 -8.25 -20.29
O MSE A 134 6.68 -9.14 -19.52
CB MSE A 134 8.09 -6.83 -21.40
CG MSE A 134 8.66 -5.40 -21.52
SE MSE A 134 7.31 -4.22 -22.35
CE MSE A 134 7.41 -2.68 -21.13
N PRO A 135 5.24 -8.40 -21.12
CA PRO A 135 4.47 -9.66 -21.17
C PRO A 135 4.91 -10.60 -22.30
N TRP A 136 4.29 -11.78 -22.35
CA TRP A 136 4.70 -12.82 -23.29
C TRP A 136 4.03 -12.76 -24.67
N ASN A 137 3.06 -11.88 -24.89
CA ASN A 137 2.29 -12.01 -26.16
C ASN A 137 3.06 -11.62 -27.44
N PHE A 138 3.97 -10.64 -27.30
CA PHE A 138 4.92 -10.28 -28.37
C PHE A 138 6.25 -10.18 -27.68
N PRO A 139 6.94 -11.33 -27.47
CA PRO A 139 8.14 -11.33 -26.62
C PRO A 139 9.28 -10.42 -27.12
N LEU A 140 9.29 -10.18 -28.42
CA LEU A 140 10.31 -9.28 -29.02
C LEU A 140 9.77 -7.87 -29.26
N TRP A 141 8.63 -7.77 -29.95
CA TRP A 141 8.05 -6.47 -30.31
C TRP A 141 7.73 -5.61 -29.08
N GLN A 142 7.18 -6.22 -28.02
CA GLN A 142 6.82 -5.47 -26.82
C GLN A 142 8.06 -4.84 -26.20
N VAL A 143 9.14 -5.61 -26.21
CA VAL A 143 10.42 -5.11 -25.68
C VAL A 143 10.96 -3.94 -26.53
N LEU A 144 11.10 -4.16 -27.83
N LEU A 144 11.09 -4.16 -27.83
CA LEU A 144 11.70 -3.12 -28.68
CA LEU A 144 11.66 -3.14 -28.71
C LEU A 144 10.82 -1.88 -28.88
C LEU A 144 10.81 -1.89 -28.85
N ARG A 145 9.49 -2.05 -28.81
CA ARG A 145 8.54 -0.92 -28.96
C ARG A 145 8.91 0.21 -27.99
N GLY A 146 9.30 -0.18 -26.77
CA GLY A 146 9.78 0.78 -25.78
C GLY A 146 11.29 0.97 -25.76
N ALA A 147 12.06 -0.11 -25.86
CA ALA A 147 13.51 -0.02 -25.71
C ALA A 147 14.16 0.85 -26.77
N VAL A 148 13.67 0.75 -28.01
CA VAL A 148 14.27 1.54 -29.11
C VAL A 148 14.24 3.05 -28.79
N PRO A 149 13.04 3.65 -28.60
CA PRO A 149 13.09 5.10 -28.25
C PRO A 149 13.73 5.40 -26.87
N ILE A 150 13.53 4.54 -25.89
CA ILE A 150 14.19 4.74 -24.58
C ILE A 150 15.71 4.85 -24.76
N LEU A 151 16.31 3.93 -25.51
CA LEU A 151 17.76 3.99 -25.78
C LEU A 151 18.16 5.22 -26.57
N LEU A 152 17.38 5.56 -27.58
CA LEU A 152 17.71 6.73 -28.41
C LEU A 152 17.74 8.01 -27.59
N ALA A 153 16.84 8.10 -26.61
CA ALA A 153 16.79 9.28 -25.73
C ALA A 153 18.01 9.37 -24.81
N GLY A 154 18.84 8.33 -24.76
CA GLY A 154 20.06 8.34 -23.92
C GLY A 154 19.94 7.61 -22.58
N ASN A 155 18.83 6.89 -22.41
CA ASN A 155 18.59 6.11 -21.20
C ASN A 155 19.17 4.70 -21.33
N SER A 156 19.35 4.01 -20.20
CA SER A 156 19.56 2.56 -20.17
C SER A 156 18.17 1.91 -20.00
N TYR A 157 18.09 0.64 -20.41
CA TYR A 157 16.85 -0.14 -20.34
C TYR A 157 17.15 -1.43 -19.60
N LEU A 158 16.40 -1.70 -18.52
CA LEU A 158 16.62 -2.90 -17.72
C LEU A 158 15.29 -3.66 -17.67
N LEU A 159 15.31 -4.85 -18.28
CA LEU A 159 14.09 -5.61 -18.50
C LEU A 159 13.83 -6.75 -17.51
N LYS A 160 12.58 -6.82 -17.05
N LYS A 160 12.62 -6.85 -17.01
CA LYS A 160 12.03 -7.97 -16.34
CA LYS A 160 12.19 -8.08 -16.36
C LYS A 160 11.04 -8.54 -17.38
C LYS A 160 11.07 -8.60 -17.27
N HIS A 161 11.35 -9.71 -17.94
CA HIS A 161 10.44 -10.28 -18.93
C HIS A 161 9.50 -11.29 -18.29
N ALA A 162 8.43 -11.67 -19.01
CA ALA A 162 7.48 -12.66 -18.49
C ALA A 162 8.22 -13.98 -18.26
N PRO A 163 7.93 -14.64 -17.12
CA PRO A 163 8.71 -15.82 -16.77
C PRO A 163 8.49 -17.05 -17.65
N ASN A 164 7.52 -17.02 -18.57
CA ASN A 164 7.36 -18.10 -19.55
C ASN A 164 8.15 -17.92 -20.85
N VAL A 165 8.79 -16.75 -21.01
CA VAL A 165 9.58 -16.46 -22.22
C VAL A 165 11.04 -16.11 -21.91
N THR A 166 11.60 -16.73 -20.87
CA THR A 166 12.99 -16.41 -20.53
C THR A 166 13.99 -16.83 -21.62
N GLY A 167 13.63 -17.85 -22.43
CA GLY A 167 14.47 -18.27 -23.59
C GLY A 167 14.55 -17.11 -24.59
N CYS A 168 13.40 -16.54 -24.91
CA CYS A 168 13.35 -15.36 -25.79
C CYS A 168 14.19 -14.22 -25.21
N ALA A 169 14.00 -13.94 -23.94
CA ALA A 169 14.77 -12.88 -23.26
C ALA A 169 16.29 -13.10 -23.34
N GLN A 170 16.74 -14.34 -23.14
CA GLN A 170 18.19 -14.62 -23.23
C GLN A 170 18.67 -14.37 -24.64
N MSE A 171 17.87 -14.79 -25.61
CA MSE A 171 18.21 -14.61 -27.03
C MSE A 171 18.27 -13.12 -27.43
O MSE A 171 19.19 -12.70 -28.15
CB MSE A 171 17.26 -15.40 -27.91
CG MSE A 171 17.70 -15.34 -29.35
SE MSE A 171 16.62 -16.55 -30.44
CE MSE A 171 17.06 -18.32 -29.68
N ILE A 172 17.29 -12.35 -27.00
CA ILE A 172 17.28 -10.90 -27.25
C ILE A 172 18.56 -10.27 -26.72
N ALA A 173 18.93 -10.60 -25.49
CA ALA A 173 20.17 -10.09 -24.90
C ALA A 173 21.41 -10.45 -25.73
N ARG A 174 21.49 -11.70 -26.19
N ARG A 174 21.50 -11.71 -26.18
CA ARG A 174 22.63 -12.14 -27.05
CA ARG A 174 22.60 -12.14 -27.08
C ARG A 174 22.70 -11.37 -28.36
C ARG A 174 22.69 -11.28 -28.31
N ILE A 175 21.55 -11.12 -28.98
CA ILE A 175 21.49 -10.37 -30.23
C ILE A 175 21.89 -8.91 -30.04
N LEU A 176 21.35 -8.28 -29.00
CA LEU A 176 21.72 -6.90 -28.74
C LEU A 176 23.20 -6.73 -28.36
N ALA A 177 23.76 -7.73 -27.69
CA ALA A 177 25.19 -7.68 -27.35
C ALA A 177 26.02 -7.85 -28.64
N GLU A 178 25.61 -8.76 -29.51
CA GLU A 178 26.27 -8.98 -30.82
C GLU A 178 26.30 -7.70 -31.63
N ALA A 179 25.23 -6.90 -31.52
CA ALA A 179 25.12 -5.64 -32.25
C ALA A 179 26.07 -4.57 -31.72
N GLY A 180 26.69 -4.84 -30.58
CA GLY A 180 27.62 -3.89 -29.96
C GLY A 180 26.99 -2.94 -28.97
N THR A 181 25.77 -3.21 -28.53
CA THR A 181 25.12 -2.37 -27.53
C THR A 181 25.99 -2.39 -26.26
N PRO A 182 26.39 -1.22 -25.74
CA PRO A 182 27.28 -1.26 -24.57
C PRO A 182 26.69 -2.01 -23.37
N ALA A 183 27.56 -2.66 -22.61
CA ALA A 183 27.12 -3.39 -21.43
C ALA A 183 26.30 -2.46 -20.51
N GLY A 184 25.15 -2.94 -20.05
CA GLY A 184 24.31 -2.15 -19.13
C GLY A 184 23.32 -1.23 -19.83
N VAL A 185 23.60 -0.84 -21.07
CA VAL A 185 22.68 0.05 -21.82
C VAL A 185 21.40 -0.72 -22.11
N TYR A 186 21.55 -1.98 -22.52
CA TYR A 186 20.41 -2.91 -22.55
C TYR A 186 20.79 -4.09 -21.66
N GLY A 187 19.90 -4.48 -20.75
CA GLY A 187 20.13 -5.69 -19.96
C GLY A 187 18.81 -6.22 -19.44
N TRP A 188 18.84 -7.39 -18.82
CA TRP A 188 17.62 -7.97 -18.29
C TRP A 188 17.96 -8.83 -17.10
N VAL A 189 16.96 -9.06 -16.25
CA VAL A 189 17.17 -9.85 -15.04
C VAL A 189 15.91 -10.67 -14.78
N ASN A 190 16.09 -11.94 -14.39
CA ASN A 190 14.94 -12.81 -14.10
C ASN A 190 14.48 -12.60 -12.66
N ALA A 191 13.99 -11.41 -12.36
CA ALA A 191 13.56 -11.07 -11.01
C ALA A 191 12.19 -11.61 -10.69
N ASN A 192 12.01 -12.06 -9.45
CA ASN A 192 10.65 -12.38 -8.97
C ASN A 192 9.96 -11.08 -8.53
N ASN A 193 8.72 -11.16 -8.05
CA ASN A 193 7.98 -9.97 -7.61
C ASN A 193 8.73 -9.11 -6.57
N GLU A 194 9.38 -9.75 -5.60
N GLU A 194 9.37 -9.77 -5.60
CA GLU A 194 10.14 -9.04 -4.57
CA GLU A 194 10.15 -9.08 -4.55
C GLU A 194 11.32 -8.29 -5.20
C GLU A 194 11.31 -8.31 -5.20
N GLY A 195 11.95 -8.93 -6.18
CA GLY A 195 13.08 -8.35 -6.90
C GLY A 195 12.65 -7.12 -7.69
N VAL A 196 11.47 -7.19 -8.31
CA VAL A 196 10.92 -6.02 -9.03
C VAL A 196 10.66 -4.87 -8.06
N SER A 197 10.05 -5.17 -6.93
CA SER A 197 9.81 -4.15 -5.91
C SER A 197 11.11 -3.54 -5.43
N GLN A 198 12.10 -4.37 -5.16
CA GLN A 198 13.41 -3.88 -4.77
C GLN A 198 13.98 -2.89 -5.80
N MSE A 199 13.89 -3.24 -7.08
CA MSE A 199 14.40 -2.37 -8.14
C MSE A 199 13.65 -1.06 -8.24
O MSE A 199 14.27 -0.02 -8.35
CB MSE A 199 14.44 -3.11 -9.47
CG MSE A 199 15.45 -4.23 -9.41
SE MSE A 199 15.77 -5.04 -11.16
CE MSE A 199 14.07 -5.99 -11.37
N ILE A 200 12.33 -1.10 -8.17
CA ILE A 200 11.51 0.13 -8.27
C ILE A 200 11.92 1.12 -7.18
N ASN A 201 12.24 0.58 -6.01
CA ASN A 201 12.60 1.38 -4.87
C ASN A 201 14.08 1.79 -4.81
N ASP A 202 14.87 1.36 -5.79
CA ASP A 202 16.30 1.65 -5.82
C ASP A 202 16.51 2.96 -6.57
N PRO A 203 17.33 3.89 -6.02
CA PRO A 203 17.54 5.19 -6.68
C PRO A 203 18.16 5.09 -8.07
N ARG A 204 18.79 3.97 -8.40
CA ARG A 204 19.34 3.80 -9.75
C ARG A 204 18.27 3.65 -10.81
N ILE A 205 17.05 3.30 -10.42
CA ILE A 205 15.95 3.23 -11.39
C ILE A 205 15.26 4.58 -11.42
N ALA A 206 15.22 5.24 -12.58
CA ALA A 206 14.62 6.58 -12.71
C ALA A 206 13.12 6.57 -12.99
N ALA A 207 12.65 5.58 -13.73
CA ALA A 207 11.24 5.51 -14.13
C ALA A 207 10.91 4.08 -14.56
N VAL A 208 9.65 3.80 -14.84
CA VAL A 208 9.23 2.42 -15.07
C VAL A 208 8.27 2.37 -16.26
N THR A 209 8.38 1.34 -17.09
CA THR A 209 7.37 1.16 -18.12
C THR A 209 6.79 -0.25 -17.98
N VAL A 210 5.46 -0.38 -18.10
CA VAL A 210 4.81 -1.66 -17.92
C VAL A 210 3.86 -1.93 -19.06
N THR A 211 3.93 -3.13 -19.64
CA THR A 211 2.93 -3.56 -20.62
C THR A 211 2.43 -4.89 -20.06
N GLY A 212 1.14 -5.01 -19.83
CA GLY A 212 0.64 -6.28 -19.29
C GLY A 212 -0.79 -6.14 -18.82
N SER A 213 -1.14 -6.89 -17.78
CA SER A 213 -2.51 -6.91 -17.30
C SER A 213 -2.79 -5.72 -16.41
N VAL A 214 -4.08 -5.44 -16.24
CA VAL A 214 -4.57 -4.38 -15.37
C VAL A 214 -4.10 -4.56 -13.94
N ARG A 215 -4.15 -5.79 -13.43
CA ARG A 215 -3.70 -6.08 -12.07
C ARG A 215 -2.19 -5.81 -11.90
N ALA A 216 -1.38 -6.25 -12.87
CA ALA A 216 0.07 -5.99 -12.87
C ALA A 216 0.36 -4.47 -12.90
N GLY A 217 -0.32 -3.78 -13.82
CA GLY A 217 -0.19 -2.32 -13.96
C GLY A 217 -0.52 -1.59 -12.67
N ALA A 218 -1.59 -2.00 -11.99
CA ALA A 218 -1.98 -1.33 -10.75
C ALA A 218 -0.96 -1.55 -9.64
N ALA A 219 -0.44 -2.77 -9.55
CA ALA A 219 0.52 -3.16 -8.50
C ALA A 219 1.82 -2.37 -8.66
N ILE A 220 2.32 -2.35 -9.89
CA ILE A 220 3.55 -1.63 -10.20
C ILE A 220 3.37 -0.11 -10.19
N GLY A 221 2.26 0.38 -10.74
CA GLY A 221 1.97 1.82 -10.74
C GLY A 221 1.93 2.37 -9.33
N ALA A 222 1.31 1.62 -8.42
CA ALA A 222 1.28 2.01 -7.01
C ALA A 222 2.69 2.10 -6.39
N GLN A 223 3.56 1.12 -6.68
CA GLN A 223 4.93 1.15 -6.16
C GLN A 223 5.76 2.30 -6.77
N ALA A 224 5.60 2.52 -8.08
CA ALA A 224 6.31 3.60 -8.76
C ALA A 224 5.86 4.95 -8.22
N GLY A 225 4.55 5.17 -8.10
CA GLY A 225 4.03 6.41 -7.53
C GLY A 225 4.61 6.68 -6.14
N ALA A 226 4.61 5.67 -5.28
CA ALA A 226 5.16 5.79 -3.91
C ALA A 226 6.64 6.18 -3.90
N ALA A 227 7.37 5.77 -4.95
CA ALA A 227 8.80 6.06 -5.08
C ALA A 227 9.06 7.33 -5.90
N LEU A 228 7.99 8.05 -6.25
CA LEU A 228 8.06 9.32 -7.00
C LEU A 228 8.70 9.13 -8.36
N LYS A 229 8.38 8.01 -8.99
CA LYS A 229 8.92 7.70 -10.30
C LYS A 229 7.78 7.59 -11.30
N LYS A 230 7.97 8.18 -12.47
N LYS A 230 8.02 8.18 -12.46
CA LYS A 230 6.93 8.21 -13.51
CA LYS A 230 7.11 8.19 -13.58
C LYS A 230 6.74 6.84 -14.18
C LYS A 230 6.97 6.79 -14.17
N CYS A 231 5.53 6.58 -14.64
N CYS A 231 5.78 6.50 -14.70
CA CYS A 231 5.24 5.34 -15.37
CA CYS A 231 5.59 5.26 -15.43
C CYS A 231 4.65 5.60 -16.73
C CYS A 231 4.63 5.47 -16.60
N VAL A 232 4.76 4.59 -17.60
CA VAL A 232 3.86 4.50 -18.75
C VAL A 232 3.24 3.12 -18.50
N LEU A 233 1.91 3.04 -18.49
CA LEU A 233 1.21 1.76 -18.29
C LEU A 233 0.37 1.45 -19.53
N GLU A 234 0.72 0.38 -20.25
CA GLU A 234 0.02 -0.01 -21.49
C GLU A 234 -0.65 -1.33 -21.12
N LEU A 235 -1.91 -1.27 -20.74
CA LEU A 235 -2.56 -2.41 -20.14
C LEU A 235 -3.60 -3.02 -21.10
N GLY A 236 -4.50 -3.83 -20.59
CA GLY A 236 -5.47 -4.50 -21.49
C GLY A 236 -6.46 -3.58 -22.20
N GLY A 237 -7.22 -4.14 -23.13
CA GLY A 237 -8.26 -3.38 -23.78
C GLY A 237 -9.44 -4.31 -23.98
N SER A 238 -10.57 -3.73 -24.35
CA SER A 238 -11.71 -4.52 -24.77
C SER A 238 -12.25 -3.67 -25.92
N ASP A 239 -11.47 -3.60 -27.00
CA ASP A 239 -11.77 -2.64 -28.07
C ASP A 239 -13.10 -2.90 -28.76
N PRO A 240 -13.91 -1.84 -28.92
CA PRO A 240 -15.16 -1.93 -29.68
C PRO A 240 -14.84 -1.85 -31.17
N PHE A 241 -15.62 -2.57 -31.98
CA PHE A 241 -15.46 -2.58 -33.43
C PHE A 241 -16.90 -2.37 -33.91
N ILE A 242 -17.17 -1.15 -34.35
CA ILE A 242 -18.53 -0.70 -34.69
C ILE A 242 -18.77 -0.86 -36.18
N VAL A 243 -19.87 -1.52 -36.53
CA VAL A 243 -20.24 -1.68 -37.94
C VAL A 243 -21.64 -1.10 -38.15
N LEU A 244 -21.75 -0.04 -38.96
CA LEU A 244 -23.04 0.59 -39.24
C LEU A 244 -23.67 0.03 -40.52
N ASN A 245 -24.97 0.28 -40.72
CA ASN A 245 -25.73 -0.32 -41.84
C ASN A 245 -25.12 -0.04 -43.20
N ASP A 246 -24.47 1.11 -43.35
CA ASP A 246 -23.90 1.52 -44.64
C ASP A 246 -22.43 1.13 -44.84
N ALA A 247 -21.89 0.26 -44.00
CA ALA A 247 -20.50 -0.18 -44.14
C ALA A 247 -20.26 -1.01 -45.42
N ASP A 248 -19.01 -1.08 -45.87
CA ASP A 248 -18.63 -2.11 -46.84
C ASP A 248 -18.56 -3.37 -45.96
N LEU A 249 -19.61 -4.19 -46.07
CA LEU A 249 -19.77 -5.35 -45.20
C LEU A 249 -18.63 -6.35 -45.28
N GLU A 250 -18.21 -6.72 -46.50
CA GLU A 250 -17.18 -7.72 -46.61
C GLU A 250 -15.84 -7.23 -46.03
N LEU A 251 -15.50 -5.97 -46.29
CA LEU A 251 -14.25 -5.42 -45.75
C LEU A 251 -14.34 -5.38 -44.21
N ALA A 252 -15.50 -4.97 -43.69
CA ALA A 252 -15.70 -4.94 -42.23
C ALA A 252 -15.47 -6.33 -41.65
N VAL A 253 -16.01 -7.36 -42.30
CA VAL A 253 -15.84 -8.73 -41.81
C VAL A 253 -14.38 -9.16 -41.86
N LYS A 254 -13.68 -8.85 -42.94
CA LYS A 254 -12.28 -9.26 -43.04
C LYS A 254 -11.46 -8.58 -41.92
N ALA A 255 -11.71 -7.30 -41.71
CA ALA A 255 -10.97 -6.55 -40.68
C ALA A 255 -11.35 -7.08 -39.28
N ALA A 256 -12.63 -7.43 -39.11
CA ALA A 256 -13.13 -7.95 -37.81
C ALA A 256 -12.43 -9.25 -37.47
N VAL A 257 -12.36 -10.17 -38.44
CA VAL A 257 -11.75 -11.48 -38.22
C VAL A 257 -10.25 -11.36 -37.92
N ALA A 258 -9.54 -10.56 -38.70
CA ALA A 258 -8.12 -10.32 -38.44
C ALA A 258 -7.90 -9.65 -37.07
N GLY A 259 -8.73 -8.66 -36.75
CA GLY A 259 -8.62 -7.91 -35.50
C GLY A 259 -8.84 -8.81 -34.27
N ARG A 260 -9.82 -9.70 -34.34
CA ARG A 260 -10.08 -10.58 -33.20
C ARG A 260 -9.09 -11.71 -33.07
N TYR A 261 -8.75 -12.35 -34.20
CA TYR A 261 -8.03 -13.63 -34.13
C TYR A 261 -6.51 -13.61 -34.33
N GLN A 262 -5.94 -12.45 -34.66
CA GLN A 262 -4.46 -12.34 -34.74
C GLN A 262 -3.85 -12.79 -33.39
N ASN A 263 -2.69 -13.46 -33.44
CA ASN A 263 -2.00 -13.99 -32.26
C ASN A 263 -2.97 -14.79 -31.37
N THR A 264 -3.82 -15.60 -32.01
CA THR A 264 -4.78 -16.44 -31.33
C THR A 264 -5.60 -15.59 -30.32
N GLY A 265 -5.90 -14.35 -30.73
CA GLY A 265 -6.68 -13.39 -29.93
C GLY A 265 -5.95 -12.72 -28.75
N GLN A 266 -4.68 -13.04 -28.57
CA GLN A 266 -3.92 -12.56 -27.40
C GLN A 266 -3.26 -11.22 -27.68
N VAL A 267 -4.08 -10.20 -27.90
CA VAL A 267 -3.57 -8.88 -28.25
C VAL A 267 -4.35 -7.86 -27.43
N CYS A 268 -3.65 -6.94 -26.76
CA CYS A 268 -4.35 -5.95 -25.90
C CYS A 268 -5.28 -5.09 -26.74
N ALA A 269 -4.83 -4.73 -27.95
CA ALA A 269 -5.67 -3.95 -28.85
C ALA A 269 -6.41 -4.79 -29.89
N ALA A 270 -6.70 -6.06 -29.59
CA ALA A 270 -7.57 -6.85 -30.45
C ALA A 270 -8.97 -6.23 -30.54
N ALA A 271 -9.66 -6.45 -31.64
CA ALA A 271 -11.10 -6.12 -31.72
C ALA A 271 -11.79 -7.18 -30.85
N LYS A 272 -12.45 -6.78 -29.77
CA LYS A 272 -13.06 -7.74 -28.85
C LYS A 272 -14.59 -7.65 -28.72
N ARG A 273 -15.14 -6.46 -28.91
CA ARG A 273 -16.59 -6.23 -28.78
C ARG A 273 -17.13 -5.74 -30.10
N PHE A 274 -17.81 -6.60 -30.85
CA PHE A 274 -18.37 -6.19 -32.13
C PHE A 274 -19.76 -5.62 -31.87
N ILE A 275 -19.95 -4.36 -32.25
CA ILE A 275 -21.17 -3.61 -31.99
C ILE A 275 -21.73 -3.31 -33.36
N VAL A 276 -22.82 -3.96 -33.71
N VAL A 276 -22.80 -3.99 -33.71
CA VAL A 276 -23.29 -3.91 -35.09
CA VAL A 276 -23.32 -3.94 -35.07
C VAL A 276 -24.73 -3.42 -35.17
C VAL A 276 -24.74 -3.40 -35.14
N GLU A 277 -24.96 -2.45 -36.04
CA GLU A 277 -26.26 -1.82 -36.23
C GLU A 277 -27.28 -2.88 -36.67
N GLU A 278 -28.49 -2.78 -36.12
CA GLU A 278 -29.53 -3.78 -36.31
C GLU A 278 -29.77 -4.24 -37.75
N GLY A 279 -29.75 -3.30 -38.70
CA GLY A 279 -30.01 -3.61 -40.11
C GLY A 279 -29.02 -4.59 -40.75
N ILE A 280 -27.77 -4.49 -40.35
CA ILE A 280 -26.71 -5.30 -40.93
C ILE A 280 -26.24 -6.44 -39.99
N ALA A 281 -26.78 -6.46 -38.76
CA ALA A 281 -26.31 -7.41 -37.74
C ALA A 281 -26.33 -8.84 -38.17
N GLN A 282 -27.43 -9.31 -38.77
CA GLN A 282 -27.49 -10.73 -39.09
C GLN A 282 -26.50 -11.10 -40.22
N ALA A 283 -26.40 -10.25 -41.22
CA ALA A 283 -25.48 -10.48 -42.35
C ALA A 283 -24.02 -10.48 -41.87
N PHE A 284 -23.68 -9.53 -41.01
CA PHE A 284 -22.33 -9.49 -40.42
C PHE A 284 -22.03 -10.76 -39.63
N THR A 285 -22.97 -11.16 -38.76
CA THR A 285 -22.79 -12.32 -37.91
C THR A 285 -22.59 -13.61 -38.72
N ASP A 286 -23.45 -13.81 -39.72
CA ASP A 286 -23.35 -14.99 -40.59
C ASP A 286 -21.98 -15.07 -41.25
N ARG A 287 -21.51 -13.94 -41.78
CA ARG A 287 -20.23 -13.90 -42.51
C ARG A 287 -19.03 -14.02 -41.57
N PHE A 288 -19.12 -13.35 -40.43
CA PHE A 288 -18.08 -13.46 -39.42
C PHE A 288 -17.91 -14.89 -38.92
N VAL A 289 -19.03 -15.54 -38.56
CA VAL A 289 -18.98 -16.91 -38.07
C VAL A 289 -18.37 -17.83 -39.13
N ALA A 290 -18.80 -17.69 -40.39
CA ALA A 290 -18.27 -18.56 -41.45
C ALA A 290 -16.75 -18.40 -41.62
N ALA A 291 -16.27 -17.16 -41.63
CA ALA A 291 -14.82 -16.92 -41.76
C ALA A 291 -14.04 -17.45 -40.54
N ALA A 292 -14.58 -17.25 -39.34
CA ALA A 292 -13.91 -17.75 -38.12
C ALA A 292 -13.87 -19.29 -38.10
N ALA A 293 -14.92 -19.93 -38.61
CA ALA A 293 -15.02 -21.37 -38.63
C ALA A 293 -14.02 -21.92 -39.64
N ALA A 294 -13.69 -21.13 -40.67
CA ALA A 294 -12.73 -21.58 -41.70
C ALA A 294 -11.24 -21.41 -41.29
N LEU A 295 -10.99 -20.64 -40.26
CA LEU A 295 -9.63 -20.46 -39.74
C LEU A 295 -9.05 -21.84 -39.35
N LYS A 296 -7.80 -22.08 -39.71
CA LYS A 296 -7.14 -23.35 -39.42
C LYS A 296 -6.39 -23.26 -38.09
N MSE A 297 -6.56 -24.24 -37.23
CA MSE A 297 -5.88 -24.24 -35.93
C MSE A 297 -5.07 -25.49 -35.79
O MSE A 297 -5.53 -26.58 -36.14
CB MSE A 297 -6.91 -24.15 -34.80
CG MSE A 297 -6.27 -24.23 -33.44
SE MSE A 297 -7.65 -24.08 -32.05
CE MSE A 297 -8.05 -22.19 -32.28
N GLY A 298 -3.85 -25.37 -35.24
CA GLY A 298 -3.01 -26.53 -35.03
C GLY A 298 -1.55 -26.18 -34.85
N ASP A 299 -0.66 -27.14 -35.12
CA ASP A 299 0.77 -27.00 -34.90
C ASP A 299 1.25 -25.65 -35.42
N PRO A 300 1.76 -24.76 -34.53
CA PRO A 300 2.14 -23.42 -35.01
C PRO A 300 3.42 -23.42 -35.88
N LEU A 301 4.10 -24.56 -35.95
CA LEU A 301 5.23 -24.72 -36.86
C LEU A 301 4.85 -24.89 -38.31
N VAL A 302 3.55 -25.06 -38.58
CA VAL A 302 2.98 -25.26 -39.92
C VAL A 302 2.43 -23.90 -40.36
N GLU A 303 3.08 -23.36 -41.41
N GLU A 303 3.08 -23.29 -41.35
CA GLU A 303 2.91 -21.99 -41.90
CA GLU A 303 2.77 -21.89 -41.72
C GLU A 303 1.48 -21.57 -42.26
C GLU A 303 1.32 -21.58 -42.02
N GLU A 304 0.64 -22.54 -42.63
CA GLU A 304 -0.75 -22.32 -43.01
C GLU A 304 -1.79 -22.36 -41.87
N ASN A 305 -1.38 -22.74 -40.66
CA ASN A 305 -2.31 -22.66 -39.55
C ASN A 305 -2.41 -21.18 -39.12
N ASP A 306 -3.64 -20.72 -38.97
CA ASP A 306 -3.90 -19.32 -38.61
C ASP A 306 -3.91 -19.09 -37.10
N LEU A 307 -4.24 -20.16 -36.37
CA LEU A 307 -4.42 -20.10 -34.92
C LEU A 307 -3.51 -21.15 -34.28
N GLY A 308 -2.82 -20.77 -33.21
CA GLY A 308 -1.96 -21.69 -32.51
C GLY A 308 -2.65 -22.10 -31.22
N PRO A 309 -1.91 -22.78 -30.33
CA PRO A 309 -2.48 -22.97 -28.99
C PRO A 309 -2.36 -21.64 -28.24
N MSE A 310 -3.11 -21.45 -27.16
CA MSE A 310 -2.89 -20.27 -26.32
C MSE A 310 -1.61 -20.45 -25.55
O MSE A 310 -1.14 -21.56 -25.37
CB MSE A 310 -4.09 -20.04 -25.41
CG MSE A 310 -5.33 -19.71 -26.20
SE MSE A 310 -6.90 -19.53 -25.01
CE MSE A 310 -6.33 -18.06 -23.83
N ALA A 311 -1.01 -19.35 -25.08
CA ALA A 311 0.31 -19.43 -24.48
C ALA A 311 0.36 -20.11 -23.11
N ARG A 312 -0.66 -19.90 -22.29
CA ARG A 312 -0.66 -20.38 -20.90
C ARG A 312 -1.88 -21.23 -20.58
N PHE A 313 -1.64 -22.38 -19.94
CA PHE A 313 -2.74 -23.30 -19.63
C PHE A 313 -3.75 -22.67 -18.69
N ASP A 314 -3.27 -21.98 -17.66
CA ASP A 314 -4.18 -21.29 -16.73
C ASP A 314 -5.04 -20.22 -17.42
N LEU A 315 -4.46 -19.57 -18.42
CA LEU A 315 -5.18 -18.53 -19.12
C LEU A 315 -6.28 -19.12 -20.03
N ARG A 316 -6.04 -20.29 -20.60
CA ARG A 316 -7.08 -20.98 -21.33
C ARG A 316 -8.22 -21.33 -20.37
N ASP A 317 -7.89 -21.80 -19.17
CA ASP A 317 -8.94 -22.15 -18.16
C ASP A 317 -9.78 -20.93 -17.76
N GLU A 318 -9.12 -19.79 -17.57
CA GLU A 318 -9.80 -18.54 -17.25
C GLU A 318 -10.73 -18.11 -18.38
N LEU A 319 -10.21 -18.15 -19.63
CA LEU A 319 -11.03 -17.77 -20.78
C LEU A 319 -12.25 -18.71 -20.89
N HIS A 320 -12.04 -20.00 -20.73
CA HIS A 320 -13.19 -20.93 -20.79
C HIS A 320 -14.25 -20.54 -19.74
N GLN A 321 -13.80 -20.17 -18.55
CA GLN A 321 -14.75 -19.74 -17.49
C GLN A 321 -15.49 -18.50 -17.89
N GLN A 322 -14.81 -17.57 -18.59
CA GLN A 322 -15.50 -16.38 -19.07
C GLN A 322 -16.58 -16.73 -20.09
N VAL A 323 -16.28 -17.66 -20.99
CA VAL A 323 -17.28 -18.14 -21.95
C VAL A 323 -18.44 -18.82 -21.19
N GLN A 324 -18.11 -19.70 -20.26
CA GLN A 324 -19.14 -20.38 -19.45
C GLN A 324 -20.08 -19.39 -18.74
N ALA A 325 -19.49 -18.40 -18.08
CA ALA A 325 -20.25 -17.35 -17.41
C ALA A 325 -21.15 -16.59 -18.39
N SER A 326 -20.62 -16.25 -19.56
CA SER A 326 -21.39 -15.51 -20.54
C SER A 326 -22.59 -16.30 -21.03
N VAL A 327 -22.39 -17.59 -21.32
CA VAL A 327 -23.50 -18.48 -21.75
C VAL A 327 -24.52 -18.58 -20.58
N ALA A 328 -24.02 -18.77 -19.37
CA ALA A 328 -24.93 -18.86 -18.20
C ALA A 328 -25.78 -17.58 -18.06
N GLU A 329 -25.21 -16.43 -18.42
CA GLU A 329 -25.91 -15.13 -18.35
C GLU A 329 -26.87 -14.89 -19.52
N GLY A 330 -26.81 -15.74 -20.55
CA GLY A 330 -27.75 -15.60 -21.67
C GLY A 330 -27.13 -15.41 -23.04
N ALA A 331 -25.80 -15.40 -23.13
CA ALA A 331 -25.16 -15.24 -24.47
C ALA A 331 -25.46 -16.47 -25.34
N ARG A 332 -25.52 -16.28 -26.65
CA ARG A 332 -25.73 -17.35 -27.61
C ARG A 332 -24.41 -17.85 -28.20
N LEU A 333 -24.09 -19.12 -27.97
CA LEU A 333 -22.86 -19.66 -28.50
C LEU A 333 -23.08 -20.07 -29.97
N LEU A 334 -22.43 -19.34 -30.89
CA LEU A 334 -22.57 -19.66 -32.32
C LEU A 334 -21.46 -20.53 -32.89
N LEU A 335 -20.34 -20.59 -32.17
CA LEU A 335 -19.18 -21.36 -32.63
C LEU A 335 -18.23 -21.58 -31.48
N GLY A 336 -17.61 -22.75 -31.46
CA GLY A 336 -16.54 -23.07 -30.50
C GLY A 336 -16.99 -23.16 -29.06
N GLY A 337 -16.28 -22.47 -28.16
CA GLY A 337 -16.61 -22.49 -26.73
C GLY A 337 -16.17 -23.77 -26.00
N GLU A 338 -15.13 -24.44 -26.54
N GLU A 338 -15.12 -24.42 -26.54
CA GLU A 338 -14.61 -25.66 -25.94
CA GLU A 338 -14.58 -25.65 -25.96
C GLU A 338 -13.07 -25.71 -25.98
C GLU A 338 -13.05 -25.69 -25.98
N LYS A 339 -12.48 -26.33 -24.96
CA LYS A 339 -11.04 -26.62 -24.95
C LYS A 339 -10.90 -27.83 -25.89
N ILE A 340 -9.82 -27.89 -26.65
CA ILE A 340 -9.59 -29.00 -27.54
C ILE A 340 -8.86 -30.10 -26.77
N ALA A 341 -9.36 -31.33 -26.87
CA ALA A 341 -8.74 -32.48 -26.22
C ALA A 341 -7.32 -32.70 -26.72
N GLY A 342 -6.41 -33.04 -25.82
CA GLY A 342 -5.02 -33.27 -26.23
C GLY A 342 -4.06 -32.67 -25.24
N GLU A 343 -2.76 -32.84 -25.48
CA GLU A 343 -1.80 -32.34 -24.49
C GLU A 343 -1.39 -30.88 -24.73
N GLY A 344 -1.78 -30.34 -25.86
CA GLY A 344 -1.52 -28.92 -26.17
C GLY A 344 -2.53 -28.04 -25.47
N ASN A 345 -2.40 -26.74 -25.67
CA ASN A 345 -3.26 -25.78 -25.01
C ASN A 345 -4.18 -25.06 -26.01
N TYR A 346 -4.91 -25.82 -26.82
CA TYR A 346 -5.74 -25.21 -27.84
C TYR A 346 -7.16 -24.93 -27.35
N TYR A 347 -7.72 -23.81 -27.79
CA TYR A 347 -9.10 -23.44 -27.48
C TYR A 347 -9.76 -23.13 -28.82
N ALA A 348 -10.94 -23.68 -29.07
CA ALA A 348 -11.64 -23.45 -30.33
C ALA A 348 -11.91 -21.98 -30.61
N ALA A 349 -11.77 -21.60 -31.90
CA ALA A 349 -12.24 -20.26 -32.29
C ALA A 349 -13.73 -20.18 -31.91
N THR A 350 -14.08 -19.11 -31.20
CA THR A 350 -15.39 -19.00 -30.56
C THR A 350 -16.12 -17.71 -30.94
N VAL A 351 -17.44 -17.80 -31.10
CA VAL A 351 -18.25 -16.60 -31.28
C VAL A 351 -19.47 -16.65 -30.34
N LEU A 352 -19.68 -15.56 -29.59
CA LEU A 352 -20.83 -15.36 -28.70
C LEU A 352 -21.64 -14.22 -29.27
N ALA A 353 -22.95 -14.43 -29.39
CA ALA A 353 -23.85 -13.39 -29.90
C ALA A 353 -24.92 -13.10 -28.85
N ASP A 354 -25.79 -12.13 -29.15
CA ASP A 354 -26.83 -11.66 -28.21
C ASP A 354 -26.18 -11.20 -26.90
N VAL A 355 -24.97 -10.66 -27.00
CA VAL A 355 -24.23 -10.18 -25.85
C VAL A 355 -24.78 -8.82 -25.43
N THR A 356 -25.16 -8.69 -24.16
CA THR A 356 -25.66 -7.41 -23.66
C THR A 356 -24.63 -6.83 -22.67
N PRO A 357 -24.73 -5.50 -22.37
CA PRO A 357 -23.71 -4.82 -21.55
C PRO A 357 -23.45 -5.36 -20.12
N ASP A 358 -24.41 -6.10 -19.58
N ASP A 358 -24.38 -6.09 -19.53
CA ASP A 358 -24.31 -6.71 -18.25
CA ASP A 358 -24.14 -6.63 -18.20
C ASP A 358 -23.50 -8.00 -18.22
C ASP A 358 -23.25 -7.88 -18.23
N MSE A 359 -23.13 -8.49 -19.40
CA MSE A 359 -22.45 -9.79 -19.49
C MSE A 359 -20.92 -9.79 -19.39
O MSE A 359 -20.29 -8.81 -19.75
CB MSE A 359 -22.88 -10.52 -20.75
CG MSE A 359 -24.36 -10.83 -20.73
SE MSE A 359 -24.78 -11.79 -22.35
CE MSE A 359 -26.70 -11.92 -22.15
N THR A 360 -20.37 -10.89 -18.89
CA THR A 360 -18.94 -11.11 -18.74
C THR A 360 -18.20 -10.79 -20.06
N ALA A 361 -18.71 -11.32 -21.17
CA ALA A 361 -18.08 -11.13 -22.49
C ALA A 361 -18.03 -9.66 -22.95
N PHE A 362 -18.87 -8.80 -22.33
CA PHE A 362 -18.89 -7.35 -22.64
C PHE A 362 -18.06 -6.54 -21.63
N ARG A 363 -18.03 -6.99 -20.38
CA ARG A 363 -17.39 -6.22 -19.31
C ARG A 363 -15.92 -6.54 -19.03
N GLN A 364 -15.50 -7.77 -19.33
CA GLN A 364 -14.11 -8.17 -19.06
C GLN A 364 -13.31 -8.30 -20.36
N GLU A 365 -11.98 -8.27 -20.25
CA GLU A 365 -11.13 -8.49 -21.42
C GLU A 365 -11.06 -9.99 -21.72
N LEU A 366 -11.48 -10.37 -22.93
CA LEU A 366 -11.40 -11.76 -23.36
C LEU A 366 -10.12 -11.92 -24.14
N PHE A 367 -9.08 -12.43 -23.47
CA PHE A 367 -7.72 -12.45 -24.04
C PHE A 367 -7.42 -13.78 -24.72
N GLY A 368 -8.16 -14.07 -25.78
CA GLY A 368 -8.06 -15.34 -26.50
C GLY A 368 -9.06 -15.29 -27.65
N PRO A 369 -9.23 -16.41 -28.37
CA PRO A 369 -10.04 -16.37 -29.61
C PRO A 369 -11.57 -16.45 -29.42
N VAL A 370 -12.12 -15.45 -28.75
CA VAL A 370 -13.56 -15.40 -28.45
C VAL A 370 -14.12 -14.04 -28.86
N ALA A 371 -14.93 -14.00 -29.91
CA ALA A 371 -15.59 -12.74 -30.30
C ALA A 371 -16.94 -12.58 -29.59
N ALA A 372 -17.24 -11.36 -29.17
CA ALA A 372 -18.55 -11.03 -28.60
C ALA A 372 -19.30 -10.11 -29.56
N ILE A 373 -20.54 -10.46 -29.94
CA ILE A 373 -21.30 -9.62 -30.86
C ILE A 373 -22.55 -9.07 -30.16
N THR A 374 -22.72 -7.74 -30.22
CA THR A 374 -23.81 -6.99 -29.56
C THR A 374 -24.51 -6.17 -30.64
N VAL A 375 -25.84 -6.21 -30.67
CA VAL A 375 -26.62 -5.43 -31.65
C VAL A 375 -26.92 -4.01 -31.14
N ALA A 376 -26.67 -3.01 -31.97
CA ALA A 376 -26.96 -1.61 -31.62
C ALA A 376 -28.19 -1.11 -32.39
N LYS A 377 -29.03 -0.34 -31.72
N LYS A 377 -29.01 -0.31 -31.71
CA LYS A 377 -30.25 0.17 -32.36
CA LYS A 377 -30.24 0.23 -32.30
C LYS A 377 -29.92 1.11 -33.53
C LYS A 377 -29.95 1.13 -33.49
N ASP A 378 -28.94 1.98 -33.32
CA ASP A 378 -28.55 3.00 -34.30
C ASP A 378 -27.14 3.46 -33.92
N ALA A 379 -26.58 4.41 -34.66
CA ALA A 379 -25.22 4.90 -34.38
C ALA A 379 -25.03 5.51 -32.98
N ALA A 380 -26.05 6.20 -32.47
CA ALA A 380 -25.95 6.78 -31.11
C ALA A 380 -25.83 5.66 -30.06
N HIS A 381 -26.63 4.60 -30.21
CA HIS A 381 -26.58 3.44 -29.31
C HIS A 381 -25.20 2.79 -29.44
N ALA A 382 -24.71 2.66 -30.68
CA ALA A 382 -23.40 2.04 -30.94
C ALA A 382 -22.28 2.78 -30.17
N LEU A 383 -22.30 4.10 -30.24
CA LEU A 383 -21.32 4.91 -29.52
C LEU A 383 -21.41 4.72 -28.01
N ALA A 384 -22.63 4.72 -27.48
CA ALA A 384 -22.86 4.54 -26.04
C ALA A 384 -22.36 3.16 -25.59
N LEU A 385 -22.67 2.11 -26.37
CA LEU A 385 -22.17 0.78 -26.09
C LEU A 385 -20.63 0.72 -26.13
N ALA A 386 -20.04 1.35 -27.14
CA ALA A 386 -18.57 1.38 -27.25
C ALA A 386 -17.92 1.99 -25.99
N ASN A 387 -18.47 3.09 -25.50
CA ASN A 387 -17.89 3.77 -24.35
C ASN A 387 -18.26 3.16 -23.00
N ASP A 388 -19.17 2.20 -23.00
CA ASP A 388 -19.60 1.54 -21.76
C ASP A 388 -18.66 0.41 -21.41
N SER A 389 -17.46 0.79 -20.98
CA SER A 389 -16.38 -0.13 -20.74
C SER A 389 -15.42 0.55 -19.79
N GLU A 390 -14.76 -0.24 -18.96
CA GLU A 390 -13.74 0.36 -18.10
C GLU A 390 -12.39 0.44 -18.80
N PHE A 391 -12.32 -0.08 -20.03
CA PHE A 391 -11.10 -0.01 -20.85
C PHE A 391 -11.22 1.06 -21.91
N GLY A 392 -10.11 1.41 -22.55
CA GLY A 392 -10.14 2.46 -23.55
C GLY A 392 -8.86 2.53 -24.35
N LEU A 393 -8.54 1.43 -25.02
CA LEU A 393 -7.28 1.40 -25.78
C LEU A 393 -7.43 1.89 -27.24
N SER A 394 -8.14 1.13 -28.06
CA SER A 394 -8.36 1.48 -29.47
C SER A 394 -9.79 1.13 -29.87
N ALA A 395 -10.18 1.51 -31.07
CA ALA A 395 -11.53 1.25 -31.54
C ALA A 395 -11.54 1.29 -33.06
N THR A 396 -12.55 0.68 -33.66
CA THR A 396 -12.71 0.68 -35.12
C THR A 396 -14.14 1.07 -35.42
N ILE A 397 -14.36 1.83 -36.49
CA ILE A 397 -15.71 2.19 -36.96
C ILE A 397 -15.73 1.93 -38.46
N PHE A 398 -16.73 1.17 -38.92
CA PHE A 398 -16.95 0.94 -40.34
C PHE A 398 -18.27 1.58 -40.73
N THR A 399 -18.21 2.54 -41.64
CA THR A 399 -19.37 3.23 -42.16
C THR A 399 -18.97 4.04 -43.39
N ALA A 400 -19.89 4.18 -44.33
CA ALA A 400 -19.65 5.00 -45.53
C ALA A 400 -19.76 6.48 -45.20
N ASP A 401 -20.37 6.81 -44.06
CA ASP A 401 -20.59 8.22 -43.68
C ASP A 401 -19.35 8.84 -43.03
N ASP A 402 -18.55 9.52 -43.84
CA ASP A 402 -17.22 10.01 -43.42
C ASP A 402 -17.26 11.06 -42.33
N THR A 403 -18.27 11.93 -42.41
CA THR A 403 -18.49 12.99 -41.44
C THR A 403 -18.88 12.39 -40.11
N LEU A 404 -19.82 11.44 -40.14
CA LEU A 404 -20.27 10.77 -38.93
C LEU A 404 -19.11 10.02 -38.25
N ALA A 405 -18.30 9.33 -39.04
CA ALA A 405 -17.15 8.58 -38.49
C ALA A 405 -16.20 9.50 -37.75
N ALA A 406 -15.93 10.67 -38.33
CA ALA A 406 -15.03 11.64 -37.70
C ALA A 406 -15.63 12.19 -36.39
N GLU A 407 -16.93 12.45 -36.40
N GLU A 407 -16.93 12.44 -36.42
CA GLU A 407 -17.64 12.92 -35.22
CA GLU A 407 -17.68 12.89 -35.25
C GLU A 407 -17.62 11.84 -34.13
C GLU A 407 -17.62 11.84 -34.15
N MSE A 408 -17.83 10.58 -34.53
CA MSE A 408 -17.79 9.47 -33.57
C MSE A 408 -16.39 9.27 -33.00
O MSE A 408 -16.25 9.01 -31.81
CB MSE A 408 -18.31 8.19 -34.19
CG MSE A 408 -19.80 8.24 -34.43
SE MSE A 408 -20.48 6.70 -35.41
CE MSE A 408 -20.44 5.36 -33.96
N ALA A 409 -15.37 9.38 -33.84
CA ALA A 409 -14.00 9.28 -33.36
C ALA A 409 -13.73 10.25 -32.21
N ALA A 410 -14.22 11.49 -32.34
CA ALA A 410 -13.97 12.52 -31.35
C ALA A 410 -14.64 12.23 -30.01
N ARG A 411 -15.72 11.46 -30.07
CA ARG A 411 -16.51 11.08 -28.88
C ARG A 411 -16.16 9.69 -28.32
N LEU A 412 -15.31 8.93 -29.00
CA LEU A 412 -14.87 7.64 -28.47
C LEU A 412 -13.80 7.84 -27.40
N GLU A 413 -13.99 7.21 -26.26
CA GLU A 413 -13.06 7.32 -25.12
C GLU A 413 -11.94 6.27 -25.22
N CYS A 414 -11.04 6.50 -26.16
CA CYS A 414 -9.93 5.58 -26.38
C CYS A 414 -8.80 6.35 -27.06
N GLY A 415 -7.62 5.72 -27.12
CA GLY A 415 -6.43 6.40 -27.61
C GLY A 415 -6.15 6.21 -29.09
N GLY A 416 -6.98 5.41 -29.76
CA GLY A 416 -6.75 5.18 -31.21
C GLY A 416 -8.08 4.80 -31.85
N VAL A 417 -8.37 5.39 -33.00
CA VAL A 417 -9.62 5.10 -33.71
C VAL A 417 -9.29 4.85 -35.19
N PHE A 418 -9.66 3.67 -35.66
CA PHE A 418 -9.45 3.27 -37.05
C PHE A 418 -10.75 3.30 -37.79
N ILE A 419 -10.80 4.12 -38.84
CA ILE A 419 -12.00 4.25 -39.65
C ILE A 419 -11.86 3.46 -40.93
N ASN A 420 -12.78 2.51 -41.15
CA ASN A 420 -12.80 1.71 -42.41
C ASN A 420 -11.44 1.08 -42.71
N GLY A 421 -10.82 0.50 -41.68
CA GLY A 421 -9.53 -0.14 -41.84
C GLY A 421 -9.18 -1.06 -40.69
N TYR A 422 -7.93 -1.51 -40.70
CA TYR A 422 -7.42 -2.51 -39.79
C TYR A 422 -6.58 -1.83 -38.72
N SER A 423 -6.96 -1.97 -37.45
CA SER A 423 -6.16 -1.36 -36.38
C SER A 423 -4.81 -2.07 -36.22
N ALA A 424 -3.78 -1.31 -35.87
CA ALA A 424 -2.45 -1.88 -35.60
C ALA A 424 -1.63 -0.82 -34.90
N SER A 425 -0.52 -1.23 -34.28
CA SER A 425 0.45 -0.27 -33.77
C SER A 425 1.43 0.03 -34.92
N ASP A 426 1.97 1.23 -34.95
CA ASP A 426 2.85 1.68 -36.04
C ASP A 426 3.74 2.77 -35.49
N ALA A 427 5.03 2.69 -35.78
CA ALA A 427 6.00 3.69 -35.28
C ALA A 427 5.58 5.16 -35.51
N ARG A 428 4.84 5.41 -36.59
CA ARG A 428 4.50 6.78 -37.00
C ARG A 428 3.37 7.42 -36.21
N VAL A 429 2.66 6.64 -35.39
CA VAL A 429 1.51 7.20 -34.67
C VAL A 429 1.52 6.80 -33.17
N ALA A 430 0.82 7.56 -32.35
CA ALA A 430 0.75 7.28 -30.90
C ALA A 430 0.01 5.97 -30.61
N PHE A 431 0.46 5.28 -29.57
CA PHE A 431 -0.19 4.06 -29.11
C PHE A 431 -0.40 4.13 -27.60
N GLY A 432 -1.61 3.84 -27.13
CA GLY A 432 -1.87 3.81 -25.69
C GLY A 432 -3.29 4.26 -25.45
N GLY A 433 -3.80 4.00 -24.26
CA GLY A 433 -5.20 4.31 -24.01
C GLY A 433 -5.54 5.16 -22.78
N VAL A 434 -6.79 4.99 -22.35
CA VAL A 434 -7.36 5.76 -21.22
C VAL A 434 -8.05 4.80 -20.27
N LYS A 435 -8.60 5.33 -19.17
CA LYS A 435 -9.29 4.46 -18.22
C LYS A 435 -8.40 3.33 -17.73
N LYS A 436 -8.93 2.11 -17.59
CA LYS A 436 -8.10 1.02 -17.07
C LYS A 436 -7.10 0.42 -18.07
N SER A 437 -7.11 0.91 -19.31
CA SER A 437 -6.05 0.53 -20.25
C SER A 437 -4.72 1.19 -19.88
N GLY A 438 -4.74 2.12 -18.92
CA GLY A 438 -3.50 2.76 -18.43
C GLY A 438 -3.39 4.24 -18.75
N PHE A 439 -2.17 4.70 -19.02
CA PHE A 439 -1.89 6.09 -19.38
C PHE A 439 -0.50 6.16 -19.97
N GLY A 440 -0.18 7.31 -20.60
CA GLY A 440 1.12 7.44 -21.26
C GLY A 440 1.00 6.95 -22.71
N ARG A 441 1.94 7.33 -23.55
CA ARG A 441 1.87 6.94 -24.96
C ARG A 441 3.20 6.36 -25.42
N GLU A 442 3.13 5.41 -26.35
CA GLU A 442 4.32 4.87 -26.97
C GLU A 442 4.35 5.26 -28.43
N LEU A 443 5.53 5.11 -29.02
CA LEU A 443 5.79 5.29 -30.47
C LEU A 443 5.73 6.76 -30.91
N SER A 444 6.02 7.00 -32.18
CA SER A 444 6.18 8.38 -32.67
C SER A 444 7.10 9.17 -31.69
N HIS A 445 6.88 10.48 -31.55
CA HIS A 445 7.72 11.28 -30.62
C HIS A 445 7.29 11.12 -29.17
N PHE A 446 6.13 10.51 -28.95
CA PHE A 446 5.57 10.32 -27.61
C PHE A 446 6.38 9.33 -26.84
N GLY A 447 6.63 8.16 -27.45
CA GLY A 447 7.43 7.14 -26.77
C GLY A 447 8.83 7.64 -26.49
N LEU A 448 9.32 8.54 -27.33
CA LEU A 448 10.65 9.06 -27.16
C LEU A 448 10.71 10.07 -26.02
N HIS A 449 9.72 10.93 -25.92
CA HIS A 449 9.73 11.98 -24.90
C HIS A 449 9.23 11.57 -23.52
N GLU A 450 8.50 10.44 -23.43
CA GLU A 450 7.97 10.00 -22.13
C GLU A 450 9.09 9.79 -21.13
N PHE A 451 10.26 9.36 -21.62
CA PHE A 451 11.38 9.10 -20.70
C PHE A 451 12.54 10.06 -20.86
N CYS A 452 12.20 11.32 -21.15
CA CYS A 452 13.15 12.40 -21.15
C CYS A 452 12.91 13.32 -19.96
N ASN A 453 14.02 13.92 -19.48
CA ASN A 453 13.99 15.06 -18.59
C ASN A 453 13.88 16.27 -19.51
N VAL A 454 12.68 16.86 -19.59
CA VAL A 454 12.42 18.03 -20.43
C VAL A 454 13.01 19.19 -19.63
N GLN A 455 14.05 19.82 -20.14
CA GLN A 455 14.81 20.73 -19.33
C GLN A 455 14.85 22.12 -19.94
N THR A 456 14.33 23.10 -19.20
CA THR A 456 14.44 24.49 -19.66
C THR A 456 15.86 24.99 -19.41
N VAL A 457 16.47 25.64 -20.40
CA VAL A 457 17.79 26.24 -20.19
C VAL A 457 17.63 27.71 -20.58
N TRP A 458 17.77 28.61 -19.62
CA TRP A 458 17.47 30.02 -19.85
C TRP A 458 18.68 30.86 -19.45
N LYS A 459 19.26 31.59 -20.40
CA LYS A 459 20.42 32.45 -20.12
C LYS A 459 20.04 33.90 -19.88
N ASN A 460 20.76 34.57 -18.98
CA ASN A 460 20.57 36.01 -18.75
C ASN A 460 19.13 36.44 -18.43
N ARG A 461 18.43 35.67 -17.58
CA ARG A 461 17.11 36.09 -17.15
C ARG A 461 17.29 37.16 -16.06
N VAL A 462 17.19 38.42 -16.48
CA VAL A 462 17.45 39.55 -15.60
C VAL A 462 16.50 40.67 -15.97
N THR B 7 10.29 13.36 11.15
CA THR B 7 10.99 13.64 12.44
C THR B 7 12.51 13.69 12.26
N GLN B 8 13.17 14.62 12.96
CA GLN B 8 14.65 14.76 12.92
C GLN B 8 15.31 13.94 14.03
N ALA B 9 16.52 13.41 13.76
CA ALA B 9 17.29 12.65 14.77
C ALA B 9 18.04 13.60 15.72
N LEU B 10 17.27 14.30 16.54
CA LEU B 10 17.81 15.39 17.34
C LEU B 10 17.19 15.42 18.72
N SER B 11 18.03 15.63 19.73
CA SER B 11 17.56 15.82 21.10
C SER B 11 17.70 17.28 21.43
N VAL B 12 16.63 17.87 21.94
CA VAL B 12 16.59 19.26 22.34
C VAL B 12 15.91 19.27 23.72
N ASN B 13 16.49 19.97 24.69
CA ASN B 13 15.84 20.08 26.01
C ASN B 13 14.63 21.02 25.91
N PRO B 14 13.39 20.49 26.12
CA PRO B 14 12.18 21.31 25.94
C PRO B 14 12.02 22.41 26.98
N ALA B 15 12.72 22.30 28.13
CA ALA B 15 12.69 23.34 29.16
C ALA B 15 13.50 24.58 28.74
N THR B 16 14.55 24.36 27.96
CA THR B 16 15.49 25.45 27.61
C THR B 16 15.51 25.79 26.14
N GLY B 17 15.02 24.88 25.32
CA GLY B 17 15.00 25.07 23.85
C GLY B 17 16.35 24.76 23.21
N GLN B 18 17.31 24.32 24.00
CA GLN B 18 18.67 24.13 23.49
C GLN B 18 19.01 22.71 23.09
N THR B 19 19.81 22.61 22.03
CA THR B 19 20.27 21.34 21.50
C THR B 19 21.05 20.53 22.52
N LEU B 20 20.73 19.24 22.59
CA LEU B 20 21.46 18.30 23.45
C LEU B 20 22.43 17.45 22.65
N ALA B 21 21.96 16.91 21.52
CA ALA B 21 22.77 16.03 20.69
C ALA B 21 22.06 15.76 19.38
N ALA B 22 22.83 15.37 18.37
CA ALA B 22 22.28 14.96 17.09
C ALA B 22 22.91 13.59 16.83
N MSE B 23 22.11 12.64 16.34
CA MSE B 23 22.66 11.33 16.06
C MSE B 23 22.27 10.92 14.66
O MSE B 23 21.10 10.91 14.34
CB MSE B 23 22.13 10.31 17.07
CG MSE B 23 22.75 8.95 16.88
SE MSE B 23 21.94 7.71 18.14
CE MSE B 23 23.12 6.19 17.79
N PRO B 24 23.26 10.59 13.82
CA PRO B 24 22.89 10.22 12.45
C PRO B 24 22.06 8.94 12.41
N TRP B 25 21.21 8.83 11.41
CA TRP B 25 20.43 7.59 11.21
C TRP B 25 21.36 6.43 10.92
N ALA B 26 20.99 5.23 11.39
CA ALA B 26 21.75 4.02 11.10
C ALA B 26 21.88 3.81 9.60
N ASN B 27 23.07 3.41 9.14
CA ASN B 27 23.28 3.10 7.74
C ASN B 27 23.01 1.61 7.48
N ALA B 28 23.06 1.22 6.21
CA ALA B 28 22.84 -0.18 5.80
C ALA B 28 23.61 -1.20 6.64
N GLN B 29 24.91 -0.96 6.85
CA GLN B 29 25.74 -1.86 7.63
C GLN B 29 25.25 -2.00 9.07
N GLU B 30 24.81 -0.89 9.64
CA GLU B 30 24.38 -0.85 11.05
C GLU B 30 23.04 -1.59 11.21
N ILE B 31 22.15 -1.41 10.26
CA ILE B 31 20.85 -2.13 10.25
C ILE B 31 21.12 -3.63 10.14
N GLU B 32 21.94 -4.03 9.15
CA GLU B 32 22.32 -5.45 8.99
C GLU B 32 22.95 -6.02 10.25
N HIS B 33 23.81 -5.24 10.91
CA HIS B 33 24.43 -5.68 12.16
C HIS B 33 23.41 -5.91 13.28
N ALA B 34 22.50 -4.95 13.46
CA ALA B 34 21.43 -5.06 14.46
C ALA B 34 20.61 -6.33 14.26
N LEU B 35 20.22 -6.58 13.01
CA LEU B 35 19.43 -7.79 12.66
C LEU B 35 20.20 -9.08 12.87
N SER B 36 21.45 -9.09 12.44
CA SER B 36 22.30 -10.27 12.59
C SER B 36 22.53 -10.59 14.06
N LEU B 37 22.80 -9.56 14.86
CA LEU B 37 23.06 -9.74 16.28
C LEU B 37 21.80 -10.23 17.01
N ALA B 38 20.65 -9.65 16.67
CA ALA B 38 19.38 -10.05 17.27
C ALA B 38 19.07 -11.52 16.97
N ALA B 39 19.30 -11.94 15.72
CA ALA B 39 19.07 -13.34 15.32
C ALA B 39 20.03 -14.32 16.01
N SER B 40 21.32 -14.01 16.07
CA SER B 40 22.25 -14.91 16.74
C SER B 40 21.96 -14.94 18.25
N GLY B 41 21.56 -13.78 18.80
CA GLY B 41 21.18 -13.70 20.21
C GLY B 41 19.98 -14.58 20.50
N PHE B 42 18.96 -14.51 19.65
CA PHE B 42 17.76 -15.32 19.83
C PHE B 42 18.11 -16.82 19.75
N LYS B 43 18.92 -17.20 18.76
CA LYS B 43 19.33 -18.60 18.60
C LYS B 43 19.85 -19.24 19.91
N LYS B 44 20.58 -18.46 20.72
CA LYS B 44 21.08 -18.98 22.01
C LYS B 44 20.06 -18.79 23.14
N TRP B 45 19.39 -17.64 23.12
CA TRP B 45 18.46 -17.27 24.20
C TRP B 45 17.27 -18.23 24.27
N LYS B 46 16.79 -18.67 23.12
CA LYS B 46 15.64 -19.58 23.05
C LYS B 46 15.92 -20.94 23.72
N MSE B 47 17.21 -21.28 23.84
CA MSE B 47 17.65 -22.54 24.44
C MSE B 47 17.89 -22.45 25.94
O MSE B 47 18.15 -23.47 26.59
CB MSE B 47 18.94 -23.02 23.76
CG MSE B 47 18.86 -23.14 22.26
SE MSE B 47 17.44 -24.36 21.69
CE MSE B 47 18.23 -26.06 22.34
N THR B 48 17.82 -21.25 26.51
CA THR B 48 18.04 -21.06 27.96
C THR B 48 16.82 -21.54 28.75
N SER B 49 16.98 -21.80 30.05
CA SER B 49 15.83 -22.18 30.88
C SER B 49 15.06 -20.91 31.25
N VAL B 50 13.79 -21.06 31.61
CA VAL B 50 13.00 -19.91 32.01
C VAL B 50 13.59 -19.33 33.30
N ALA B 51 14.13 -20.22 34.15
CA ALA B 51 14.80 -19.81 35.39
C ALA B 51 15.98 -18.85 35.14
N GLN B 52 16.79 -19.17 34.14
CA GLN B 52 17.93 -18.33 33.76
C GLN B 52 17.45 -16.95 33.26
N ARG B 53 16.38 -16.96 32.47
CA ARG B 53 15.80 -15.72 31.96
C ARG B 53 15.20 -14.87 33.08
N ALA B 54 14.53 -15.52 34.04
CA ALA B 54 13.94 -14.81 35.16
C ALA B 54 15.06 -14.15 36.00
N GLN B 55 16.20 -14.82 36.13
CA GLN B 55 17.34 -14.25 36.85
C GLN B 55 17.87 -13.01 36.14
N THR B 56 17.94 -13.08 34.81
CA THR B 56 18.32 -11.89 34.03
C THR B 56 17.37 -10.72 34.31
N LEU B 57 16.06 -10.99 34.43
CA LEU B 57 15.12 -9.92 34.77
C LEU B 57 15.45 -9.31 36.13
N ARG B 58 15.76 -10.15 37.11
CA ARG B 58 16.16 -9.61 38.42
C ARG B 58 17.40 -8.74 38.29
N ASP B 59 18.37 -9.18 37.48
CA ASP B 59 19.62 -8.43 37.28
C ASP B 59 19.37 -7.07 36.63
N ILE B 60 18.43 -7.02 35.69
CA ILE B 60 18.01 -5.76 35.06
C ILE B 60 17.39 -4.82 36.10
N GLY B 61 16.53 -5.37 36.95
CA GLY B 61 15.92 -4.61 38.04
C GLY B 61 17.01 -3.98 38.91
N GLN B 62 18.00 -4.79 39.27
CA GLN B 62 19.12 -4.31 40.09
C GLN B 62 19.93 -3.22 39.41
N ALA B 63 20.24 -3.42 38.13
CA ALA B 63 21.03 -2.45 37.35
C ALA B 63 20.28 -1.13 37.17
N LEU B 64 18.96 -1.20 36.97
CA LEU B 64 18.15 0.02 36.94
C LEU B 64 18.20 0.78 38.24
N ARG B 65 18.02 0.07 39.35
CA ARG B 65 18.06 0.71 40.66
C ARG B 65 19.42 1.36 40.93
N ALA B 66 20.48 0.68 40.47
CA ALA B 66 21.85 1.17 40.65
C ALA B 66 22.09 2.50 39.90
N HIS B 67 21.31 2.73 38.84
CA HIS B 67 21.44 3.93 38.01
C HIS B 67 20.16 4.77 37.98
N ALA B 68 19.36 4.64 39.03
CA ALA B 68 18.03 5.27 39.07
C ALA B 68 18.03 6.77 38.88
N GLU B 69 18.90 7.50 39.58
CA GLU B 69 18.86 8.97 39.44
C GLU B 69 19.35 9.42 38.07
N GLU B 70 20.42 8.79 37.57
CA GLU B 70 20.95 9.11 36.24
C GLU B 70 19.89 8.88 35.16
N MSE B 71 19.16 7.77 35.28
CA MSE B 71 18.06 7.46 34.34
C MSE B 71 16.94 8.51 34.43
O MSE B 71 16.50 9.05 33.42
CB MSE B 71 17.53 6.04 34.61
CG MSE B 71 16.51 5.48 33.58
SE MSE B 71 17.34 5.01 31.88
CE MSE B 71 16.77 6.53 30.77
N ALA B 72 16.47 8.79 35.65
CA ALA B 72 15.45 9.80 35.83
C ALA B 72 15.88 11.14 35.24
N GLN B 73 17.12 11.55 35.52
CA GLN B 73 17.60 12.84 35.03
C GLN B 73 17.63 12.86 33.50
N CYS B 74 17.98 11.75 32.87
CA CYS B 74 18.02 11.68 31.40
C CYS B 74 16.62 11.84 30.78
N ILE B 75 15.65 11.14 31.37
CA ILE B 75 14.24 11.27 30.94
C ILE B 75 13.76 12.74 31.01
N THR B 76 13.97 13.37 32.15
CA THR B 76 13.57 14.76 32.33
C THR B 76 14.29 15.69 31.34
N ARG B 77 15.59 15.50 31.21
CA ARG B 77 16.38 16.35 30.32
C ARG B 77 15.89 16.32 28.87
N GLU B 78 15.63 15.12 28.34
CA GLU B 78 15.30 14.97 26.92
C GLU B 78 13.84 15.26 26.56
N MSE B 79 12.92 15.01 27.49
CA MSE B 79 11.51 15.20 27.15
C MSE B 79 10.65 15.98 28.13
O MSE B 79 9.45 16.17 27.90
CB MSE B 79 10.87 13.88 26.62
CG MSE B 79 11.03 12.68 27.54
SE MSE B 79 9.98 12.92 29.19
CE MSE B 79 8.10 13.16 28.52
N GLY B 80 11.25 16.50 29.21
CA GLY B 80 10.59 17.51 30.03
C GLY B 80 9.73 17.09 31.20
N LYS B 81 9.68 15.79 31.46
CA LYS B 81 8.82 15.25 32.52
C LYS B 81 9.29 15.74 33.89
N PRO B 82 8.36 16.23 34.74
CA PRO B 82 8.76 16.59 36.11
C PRO B 82 9.61 15.50 36.74
N ILE B 83 10.69 15.89 37.41
CA ILE B 83 11.65 14.93 37.93
C ILE B 83 11.05 13.89 38.88
N LYS B 84 10.08 14.28 39.68
CA LYS B 84 9.45 13.29 40.60
C LYS B 84 8.78 12.17 39.79
N GLN B 85 8.18 12.55 38.66
CA GLN B 85 7.48 11.59 37.80
C GLN B 85 8.45 10.70 37.04
N ALA B 86 9.59 11.27 36.63
CA ALA B 86 10.66 10.48 36.02
C ALA B 86 11.21 9.45 37.03
N ARG B 87 11.41 9.85 38.28
CA ARG B 87 11.87 8.90 39.30
C ARG B 87 10.83 7.81 39.51
N ALA B 88 9.55 8.17 39.50
CA ALA B 88 8.47 7.17 39.66
C ALA B 88 8.44 6.18 38.49
N GLU B 89 8.75 6.67 37.29
CA GLU B 89 8.83 5.81 36.09
C GLU B 89 9.95 4.77 36.24
N VAL B 90 11.09 5.21 36.79
CA VAL B 90 12.18 4.27 37.08
C VAL B 90 11.77 3.25 38.15
N THR B 91 11.14 3.70 39.22
CA THR B 91 10.69 2.81 40.30
C THR B 91 9.71 1.73 39.75
N LYS B 92 8.76 2.18 38.97
CA LYS B 92 7.73 1.28 38.39
C LYS B 92 8.36 0.28 37.45
N SER B 93 9.33 0.74 36.65
CA SER B 93 10.01 -0.13 35.69
C SER B 93 10.84 -1.22 36.38
N ALA B 94 11.54 -0.85 37.46
CA ALA B 94 12.33 -1.82 38.21
C ALA B 94 11.42 -2.86 38.87
N ALA B 95 10.31 -2.39 39.42
CA ALA B 95 9.33 -3.27 40.06
C ALA B 95 8.72 -4.27 39.06
N LEU B 96 8.55 -3.83 37.81
CA LEU B 96 8.02 -4.69 36.73
C LEU B 96 8.95 -5.89 36.48
N CYS B 97 10.26 -5.62 36.46
CA CYS B 97 11.26 -6.66 36.29
C CYS B 97 11.11 -7.72 37.39
N ASP B 98 11.01 -7.29 38.64
CA ASP B 98 10.86 -8.25 39.73
C ASP B 98 9.53 -9.01 39.68
N TRP B 99 8.46 -8.30 39.32
CA TRP B 99 7.13 -8.93 39.23
C TRP B 99 7.12 -10.06 38.20
N TYR B 100 7.63 -9.82 37.00
CA TYR B 100 7.66 -10.89 36.00
C TYR B 100 8.64 -11.99 36.37
N ALA B 101 9.73 -11.65 37.05
CA ALA B 101 10.68 -12.68 37.47
C ALA B 101 10.01 -13.69 38.40
N GLU B 102 9.11 -13.18 39.25
CA GLU B 102 8.40 -14.02 40.22
C GLU B 102 7.20 -14.74 39.62
N HIS B 103 6.34 -13.97 38.94
CA HIS B 103 5.05 -14.49 38.42
C HIS B 103 5.03 -14.98 36.98
N GLY B 104 6.01 -14.55 36.20
CA GLY B 104 6.10 -14.91 34.79
C GLY B 104 6.36 -16.37 34.46
N PRO B 105 7.36 -17.00 35.14
CA PRO B 105 7.65 -18.38 34.77
C PRO B 105 6.46 -19.34 34.71
N ALA B 106 5.55 -19.27 35.68
CA ALA B 106 4.37 -20.17 35.68
C ALA B 106 3.45 -19.97 34.47
N MSE B 107 3.50 -18.77 33.87
CA MSE B 107 2.70 -18.45 32.68
C MSE B 107 3.16 -19.20 31.44
O MSE B 107 2.44 -19.26 30.44
CB MSE B 107 2.80 -16.95 32.37
CG MSE B 107 2.25 -16.09 33.43
SE MSE B 107 2.61 -14.18 33.05
CE MSE B 107 1.60 -13.62 34.59
N LEU B 108 4.37 -19.75 31.50
CA LEU B 108 4.96 -20.47 30.38
C LEU B 108 4.86 -21.99 30.55
N ASN B 109 4.22 -22.44 31.62
CA ASN B 109 3.99 -23.87 31.84
C ASN B 109 3.09 -24.38 30.71
N PRO B 110 3.32 -25.63 30.25
CA PRO B 110 2.45 -26.20 29.23
C PRO B 110 1.02 -26.34 29.76
N GLU B 111 0.02 -26.23 28.88
CA GLU B 111 -1.38 -26.36 29.31
C GLU B 111 -1.88 -27.73 28.99
N PRO B 112 -2.57 -28.37 29.95
CA PRO B 112 -3.22 -29.62 29.58
C PRO B 112 -4.39 -29.32 28.66
N THR B 113 -4.88 -30.34 27.99
CA THR B 113 -6.05 -30.21 27.12
C THR B 113 -7.08 -31.26 27.50
N LEU B 114 -8.27 -31.17 26.92
CA LEU B 114 -9.32 -32.15 27.18
C LEU B 114 -9.13 -33.43 26.37
N VAL B 115 -8.11 -33.48 25.51
CA VAL B 115 -7.77 -34.75 24.86
C VAL B 115 -7.50 -35.75 25.98
N GLU B 116 -8.06 -36.96 25.89
CA GLU B 116 -7.89 -37.91 27.00
C GLU B 116 -6.48 -38.42 27.25
N ASN B 117 -6.22 -38.75 28.51
CA ASN B 117 -5.02 -39.46 28.91
C ASN B 117 -3.71 -38.71 28.66
N GLN B 118 -3.75 -37.38 28.77
CA GLN B 118 -2.53 -36.55 28.68
C GLN B 118 -1.77 -36.79 27.37
N GLN B 119 -2.50 -36.99 26.28
CA GLN B 119 -1.85 -37.23 24.97
C GLN B 119 -1.54 -35.92 24.22
N ALA B 120 -2.16 -34.81 24.62
CA ALA B 120 -1.91 -33.52 23.95
C ALA B 120 -1.78 -32.36 24.95
N VAL B 121 -0.76 -31.53 24.73
CA VAL B 121 -0.53 -30.35 25.56
C VAL B 121 -0.38 -29.15 24.66
N ILE B 122 -0.54 -27.98 25.25
CA ILE B 122 -0.25 -26.72 24.52
C ILE B 122 1.06 -26.16 25.12
N GLU B 123 2.04 -25.84 24.26
CA GLU B 123 3.32 -25.29 24.71
C GLU B 123 3.43 -23.85 24.22
N TYR B 124 4.06 -23.00 25.02
CA TYR B 124 4.28 -21.60 24.67
C TYR B 124 5.73 -21.45 24.27
N ARG B 125 6.01 -21.48 22.96
CA ARG B 125 7.39 -21.39 22.46
C ARG B 125 7.72 -19.95 22.08
N PRO B 126 9.02 -19.59 22.13
CA PRO B 126 9.36 -18.26 21.63
C PRO B 126 9.16 -18.14 20.12
N LEU B 127 8.89 -16.94 19.66
CA LEU B 127 8.66 -16.65 18.27
C LEU B 127 9.95 -16.27 17.51
N GLY B 128 10.78 -15.41 18.10
CA GLY B 128 12.00 -14.95 17.41
C GLY B 128 12.32 -13.53 17.83
N VAL B 129 12.78 -12.72 16.86
CA VAL B 129 13.11 -11.33 17.16
C VAL B 129 11.88 -10.47 17.00
N ILE B 130 11.57 -9.71 18.04
CA ILE B 130 10.42 -8.80 18.01
C ILE B 130 10.97 -7.41 17.81
N LEU B 131 10.48 -6.75 16.77
CA LEU B 131 10.83 -5.37 16.50
C LEU B 131 9.88 -4.47 17.27
N ALA B 132 10.44 -3.52 18.02
CA ALA B 132 9.63 -2.59 18.82
C ALA B 132 9.85 -1.14 18.39
N ILE B 133 8.74 -0.43 18.19
CA ILE B 133 8.76 1.00 17.82
C ILE B 133 8.04 1.73 18.95
N MSE B 134 8.79 2.56 19.69
CA MSE B 134 8.32 3.12 20.98
C MSE B 134 8.37 4.65 20.96
O MSE B 134 9.17 5.23 20.19
CB MSE B 134 9.16 2.58 22.13
CG MSE B 134 9.08 1.08 22.32
SE MSE B 134 7.28 0.67 22.99
CE MSE B 134 6.77 -0.72 21.68
N PRO B 135 7.52 5.31 21.76
CA PRO B 135 7.41 6.77 21.74
C PRO B 135 8.19 7.43 22.89
N TRP B 136 8.17 8.76 22.93
CA TRP B 136 8.99 9.51 23.91
C TRP B 136 8.31 9.77 25.25
N ASN B 137 7.02 9.45 25.41
CA ASN B 137 6.36 9.94 26.62
C ASN B 137 6.73 9.24 27.96
N PHE B 138 7.06 7.94 27.87
CA PHE B 138 7.63 7.18 28.98
C PHE B 138 8.81 6.43 28.35
N PRO B 139 9.95 7.10 28.18
CA PRO B 139 11.08 6.52 27.43
C PRO B 139 11.62 5.21 27.99
N LEU B 140 11.44 4.97 29.29
CA LEU B 140 11.90 3.74 29.92
C LEU B 140 10.72 2.76 30.09
N TRP B 141 9.64 3.22 30.71
CA TRP B 141 8.50 2.37 31.01
C TRP B 141 7.87 1.74 29.76
N GLN B 142 7.71 2.51 28.69
CA GLN B 142 7.10 1.89 27.48
C GLN B 142 7.97 0.82 26.87
N VAL B 143 9.29 1.00 26.97
CA VAL B 143 10.24 0.00 26.50
C VAL B 143 10.13 -1.27 27.35
N LEU B 144 10.28 -1.12 28.67
CA LEU B 144 10.27 -2.31 29.52
C LEU B 144 8.89 -2.98 29.66
N ARG B 145 7.80 -2.21 29.59
CA ARG B 145 6.43 -2.74 29.62
C ARG B 145 6.29 -3.93 28.66
N GLY B 146 6.89 -3.79 27.47
CA GLY B 146 6.90 -4.85 26.46
C GLY B 146 8.13 -5.75 26.52
N ALA B 147 9.33 -5.16 26.64
CA ALA B 147 10.57 -5.95 26.60
C ALA B 147 10.71 -6.99 27.70
N VAL B 148 10.26 -6.66 28.90
CA VAL B 148 10.33 -7.63 30.01
C VAL B 148 9.61 -8.98 29.68
N PRO B 149 8.28 -8.96 29.41
N PRO B 149 8.29 -8.96 29.43
CA PRO B 149 7.63 -10.22 29.04
CA PRO B 149 7.64 -10.24 29.05
C PRO B 149 8.14 -10.86 27.73
C PRO B 149 8.16 -10.86 27.74
N ILE B 150 8.46 -10.03 26.75
CA ILE B 150 9.01 -10.51 25.48
C ILE B 150 10.31 -11.33 25.70
N LEU B 151 11.20 -10.80 26.53
CA LEU B 151 12.44 -11.52 26.87
C LEU B 151 12.19 -12.78 27.67
N LEU B 152 11.27 -12.70 28.63
CA LEU B 152 10.98 -13.87 29.47
C LEU B 152 10.46 -15.06 28.65
N ALA B 153 9.67 -14.74 27.63
CA ALA B 153 9.14 -15.74 26.68
C ALA B 153 10.19 -16.40 25.80
N GLY B 154 11.41 -15.86 25.79
CA GLY B 154 12.51 -16.46 25.04
C GLY B 154 12.81 -15.76 23.73
N ASN B 155 12.18 -14.63 23.49
CA ASN B 155 12.42 -13.81 22.29
C ASN B 155 13.59 -12.82 22.48
N SER B 156 14.12 -12.31 21.36
CA SER B 156 14.99 -11.13 21.35
C SER B 156 14.08 -9.92 21.13
N TYR B 157 14.57 -8.75 21.53
CA TYR B 157 13.84 -7.49 21.38
C TYR B 157 14.81 -6.52 20.71
N LEU B 158 14.35 -5.93 19.60
CA LEU B 158 15.14 -4.98 18.82
C LEU B 158 14.32 -3.68 18.75
N LEU B 159 14.84 -2.64 19.39
CA LEU B 159 14.15 -1.37 19.55
C LEU B 159 14.53 -0.26 18.57
N LYS B 160 13.49 0.37 18.02
N LYS B 160 13.52 0.39 18.00
CA LYS B 160 13.61 1.64 17.33
CA LYS B 160 13.74 1.67 17.33
C LYS B 160 12.96 2.62 18.31
C LYS B 160 12.99 2.68 18.20
N HIS B 161 13.75 3.52 18.91
CA HIS B 161 13.16 4.48 19.87
C HIS B 161 12.82 5.81 19.18
N ALA B 162 11.99 6.64 19.84
CA ALA B 162 11.66 7.96 19.29
C ALA B 162 12.97 8.76 19.09
N PRO B 163 13.08 9.48 17.97
CA PRO B 163 14.30 10.19 17.61
C PRO B 163 14.69 11.32 18.58
N ASN B 164 13.78 11.78 19.43
CA ASN B 164 14.07 12.82 20.42
C ASN B 164 14.54 12.28 21.77
N VAL B 165 14.61 10.95 21.92
CA VAL B 165 15.07 10.36 23.18
C VAL B 165 16.20 9.32 22.99
N THR B 166 17.06 9.56 22.01
CA THR B 166 18.16 8.62 21.76
C THR B 166 19.16 8.56 22.91
N GLY B 167 19.25 9.64 23.72
CA GLY B 167 20.09 9.66 24.93
C GLY B 167 19.58 8.62 25.90
N CYS B 168 18.25 8.61 26.10
CA CYS B 168 17.59 7.61 26.93
C CYS B 168 17.82 6.20 26.37
N ALA B 169 17.65 6.05 25.07
CA ALA B 169 17.84 4.75 24.43
C ALA B 169 19.26 4.23 24.69
N GLN B 170 20.25 5.10 24.53
CA GLN B 170 21.64 4.70 24.77
C GLN B 170 21.86 4.27 26.21
N MSE B 171 21.30 5.02 27.15
CA MSE B 171 21.44 4.67 28.57
C MSE B 171 20.76 3.36 28.96
O MSE B 171 21.29 2.60 29.75
CB MSE B 171 20.94 5.81 29.46
CG MSE B 171 21.26 5.59 30.93
SE MSE B 171 20.76 7.21 31.88
CE MSE B 171 22.12 8.46 31.23
N ILE B 172 19.55 3.13 28.44
CA ILE B 172 18.87 1.86 28.69
C ILE B 172 19.75 0.70 28.22
N ALA B 173 20.32 0.83 27.04
CA ALA B 173 21.21 -0.22 26.50
C ALA B 173 22.42 -0.51 27.42
N ARG B 174 23.07 0.54 27.93
N ARG B 174 23.07 0.56 27.90
CA ARG B 174 24.19 0.37 28.86
CA ARG B 174 24.16 0.43 28.87
C ARG B 174 23.75 -0.26 30.18
C ARG B 174 23.69 -0.35 30.09
N ILE B 175 22.54 0.05 30.62
CA ILE B 175 21.99 -0.54 31.85
C ILE B 175 21.72 -2.04 31.65
N LEU B 176 21.09 -2.39 30.54
CA LEU B 176 20.80 -3.79 30.28
C LEU B 176 22.07 -4.62 30.05
N ALA B 177 23.11 -3.98 29.48
CA ALA B 177 24.42 -4.64 29.32
C ALA B 177 25.09 -4.87 30.68
N GLU B 178 25.01 -3.89 31.58
CA GLU B 178 25.56 -4.03 32.94
C GLU B 178 24.86 -5.17 33.66
N ALA B 179 23.60 -5.36 33.33
CA ALA B 179 22.81 -6.41 33.95
C ALA B 179 23.21 -7.79 33.39
N GLY B 180 24.03 -7.80 32.34
CA GLY B 180 24.45 -9.06 31.75
C GLY B 180 23.48 -9.66 30.73
N THR B 181 22.59 -8.82 30.19
CA THR B 181 21.67 -9.27 29.13
C THR B 181 22.52 -9.61 27.91
N PRO B 182 22.42 -10.85 27.38
CA PRO B 182 23.29 -11.22 26.27
C PRO B 182 23.17 -10.35 25.04
N ALA B 183 24.28 -10.22 24.32
CA ALA B 183 24.34 -9.45 23.08
C ALA B 183 23.24 -9.94 22.13
N GLY B 184 22.51 -9.00 21.57
CA GLY B 184 21.44 -9.30 20.62
C GLY B 184 20.09 -9.62 21.23
N VAL B 185 20.06 -10.09 22.48
CA VAL B 185 18.80 -10.39 23.18
C VAL B 185 18.03 -9.09 23.43
N TYR B 186 18.74 -8.04 23.88
CA TYR B 186 18.18 -6.70 23.88
C TYR B 186 19.15 -5.85 23.04
N GLY B 187 18.60 -5.08 22.11
CA GLY B 187 19.42 -4.16 21.33
C GLY B 187 18.55 -3.05 20.78
N TRP B 188 19.17 -2.03 20.22
CA TRP B 188 18.41 -0.94 19.62
C TRP B 188 19.17 -0.39 18.42
N VAL B 189 18.46 0.30 17.54
CA VAL B 189 19.09 0.86 16.35
C VAL B 189 18.40 2.17 16.01
N ASN B 190 19.17 3.18 15.64
CA ASN B 190 18.60 4.47 15.32
C ASN B 190 18.17 4.54 13.85
N ALA B 191 17.14 3.74 13.52
CA ALA B 191 16.68 3.60 12.14
C ALA B 191 15.72 4.69 11.72
N ASN B 192 15.84 5.17 10.48
CA ASN B 192 14.83 6.07 9.93
C ASN B 192 13.67 5.23 9.42
N ASN B 193 12.66 5.89 8.86
CA ASN B 193 11.48 5.20 8.33
C ASN B 193 11.78 4.10 7.33
N GLU B 194 12.71 4.35 6.42
N GLU B 194 12.71 4.37 6.42
CA GLU B 194 13.11 3.36 5.43
CA GLU B 194 13.15 3.39 5.43
C GLU B 194 13.84 2.18 6.08
C GLU B 194 13.77 2.18 6.13
N GLY B 195 14.56 2.45 7.18
CA GLY B 195 15.24 1.39 7.94
C GLY B 195 14.23 0.51 8.67
N VAL B 196 13.19 1.13 9.24
CA VAL B 196 12.14 0.34 9.90
C VAL B 196 11.44 -0.58 8.91
N SER B 197 11.05 -0.03 7.76
CA SER B 197 10.40 -0.85 6.71
C SER B 197 11.28 -2.00 6.29
N GLN B 198 12.57 -1.73 6.12
CA GLN B 198 13.52 -2.76 5.73
C GLN B 198 13.52 -3.90 6.77
N MSE B 199 13.53 -3.54 8.05
CA MSE B 199 13.54 -4.54 9.12
C MSE B 199 12.24 -5.33 9.18
O MSE B 199 12.30 -6.54 9.32
CB MSE B 199 13.85 -3.89 10.47
CG MSE B 199 15.26 -3.31 10.50
SE MSE B 199 15.76 -2.76 12.28
CE MSE B 199 14.65 -1.19 12.44
N ILE B 200 11.11 -4.64 9.05
CA ILE B 200 9.80 -5.32 9.06
C ILE B 200 9.76 -6.40 7.99
N ASN B 201 10.35 -6.10 6.84
CA ASN B 201 10.36 -7.01 5.72
C ASN B 201 11.46 -8.08 5.73
N ASP B 202 12.33 -8.03 6.74
CA ASP B 202 13.40 -9.01 6.86
C ASP B 202 12.89 -10.23 7.63
N PRO B 203 13.18 -11.45 7.12
CA PRO B 203 12.70 -12.69 7.78
C PRO B 203 13.21 -12.90 9.19
N ARG B 204 14.27 -12.21 9.58
CA ARG B 204 14.77 -12.29 10.95
C ARG B 204 13.86 -11.59 11.97
N ILE B 205 13.00 -10.70 11.51
CA ILE B 205 12.01 -10.11 12.41
C ILE B 205 10.75 -11.00 12.36
N ALA B 206 10.34 -11.50 13.52
CA ALA B 206 9.19 -12.42 13.63
C ALA B 206 7.85 -11.70 13.79
N ALA B 207 7.84 -10.57 14.51
CA ALA B 207 6.61 -9.86 14.82
C ALA B 207 6.98 -8.43 15.22
N VAL B 208 5.96 -7.57 15.35
CA VAL B 208 6.20 -6.16 15.64
C VAL B 208 5.33 -5.65 16.79
N THR B 209 5.87 -4.76 17.61
CA THR B 209 5.02 -4.15 18.65
C THR B 209 5.23 -2.63 18.53
N VAL B 210 4.13 -1.88 18.56
CA VAL B 210 4.19 -0.42 18.35
C VAL B 210 3.39 0.28 19.42
N THR B 211 4.01 1.27 20.05
CA THR B 211 3.29 2.15 20.96
C THR B 211 3.51 3.54 20.41
N GLY B 212 2.44 4.29 20.17
CA GLY B 212 2.59 5.63 19.65
C GLY B 212 1.32 6.20 19.06
N SER B 213 1.47 6.91 17.95
CA SER B 213 0.37 7.64 17.35
C SER B 213 -0.41 6.74 16.42
N VAL B 214 -1.66 7.13 16.17
CA VAL B 214 -2.53 6.46 15.22
C VAL B 214 -1.88 6.39 13.83
N ARG B 215 -1.30 7.50 13.38
CA ARG B 215 -0.61 7.52 12.10
C ARG B 215 0.52 6.51 12.01
N ALA B 216 1.38 6.46 13.03
CA ALA B 216 2.50 5.52 13.06
C ALA B 216 2.00 4.07 13.10
N GLY B 217 1.00 3.82 13.94
CA GLY B 217 0.42 2.47 14.07
C GLY B 217 -0.13 2.01 12.74
N ALA B 218 -0.88 2.86 12.05
CA ALA B 218 -1.48 2.48 10.77
C ALA B 218 -0.42 2.17 9.69
N ALA B 219 0.64 2.97 9.66
CA ALA B 219 1.72 2.78 8.67
C ALA B 219 2.48 1.49 8.94
N ILE B 220 2.78 1.25 10.21
CA ILE B 220 3.51 0.06 10.58
C ILE B 220 2.64 -1.19 10.50
N GLY B 221 1.40 -1.09 10.99
CA GLY B 221 0.43 -2.22 10.89
C GLY B 221 0.25 -2.71 9.45
N ALA B 222 0.17 -1.78 8.50
CA ALA B 222 0.05 -2.12 7.08
C ALA B 222 1.28 -2.91 6.60
N GLN B 223 2.47 -2.48 7.02
CA GLN B 223 3.70 -3.16 6.60
C GLN B 223 3.82 -4.54 7.21
N ALA B 224 3.46 -4.64 8.49
CA ALA B 224 3.53 -5.93 9.19
C ALA B 224 2.51 -6.91 8.60
N GLY B 225 1.28 -6.47 8.35
CA GLY B 225 0.24 -7.33 7.73
C GLY B 225 0.71 -7.84 6.36
N ALA B 226 1.23 -6.92 5.55
CA ALA B 226 1.77 -7.26 4.22
C ALA B 226 2.88 -8.29 4.28
N ALA B 227 3.64 -8.27 5.38
CA ALA B 227 4.74 -9.21 5.60
C ALA B 227 4.31 -10.46 6.36
N LEU B 228 3.01 -10.58 6.66
CA LEU B 228 2.44 -11.74 7.39
C LEU B 228 2.98 -11.86 8.81
N LYS B 229 3.19 -10.72 9.43
CA LYS B 229 3.74 -10.69 10.78
C LYS B 229 2.76 -10.05 11.73
N LYS B 230 2.58 -10.70 12.87
CA LYS B 230 1.65 -10.22 13.87
C LYS B 230 2.16 -8.93 14.54
N CYS B 231 1.24 -8.07 14.95
N CYS B 231 1.20 -8.09 14.93
CA CYS B 231 1.66 -6.90 15.72
CA CYS B 231 1.44 -6.85 15.67
C CYS B 231 0.69 -6.63 16.86
C CYS B 231 0.68 -6.76 16.98
N VAL B 232 1.18 -5.88 17.86
CA VAL B 232 0.39 -5.38 18.97
C VAL B 232 0.50 -3.85 18.74
N LEU B 233 -0.63 -3.15 18.67
CA LEU B 233 -0.62 -1.70 18.43
C LEU B 233 -1.28 -1.02 19.62
N GLU B 234 -0.49 -0.22 20.34
CA GLU B 234 -0.98 0.49 21.50
C GLU B 234 -0.92 1.95 21.12
N LEU B 235 -2.05 2.49 20.69
CA LEU B 235 -2.04 3.81 20.08
C LEU B 235 -2.69 4.86 20.97
N GLY B 236 -3.10 5.97 20.40
CA GLY B 236 -3.70 7.02 21.24
C GLY B 236 -5.02 6.69 21.92
N GLY B 237 -5.42 7.56 22.83
CA GLY B 237 -6.72 7.43 23.46
C GLY B 237 -7.37 8.80 23.60
N SER B 238 -8.67 8.80 23.86
CA SER B 238 -9.37 10.02 24.25
C SER B 238 -10.32 9.56 25.35
N ASP B 239 -9.73 9.17 26.48
CA ASP B 239 -10.48 8.46 27.52
C ASP B 239 -11.57 9.31 28.15
N PRO B 240 -12.79 8.75 28.24
CA PRO B 240 -13.85 9.43 28.95
C PRO B 240 -13.72 9.20 30.44
N PHE B 241 -14.12 10.19 31.23
CA PHE B 241 -14.08 10.15 32.68
C PHE B 241 -15.48 10.64 33.08
N ILE B 242 -16.33 9.70 33.47
CA ILE B 242 -17.75 9.99 33.70
C ILE B 242 -18.00 10.21 35.17
N VAL B 243 -18.68 11.32 35.50
CA VAL B 243 -19.00 11.61 36.90
C VAL B 243 -20.52 11.77 36.98
N LEU B 244 -21.17 10.92 37.74
CA LEU B 244 -22.65 10.96 37.88
C LEU B 244 -23.05 11.73 39.13
N ASN B 245 -24.32 12.14 39.21
CA ASN B 245 -24.80 12.94 40.35
C ASN B 245 -24.49 12.40 41.74
N ASP B 246 -24.39 11.07 41.88
CA ASP B 246 -24.16 10.45 43.17
C ASP B 246 -22.68 10.08 43.43
N ALA B 247 -21.77 10.69 42.68
CA ALA B 247 -20.35 10.42 42.87
C ALA B 247 -19.76 10.98 44.18
N ASP B 248 -18.72 10.32 44.68
CA ASP B 248 -17.87 10.85 45.75
C ASP B 248 -17.07 11.95 45.03
N LEU B 249 -17.61 13.16 45.09
CA LEU B 249 -17.06 14.31 44.34
C LEU B 249 -15.62 14.66 44.66
N GLU B 250 -15.23 14.59 45.93
CA GLU B 250 -13.84 14.87 46.35
C GLU B 250 -12.84 13.94 45.67
N LEU B 251 -13.14 12.63 45.71
CA LEU B 251 -12.29 11.65 45.08
C LEU B 251 -12.30 11.81 43.56
N ALA B 252 -13.47 12.09 42.97
CA ALA B 252 -13.60 12.26 41.51
C ALA B 252 -12.76 13.41 41.00
N VAL B 253 -12.77 14.52 41.74
CA VAL B 253 -11.97 15.69 41.31
C VAL B 253 -10.47 15.38 41.42
N LYS B 254 -10.05 14.75 42.51
CA LYS B 254 -8.63 14.40 42.68
C LYS B 254 -8.18 13.44 41.58
N ALA B 255 -9.01 12.43 41.31
CA ALA B 255 -8.69 11.49 40.22
C ALA B 255 -8.70 12.15 38.84
N ALA B 256 -9.60 13.11 38.62
CA ALA B 256 -9.74 13.80 37.34
C ALA B 256 -8.51 14.65 37.06
N VAL B 257 -8.09 15.40 38.08
CA VAL B 257 -6.89 16.27 37.92
C VAL B 257 -5.63 15.45 37.66
N ALA B 258 -5.41 14.42 38.48
CA ALA B 258 -4.28 13.53 38.31
C ALA B 258 -4.32 12.86 36.94
N GLY B 259 -5.50 12.41 36.55
CA GLY B 259 -5.67 11.70 35.27
C GLY B 259 -5.39 12.54 34.06
N ARG B 260 -5.83 13.79 34.10
CA ARG B 260 -5.61 14.67 32.95
C ARG B 260 -4.17 15.24 32.92
N TYR B 261 -3.66 15.63 34.08
CA TYR B 261 -2.43 16.44 34.07
C TYR B 261 -1.12 15.71 34.34
N GLN B 262 -1.18 14.41 34.66
CA GLN B 262 0.04 13.61 34.80
C GLN B 262 0.88 13.75 33.52
N ASN B 263 2.21 13.79 33.66
CA ASN B 263 3.14 13.93 32.52
C ASN B 263 2.76 15.08 31.60
N THR B 264 2.36 16.19 32.20
CA THR B 264 1.93 17.38 31.47
C THR B 264 0.88 17.02 30.40
N GLY B 265 0.01 16.07 30.74
CA GLY B 265 -1.07 15.63 29.83
C GLY B 265 -0.70 14.64 28.72
N GLN B 266 0.56 14.27 28.66
CA GLN B 266 1.07 13.50 27.53
C GLN B 266 1.03 12.00 27.83
N VAL B 267 -0.18 11.49 28.02
CA VAL B 267 -0.38 10.06 28.34
C VAL B 267 -1.52 9.55 27.44
N CYS B 268 -1.30 8.42 26.78
CA CYS B 268 -2.30 7.85 25.87
C CYS B 268 -3.59 7.55 26.61
N ALA B 269 -3.46 6.98 27.81
CA ALA B 269 -4.61 6.71 28.67
C ALA B 269 -4.95 7.84 29.66
N ALA B 270 -4.66 9.09 29.31
CA ALA B 270 -5.03 10.23 30.17
C ALA B 270 -6.54 10.36 30.19
N ALA B 271 -7.09 10.93 31.26
CA ALA B 271 -8.51 11.28 31.26
C ALA B 271 -8.58 12.53 30.41
N LYS B 272 -9.27 12.47 29.27
CA LYS B 272 -9.28 13.58 28.31
C LYS B 272 -10.66 14.21 28.08
N ARG B 273 -11.71 13.42 28.22
CA ARG B 273 -13.10 13.91 28.03
C ARG B 273 -13.88 13.72 29.31
N PHE B 274 -14.12 14.82 30.01
CA PHE B 274 -14.89 14.80 31.24
C PHE B 274 -16.37 14.92 30.87
N ILE B 275 -17.12 13.90 31.27
CA ILE B 275 -18.55 13.79 30.93
C ILE B 275 -19.28 13.79 32.26
N VAL B 276 -19.94 14.90 32.57
N VAL B 276 -19.90 14.91 32.60
CA VAL B 276 -20.49 15.10 33.91
CA VAL B 276 -20.49 15.09 33.92
C VAL B 276 -22.00 15.31 33.88
C VAL B 276 -22.01 15.25 33.84
N GLU B 277 -22.70 14.56 34.72
CA GLU B 277 -24.19 14.60 34.76
C GLU B 277 -24.61 16.01 35.15
N GLU B 278 -25.65 16.50 34.46
N GLU B 278 -25.65 16.50 34.47
CA GLU B 278 -26.12 17.88 34.61
CA GLU B 278 -26.08 17.90 34.62
C GLU B 278 -26.23 18.37 36.05
C GLU B 278 -26.23 18.38 36.07
N GLY B 279 -26.67 17.49 36.94
CA GLY B 279 -26.86 17.84 38.36
C GLY B 279 -25.60 18.24 39.11
N ILE B 280 -24.46 17.67 38.71
CA ILE B 280 -23.22 17.88 39.44
C ILE B 280 -22.19 18.65 38.60
N ALA B 281 -22.56 19.00 37.38
CA ALA B 281 -21.66 19.65 36.44
C ALA B 281 -20.98 20.89 37.00
N GLN B 282 -21.77 21.79 37.59
CA GLN B 282 -21.21 23.05 38.07
C GLN B 282 -20.26 22.82 39.22
N ALA B 283 -20.67 21.99 40.17
CA ALA B 283 -19.86 21.68 41.33
C ALA B 283 -18.51 21.04 40.93
N PHE B 284 -18.57 20.06 40.02
CA PHE B 284 -17.36 19.42 39.52
C PHE B 284 -16.47 20.45 38.83
N THR B 285 -17.07 21.22 37.93
CA THR B 285 -16.33 22.20 37.12
C THR B 285 -15.60 23.22 38.00
N ASP B 286 -16.30 23.74 39.01
CA ASP B 286 -15.70 24.71 39.91
C ASP B 286 -14.47 24.13 40.62
N ARG B 287 -14.60 22.92 41.17
CA ARG B 287 -13.51 22.28 41.89
C ARG B 287 -12.37 21.89 40.97
N PHE B 288 -12.69 21.42 39.77
CA PHE B 288 -11.65 20.99 38.85
C PHE B 288 -10.81 22.21 38.35
N VAL B 289 -11.49 23.29 37.97
CA VAL B 289 -10.81 24.50 37.52
C VAL B 289 -9.89 25.08 38.61
N ALA B 290 -10.39 25.12 39.86
CA ALA B 290 -9.57 25.62 40.98
C ALA B 290 -8.34 24.74 41.23
N ALA B 291 -8.51 23.41 41.14
CA ALA B 291 -7.37 22.51 41.32
C ALA B 291 -6.34 22.63 40.18
N ALA B 292 -6.82 22.74 38.94
CA ALA B 292 -5.93 22.88 37.78
C ALA B 292 -5.16 24.20 37.86
N ALA B 293 -5.86 25.25 38.29
CA ALA B 293 -5.23 26.58 38.48
C ALA B 293 -4.17 26.57 39.59
N ALA B 294 -4.29 25.68 40.57
CA ALA B 294 -3.36 25.57 41.68
C ALA B 294 -2.11 24.74 41.35
N LEU B 295 -2.11 24.04 40.21
CA LEU B 295 -0.93 23.24 39.81
C LEU B 295 0.23 24.16 39.46
N LYS B 296 1.44 23.78 39.88
CA LYS B 296 2.62 24.59 39.65
C LYS B 296 3.33 24.17 38.38
N MSE B 297 3.68 25.14 37.53
CA MSE B 297 4.39 24.83 36.27
C MSE B 297 5.74 25.53 36.21
O MSE B 297 5.86 26.69 36.64
CB MSE B 297 3.56 25.27 35.07
CG MSE B 297 4.26 25.02 33.75
SE MSE B 297 3.05 25.57 32.29
CE MSE B 297 1.79 24.08 32.41
N GLY B 298 6.74 24.82 35.69
CA GLY B 298 8.07 25.43 35.52
C GLY B 298 9.13 24.39 35.29
N ASP B 299 10.37 24.74 35.63
CA ASP B 299 11.55 23.91 35.41
C ASP B 299 11.30 22.50 35.97
N PRO B 300 11.40 21.46 35.12
CA PRO B 300 11.08 20.11 35.63
C PRO B 300 12.13 19.52 36.57
N LEU B 301 13.27 20.19 36.72
CA LEU B 301 14.28 19.75 37.70
C LEU B 301 13.92 20.20 39.11
N VAL B 302 12.93 21.08 39.20
CA VAL B 302 12.46 21.63 40.48
C VAL B 302 11.31 20.72 40.90
N GLU B 303 11.52 19.95 41.97
CA GLU B 303 10.57 18.90 42.40
C GLU B 303 9.16 19.39 42.68
N GLU B 304 9.07 20.64 43.13
CA GLU B 304 7.81 21.23 43.52
C GLU B 304 6.90 21.56 42.34
N ASN B 305 7.43 21.53 41.12
CA ASN B 305 6.61 21.82 39.95
C ASN B 305 5.83 20.57 39.55
N ASP B 306 4.52 20.71 39.38
CA ASP B 306 3.62 19.61 38.99
C ASP B 306 3.62 19.40 37.49
N LEU B 307 3.90 20.47 36.73
CA LEU B 307 3.82 20.43 35.27
C LEU B 307 5.11 20.95 34.70
N GLY B 308 5.61 20.27 33.68
CA GLY B 308 6.83 20.72 32.96
C GLY B 308 6.45 21.34 31.62
N PRO B 309 7.43 21.51 30.73
CA PRO B 309 7.12 21.94 29.37
C PRO B 309 6.62 20.68 28.62
N MSE B 310 5.94 20.84 27.48
CA MSE B 310 5.63 19.71 26.61
C MSE B 310 6.91 19.25 25.89
O MSE B 310 7.88 20.04 25.74
CB MSE B 310 4.53 20.11 25.62
CG MSE B 310 3.23 20.37 26.31
SE MSE B 310 1.87 21.03 25.07
CE MSE B 310 1.75 19.52 23.80
N ALA B 311 6.95 17.99 25.45
CA ALA B 311 8.15 17.42 24.89
C ALA B 311 8.60 17.99 23.53
N ARG B 312 7.65 18.31 22.67
CA ARG B 312 7.96 18.70 21.30
C ARG B 312 7.30 20.02 20.94
N PHE B 313 8.09 20.93 20.36
CA PHE B 313 7.57 22.25 19.96
C PHE B 313 6.45 22.15 18.95
N ASP B 314 6.62 21.27 17.96
CA ASP B 314 5.56 21.12 16.93
C ASP B 314 4.26 20.62 17.53
N LEU B 315 4.36 19.76 18.53
CA LEU B 315 3.17 19.26 19.21
C LEU B 315 2.46 20.31 20.07
N ARG B 316 3.22 21.25 20.65
CA ARG B 316 2.58 22.35 21.36
C ARG B 316 1.83 23.22 20.36
N ASP B 317 2.41 23.42 19.19
CA ASP B 317 1.71 24.22 18.17
C ASP B 317 0.43 23.55 17.69
N GLU B 318 0.48 22.23 17.49
CA GLU B 318 -0.73 21.47 17.11
C GLU B 318 -1.78 21.54 18.20
N LEU B 319 -1.37 21.41 19.46
CA LEU B 319 -2.30 21.49 20.59
C LEU B 319 -2.97 22.85 20.66
N HIS B 320 -2.18 23.92 20.48
CA HIS B 320 -2.73 25.27 20.51
C HIS B 320 -3.76 25.44 19.39
N GLN B 321 -3.46 24.90 18.21
CA GLN B 321 -4.42 24.92 17.10
C GLN B 321 -5.70 24.16 17.42
N GLN B 322 -5.60 23.03 18.13
CA GLN B 322 -6.80 22.32 18.59
C GLN B 322 -7.63 23.16 19.58
N VAL B 323 -6.96 23.89 20.48
CA VAL B 323 -7.63 24.79 21.40
C VAL B 323 -8.28 25.94 20.62
N GLN B 324 -7.53 26.47 19.65
CA GLN B 324 -8.04 27.57 18.81
C GLN B 324 -9.30 27.19 18.04
N ALA B 325 -9.25 26.03 17.39
CA ALA B 325 -10.41 25.51 16.67
C ALA B 325 -11.60 25.28 17.60
N SER B 326 -11.35 24.70 18.79
CA SER B 326 -12.42 24.40 19.76
C SER B 326 -13.13 25.68 20.19
N VAL B 327 -12.36 26.71 20.54
CA VAL B 327 -12.93 28.02 20.85
C VAL B 327 -13.68 28.60 19.63
N ALA B 328 -13.13 28.49 18.41
CA ALA B 328 -13.82 28.97 17.20
C ALA B 328 -15.17 28.25 17.03
N GLU B 329 -15.20 26.97 17.36
CA GLU B 329 -16.42 26.16 17.29
C GLU B 329 -17.43 26.45 18.40
N GLY B 330 -17.03 27.15 19.45
CA GLY B 330 -17.94 27.51 20.54
C GLY B 330 -17.61 27.09 21.96
N ALA B 331 -16.45 26.43 22.16
CA ALA B 331 -16.07 26.01 23.51
C ALA B 331 -15.80 27.23 24.39
N ARG B 332 -16.04 27.10 25.69
CA ARG B 332 -15.81 28.17 26.63
C ARG B 332 -14.46 27.96 27.32
N LEU B 333 -13.54 28.88 27.14
CA LEU B 333 -12.23 28.78 27.76
C LEU B 333 -12.30 29.19 29.22
N LEU B 334 -12.19 28.22 30.13
CA LEU B 334 -12.25 28.52 31.56
C LEU B 334 -10.91 28.80 32.24
N LEU B 335 -9.82 28.35 31.62
CA LEU B 335 -8.47 28.50 32.18
C LEU B 335 -7.46 28.28 31.07
N GLY B 336 -6.36 29.04 31.07
CA GLY B 336 -5.28 28.78 30.12
C GLY B 336 -5.53 29.06 28.65
N GLY B 337 -5.12 28.12 27.80
CA GLY B 337 -5.32 28.27 26.35
C GLY B 337 -4.29 29.16 25.67
N GLU B 338 -3.10 29.28 26.26
N GLU B 338 -3.09 29.22 26.25
CA GLU B 338 -2.03 30.09 25.67
CA GLU B 338 -2.02 30.08 25.76
C GLU B 338 -0.66 29.44 25.84
C GLU B 338 -0.65 29.40 25.85
N LYS B 339 0.21 29.67 24.87
CA LYS B 339 1.59 29.22 24.93
C LYS B 339 2.25 30.20 25.88
N ILE B 340 3.23 29.74 26.63
CA ILE B 340 3.93 30.61 27.58
C ILE B 340 5.14 31.18 26.86
N ALA B 341 5.33 32.50 26.96
CA ALA B 341 6.47 33.18 26.32
C ALA B 341 7.80 32.66 26.89
N GLY B 342 8.82 32.62 26.04
CA GLY B 342 10.17 32.18 26.47
C GLY B 342 10.79 31.14 25.57
N GLU B 343 11.98 30.68 25.94
CA GLU B 343 12.73 29.72 25.13
C GLU B 343 12.23 28.28 25.25
N GLY B 344 11.56 27.98 26.36
CA GLY B 344 11.06 26.61 26.63
C GLY B 344 9.76 26.33 25.91
N ASN B 345 9.24 25.12 26.08
CA ASN B 345 8.06 24.68 25.33
C ASN B 345 6.84 24.54 26.25
N TYR B 346 6.53 25.59 27.02
CA TYR B 346 5.45 25.53 28.01
C TYR B 346 4.10 25.94 27.45
N TYR B 347 3.06 25.21 27.85
CA TYR B 347 1.69 25.53 27.50
C TYR B 347 0.91 25.58 28.81
N ALA B 348 0.10 26.62 29.02
CA ALA B 348 -0.66 26.77 30.26
C ALA B 348 -1.64 25.63 30.48
N ALA B 349 -1.81 25.21 31.75
CA ALA B 349 -2.89 24.25 32.09
C ALA B 349 -4.21 24.88 31.66
N THR B 350 -5.00 24.10 30.92
CA THR B 350 -6.16 24.63 30.22
C THR B 350 -7.42 23.82 30.51
N VAL B 351 -8.55 24.52 30.59
CA VAL B 351 -9.86 23.86 30.75
C VAL B 351 -10.82 24.48 29.73
N LEU B 352 -11.45 23.62 28.93
CA LEU B 352 -12.49 23.98 27.96
C LEU B 352 -13.80 23.39 28.45
N ALA B 353 -14.85 24.20 28.50
CA ALA B 353 -16.17 23.75 28.93
C ALA B 353 -17.19 23.98 27.82
N ASP B 354 -18.44 23.58 28.05
CA ASP B 354 -19.47 23.64 27.00
C ASP B 354 -19.02 22.89 25.74
N VAL B 355 -18.25 21.82 25.93
CA VAL B 355 -17.75 21.04 24.80
C VAL B 355 -18.85 20.09 24.35
N THR B 356 -19.16 20.13 23.06
CA THR B 356 -20.19 19.27 22.49
C THR B 356 -19.51 18.29 21.52
N PRO B 357 -20.18 17.14 21.21
CA PRO B 357 -19.59 16.06 20.41
C PRO B 357 -19.00 16.41 19.05
N ASP B 358 -19.49 17.48 18.43
CA ASP B 358 -18.98 17.92 17.13
C ASP B 358 -17.62 18.64 17.19
N MSE B 359 -17.20 19.07 18.37
CA MSE B 359 -16.01 19.91 18.48
C MSE B 359 -14.67 19.16 18.47
O MSE B 359 -14.61 18.00 18.87
CB MSE B 359 -16.10 20.77 19.72
CG MSE B 359 -17.27 21.72 19.69
SE MSE B 359 -17.27 22.72 21.33
CE MSE B 359 -19.00 23.58 21.24
N THR B 360 -13.63 19.87 18.03
CA THR B 360 -12.26 19.34 18.02
C THR B 360 -11.83 18.72 19.37
N ALA B 361 -12.09 19.43 20.47
CA ALA B 361 -11.73 18.94 21.81
C ALA B 361 -12.40 17.62 22.18
N PHE B 362 -13.51 17.30 21.49
CA PHE B 362 -14.25 16.05 21.75
C PHE B 362 -13.88 14.94 20.80
N ARG B 363 -13.55 15.29 19.56
CA ARG B 363 -13.26 14.29 18.53
C ARG B 363 -11.80 13.91 18.37
N GLN B 364 -10.88 14.82 18.72
CA GLN B 364 -9.46 14.54 18.57
C GLN B 364 -8.78 14.28 19.90
N GLU B 365 -7.63 13.58 19.87
CA GLU B 365 -6.83 13.35 21.05
C GLU B 365 -6.08 14.65 21.38
N LEU B 366 -6.32 15.19 22.56
CA LEU B 366 -5.61 16.40 23.01
C LEU B 366 -4.45 15.94 23.88
N PHE B 367 -3.27 15.82 23.28
CA PHE B 367 -2.10 15.23 23.95
C PHE B 367 -1.26 16.31 24.65
N GLY B 368 -1.83 16.88 25.69
CA GLY B 368 -1.21 17.97 26.42
C GLY B 368 -2.17 18.39 27.53
N PRO B 369 -1.84 19.45 28.28
CA PRO B 369 -2.60 19.82 29.47
C PRO B 369 -3.89 20.61 29.20
N VAL B 370 -4.82 19.99 28.47
CA VAL B 370 -6.10 20.60 28.10
C VAL B 370 -7.25 19.65 28.45
N ALA B 371 -8.06 20.03 29.42
CA ALA B 371 -9.25 19.25 29.81
C ALA B 371 -10.45 19.71 28.99
N ALA B 372 -11.32 18.78 28.60
CA ALA B 372 -12.56 19.14 27.91
C ALA B 372 -13.69 18.67 28.79
N ILE B 373 -14.65 19.55 29.09
CA ILE B 373 -15.76 19.17 29.95
C ILE B 373 -17.08 19.23 29.18
N THR B 374 -17.82 18.12 29.22
CA THR B 374 -19.08 17.97 28.50
C THR B 374 -20.15 17.61 29.53
N VAL B 375 -21.31 18.24 29.42
CA VAL B 375 -22.44 17.97 30.32
C VAL B 375 -23.39 16.91 29.71
N ALA B 376 -23.73 15.90 30.52
CA ALA B 376 -24.61 14.79 30.12
C ALA B 376 -25.98 14.92 30.81
N LYS B 377 -27.08 14.65 30.11
CA LYS B 377 -28.42 14.78 30.73
C LYS B 377 -28.65 13.77 31.86
N ASP B 378 -28.15 12.54 31.67
CA ASP B 378 -28.30 11.45 32.63
C ASP B 378 -27.27 10.37 32.30
N ALA B 379 -27.27 9.28 33.09
CA ALA B 379 -26.33 8.16 32.90
C ALA B 379 -26.32 7.54 31.49
N ALA B 380 -27.51 7.40 30.87
CA ALA B 380 -27.60 6.88 29.49
C ALA B 380 -26.90 7.79 28.47
N HIS B 381 -27.15 9.09 28.56
CA HIS B 381 -26.51 10.08 27.69
C HIS B 381 -24.97 10.07 27.92
N ALA B 382 -24.57 9.90 29.17
CA ALA B 382 -23.13 9.86 29.51
C ALA B 382 -22.43 8.68 28.83
N LEU B 383 -23.08 7.52 28.87
CA LEU B 383 -22.57 6.34 28.18
C LEU B 383 -22.46 6.56 26.67
N ALA B 384 -23.49 7.15 26.07
CA ALA B 384 -23.49 7.40 24.64
C ALA B 384 -22.36 8.36 24.23
N LEU B 385 -22.16 9.40 25.03
CA LEU B 385 -21.07 10.36 24.80
C LEU B 385 -19.70 9.70 24.94
N ALA B 386 -19.54 8.91 26.00
CA ALA B 386 -18.30 8.15 26.22
C ALA B 386 -17.94 7.30 25.01
N ASN B 387 -18.95 6.61 24.45
CA ASN B 387 -18.72 5.74 23.29
C ASN B 387 -18.67 6.44 21.93
N ASP B 388 -19.01 7.74 21.89
CA ASP B 388 -18.97 8.51 20.66
C ASP B 388 -17.56 9.04 20.43
N SER B 389 -16.67 8.13 20.05
CA SER B 389 -15.27 8.42 19.89
C SER B 389 -14.65 7.38 18.97
N GLU B 390 -13.66 7.77 18.18
CA GLU B 390 -12.92 6.81 17.35
C GLU B 390 -11.90 6.03 18.16
N PHE B 391 -11.69 6.41 19.41
CA PHE B 391 -10.68 5.77 20.28
C PHE B 391 -11.36 4.89 21.30
N GLY B 392 -10.60 4.02 21.96
CA GLY B 392 -11.22 3.19 23.00
C GLY B 392 -10.17 2.53 23.86
N LEU B 393 -9.41 3.34 24.58
CA LEU B 393 -8.33 2.77 25.39
C LEU B 393 -8.77 2.41 26.81
N SER B 394 -9.05 3.41 27.64
CA SER B 394 -9.50 3.18 29.01
C SER B 394 -10.60 4.17 29.32
N ALA B 395 -11.25 3.99 30.47
CA ALA B 395 -12.34 4.86 30.88
C ALA B 395 -12.47 4.85 32.41
N THR B 396 -13.06 5.92 32.95
CA THR B 396 -13.34 6.01 34.39
C THR B 396 -14.82 6.34 34.60
N ILE B 397 -15.40 5.73 35.64
CA ILE B 397 -16.78 6.04 36.04
C ILE B 397 -16.80 6.30 37.55
N PHE B 398 -17.35 7.45 37.94
CA PHE B 398 -17.52 7.78 39.35
C PHE B 398 -19.02 7.79 39.65
N THR B 399 -19.45 6.86 40.50
CA THR B 399 -20.84 6.75 40.97
C THR B 399 -20.90 5.85 42.20
N ALA B 400 -21.80 6.17 43.13
CA ALA B 400 -21.98 5.33 44.30
C ALA B 400 -22.87 4.10 43.99
N ASP B 401 -23.49 4.09 42.80
CA ASP B 401 -24.35 2.98 42.38
C ASP B 401 -23.52 1.82 41.79
N ASP B 402 -23.14 0.90 42.68
N ASP B 402 -23.11 0.89 42.66
CA ASP B 402 -22.34 -0.32 42.43
CA ASP B 402 -22.27 -0.26 42.30
C ASP B 402 -22.77 -1.08 41.18
C ASP B 402 -22.78 -1.04 41.09
N THR B 403 -24.07 -1.39 41.11
CA THR B 403 -24.69 -2.12 40.02
C THR B 403 -24.66 -1.36 38.71
N LEU B 404 -24.99 -0.07 38.77
CA LEU B 404 -24.96 0.76 37.58
C LEU B 404 -23.55 0.83 37.00
N ALA B 405 -22.55 0.97 37.87
CA ALA B 405 -21.15 1.07 37.43
C ALA B 405 -20.72 -0.17 36.67
N ALA B 406 -21.04 -1.34 37.23
CA ALA B 406 -20.77 -2.63 36.57
C ALA B 406 -21.48 -2.76 35.21
N GLU B 407 -22.73 -2.33 35.16
N GLU B 407 -22.73 -2.33 35.14
CA GLU B 407 -23.53 -2.33 33.92
CA GLU B 407 -23.49 -2.36 33.88
C GLU B 407 -22.89 -1.43 32.86
C GLU B 407 -22.89 -1.42 32.84
N MSE B 408 -22.42 -0.26 33.28
CA MSE B 408 -21.80 0.70 32.36
C MSE B 408 -20.45 0.21 31.86
O MSE B 408 -20.15 0.34 30.68
CB MSE B 408 -21.73 2.08 32.99
CG MSE B 408 -23.11 2.69 33.13
SE MSE B 408 -23.04 4.38 34.08
CE MSE B 408 -22.36 5.49 32.58
N ALA B 409 -19.69 -0.40 32.77
CA ALA B 409 -18.39 -0.97 32.41
C ALA B 409 -18.55 -1.97 31.28
N ALA B 410 -19.58 -2.82 31.39
CA ALA B 410 -19.87 -3.83 30.35
C ALA B 410 -20.17 -3.22 28.99
N ARG B 411 -20.77 -2.03 28.98
CA ARG B 411 -21.18 -1.34 27.74
C ARG B 411 -20.17 -0.31 27.18
N LEU B 412 -19.14 -0.03 27.96
CA LEU B 412 -18.09 0.88 27.51
C LEU B 412 -17.17 0.21 26.49
N GLU B 413 -17.02 0.86 25.33
CA GLU B 413 -16.19 0.35 24.26
C GLU B 413 -14.71 0.72 24.46
N CYS B 414 -14.12 0.18 25.52
N CYS B 414 -14.07 0.10 25.45
CA CYS B 414 -12.72 0.42 25.91
CA CYS B 414 -12.66 0.35 25.72
C CYS B 414 -12.12 -0.84 26.50
C CYS B 414 -12.11 -0.85 26.47
N GLY B 415 -10.79 -0.90 26.61
CA GLY B 415 -10.12 -2.06 27.19
C GLY B 415 -9.86 -2.03 28.67
N GLY B 416 -10.17 -0.90 29.30
CA GLY B 416 -9.96 -0.81 30.75
C GLY B 416 -11.01 0.11 31.32
N VAL B 417 -11.62 -0.29 32.43
CA VAL B 417 -12.61 0.59 33.07
C VAL B 417 -12.27 0.68 34.56
N PHE B 418 -12.15 1.91 35.06
CA PHE B 418 -11.85 2.15 36.46
C PHE B 418 -13.05 2.76 37.14
N ILE B 419 -13.50 2.09 38.17
CA ILE B 419 -14.70 2.49 38.89
C ILE B 419 -14.25 3.13 40.20
N ASN B 420 -14.59 4.40 40.38
CA ASN B 420 -14.29 5.15 41.61
C ASN B 420 -12.81 5.03 42.00
N GLY B 421 -11.93 5.24 41.02
CA GLY B 421 -10.48 5.14 41.26
C GLY B 421 -9.68 5.84 40.17
N TYR B 422 -8.36 5.70 40.29
CA TYR B 422 -7.42 6.34 39.39
C TYR B 422 -6.96 5.33 38.36
N SER B 423 -7.15 5.63 37.06
CA SER B 423 -6.71 4.70 36.03
C SER B 423 -5.20 4.67 35.97
N ALA B 424 -4.65 3.51 35.63
CA ALA B 424 -3.21 3.34 35.50
C ALA B 424 -2.93 2.04 34.78
N SER B 425 -1.71 1.88 34.25
CA SER B 425 -1.27 0.57 33.77
C SER B 425 -0.65 -0.14 34.97
N ASP B 426 -0.77 -1.46 35.01
CA ASP B 426 -0.23 -2.26 36.13
C ASP B 426 0.07 -3.66 35.64
N ALA B 427 1.22 -4.22 36.03
CA ALA B 427 1.64 -5.54 35.53
C ALA B 427 0.61 -6.64 35.76
N ARG B 428 -0.22 -6.48 36.78
CA ARG B 428 -1.19 -7.50 37.17
C ARG B 428 -2.45 -7.56 36.29
N VAL B 429 -2.63 -6.59 35.40
CA VAL B 429 -3.88 -6.52 34.61
C VAL B 429 -3.58 -6.19 33.14
N ALA B 430 -4.51 -6.52 32.25
CA ALA B 430 -4.34 -6.26 30.83
C ALA B 430 -4.36 -4.76 30.52
N PHE B 431 -3.59 -4.36 29.52
CA PHE B 431 -3.60 -2.98 29.05
C PHE B 431 -3.72 -2.95 27.52
N GLY B 432 -4.60 -2.13 26.97
CA GLY B 432 -4.71 -1.99 25.51
C GLY B 432 -6.16 -1.68 25.15
N GLY B 433 -6.43 -1.27 23.91
CA GLY B 433 -7.77 -0.85 23.61
C GLY B 433 -8.41 -1.45 22.38
N VAL B 434 -9.40 -0.72 21.88
CA VAL B 434 -10.19 -1.11 20.72
C VAL B 434 -10.26 0.09 19.80
N LYS B 435 -10.94 -0.10 18.65
CA LYS B 435 -11.10 0.95 17.64
C LYS B 435 -9.74 1.56 17.25
N LYS B 436 -9.64 2.88 17.14
CA LYS B 436 -8.35 3.47 16.72
C LYS B 436 -7.26 3.46 17.78
N SER B 437 -7.58 3.00 18.99
CA SER B 437 -6.55 2.83 20.02
C SER B 437 -5.66 1.61 19.70
N GLY B 438 -6.09 0.78 18.76
CA GLY B 438 -5.27 -0.33 18.26
C GLY B 438 -5.88 -1.69 18.55
N PHE B 439 -5.03 -2.63 18.94
CA PHE B 439 -5.46 -3.99 19.28
C PHE B 439 -4.30 -4.76 19.90
N GLY B 440 -4.61 -5.92 20.49
CA GLY B 440 -3.60 -6.66 21.25
C GLY B 440 -3.56 -6.13 22.68
N ARG B 441 -2.95 -6.90 23.57
CA ARG B 441 -2.90 -6.53 25.00
C ARG B 441 -1.50 -6.69 25.57
N GLU B 442 -1.12 -5.78 26.47
CA GLU B 442 0.17 -5.84 27.16
C GLU B 442 -0.08 -6.17 28.62
N LEU B 443 1.00 -6.62 29.29
CA LEU B 443 0.98 -6.89 30.72
C LEU B 443 0.25 -8.19 31.13
N SER B 444 0.30 -8.50 32.43
CA SER B 444 -0.19 -9.80 32.95
C SER B 444 0.28 -10.92 32.00
N HIS B 445 -0.52 -11.97 31.78
CA HIS B 445 -0.08 -13.04 30.89
C HIS B 445 -0.28 -12.67 29.44
N PHE B 446 -1.09 -11.64 29.18
CA PHE B 446 -1.39 -11.21 27.82
C PHE B 446 -0.15 -10.75 27.09
N GLY B 447 0.65 -9.89 27.71
CA GLY B 447 1.84 -9.35 27.06
C GLY B 447 2.90 -10.41 26.87
N LEU B 448 2.87 -11.43 27.71
CA LEU B 448 3.79 -12.54 27.55
C LEU B 448 3.34 -13.47 26.39
N HIS B 449 2.07 -13.83 26.35
CA HIS B 449 1.62 -14.76 25.31
C HIS B 449 1.44 -14.16 23.90
N GLU B 450 1.32 -12.83 23.80
CA GLU B 450 1.20 -12.19 22.49
C GLU B 450 2.33 -12.56 21.56
N PHE B 451 3.52 -12.72 22.12
CA PHE B 451 4.69 -13.01 21.31
C PHE B 451 5.25 -14.42 21.50
N CYS B 452 4.32 -15.36 21.72
CA CYS B 452 4.64 -16.79 21.75
C CYS B 452 4.04 -17.48 20.52
N ASN B 453 4.73 -18.52 20.08
CA ASN B 453 4.20 -19.49 19.13
C ASN B 453 3.46 -20.49 20.03
N VAL B 454 2.13 -20.39 20.05
CA VAL B 454 1.28 -21.31 20.82
C VAL B 454 1.27 -22.61 20.02
N GLN B 455 1.85 -23.67 20.58
CA GLN B 455 2.10 -24.90 19.81
C GLN B 455 1.41 -26.11 20.44
N THR B 456 0.55 -26.77 19.68
CA THR B 456 -0.06 -28.03 20.13
C THR B 456 0.95 -29.15 19.95
N VAL B 457 1.14 -30.02 20.94
CA VAL B 457 2.00 -31.19 20.73
C VAL B 457 1.12 -32.38 21.11
N TRP B 458 0.86 -33.26 20.14
CA TRP B 458 -0.10 -34.35 20.37
C TRP B 458 0.55 -35.66 19.95
N LYS B 459 0.70 -36.57 20.91
CA LYS B 459 1.27 -37.87 20.61
C LYS B 459 0.22 -38.97 20.41
N ASN B 460 0.54 -39.95 19.57
CA ASN B 460 -0.30 -41.15 19.39
C ASN B 460 -1.74 -40.86 18.95
N ARG B 461 -1.94 -39.84 18.12
CA ARG B 461 -3.29 -39.58 17.61
C ARG B 461 -3.56 -40.59 16.49
N VAL B 462 -4.26 -41.66 16.84
CA VAL B 462 -4.56 -42.71 15.87
C VAL B 462 -6.00 -43.10 16.05
N GLN C 8 -14.93 -13.35 -11.84
CA GLN C 8 -16.36 -13.48 -11.39
C GLN C 8 -16.69 -14.76 -10.60
N ALA C 9 -17.89 -14.78 -10.07
CA ALA C 9 -18.35 -15.88 -9.26
C ALA C 9 -19.03 -16.83 -10.21
N LEU C 10 -18.41 -17.97 -10.39
CA LEU C 10 -18.96 -19.00 -11.27
C LEU C 10 -18.70 -20.31 -10.56
N SER C 11 -19.74 -21.15 -10.51
CA SER C 11 -19.59 -22.50 -10.00
C SER C 11 -19.58 -23.43 -11.20
N VAL C 12 -18.62 -24.34 -11.20
CA VAL C 12 -18.45 -25.34 -12.24
C VAL C 12 -18.13 -26.63 -11.53
N ASN C 13 -18.81 -27.70 -11.89
CA ASN C 13 -18.55 -29.01 -11.27
C ASN C 13 -17.23 -29.54 -11.79
N PRO C 14 -16.19 -29.67 -10.91
CA PRO C 14 -14.86 -30.09 -11.41
C PRO C 14 -14.78 -31.54 -11.91
N ALA C 15 -15.75 -32.36 -11.57
CA ALA C 15 -15.75 -33.77 -12.01
C ALA C 15 -16.21 -33.86 -13.49
N THR C 16 -17.05 -32.92 -13.90
CA THR C 16 -17.64 -32.97 -15.25
C THR C 16 -17.25 -31.80 -16.14
N GLY C 17 -16.75 -30.72 -15.54
CA GLY C 17 -16.42 -29.50 -16.28
C GLY C 17 -17.64 -28.66 -16.65
N GLN C 18 -18.81 -29.01 -16.14
CA GLN C 18 -20.02 -28.32 -16.53
C GLN C 18 -20.44 -27.24 -15.56
N THR C 19 -20.92 -26.14 -16.14
CA THR C 19 -21.37 -24.97 -15.41
C THR C 19 -22.55 -25.33 -14.51
N LEU C 20 -22.48 -24.87 -13.28
CA LEU C 20 -23.55 -25.05 -12.29
C LEU C 20 -24.40 -23.78 -12.18
N ALA C 21 -23.74 -22.66 -11.94
CA ALA C 21 -24.43 -21.39 -11.74
C ALA C 21 -23.44 -20.23 -11.84
N ALA C 22 -23.95 -19.05 -12.20
CA ALA C 22 -23.14 -17.84 -12.14
C ALA C 22 -23.86 -16.93 -11.15
N MSE C 23 -23.11 -16.14 -10.40
CA MSE C 23 -23.72 -15.21 -9.46
C MSE C 23 -23.08 -13.82 -9.57
O MSE C 23 -21.86 -13.70 -9.40
CB MSE C 23 -23.59 -15.75 -8.04
CG MSE C 23 -24.46 -15.01 -7.08
SE MSE C 23 -24.11 -15.48 -5.22
CE MSE C 23 -25.38 -14.25 -4.40
N PRO C 24 -23.89 -12.78 -9.83
CA PRO C 24 -23.27 -11.45 -9.95
C PRO C 24 -22.66 -10.99 -8.63
N TRP C 25 -21.62 -10.17 -8.70
CA TRP C 25 -21.03 -9.60 -7.49
C TRP C 25 -22.05 -8.69 -6.82
N ALA C 26 -21.97 -8.60 -5.49
CA ALA C 26 -22.78 -7.68 -4.71
C ALA C 26 -22.56 -6.24 -5.18
N ASN C 27 -23.64 -5.49 -5.35
CA ASN C 27 -23.55 -4.08 -5.70
C ASN C 27 -23.45 -3.24 -4.43
N ALA C 28 -23.33 -1.91 -4.59
CA ALA C 28 -23.18 -1.00 -3.44
C ALA C 28 -24.30 -1.10 -2.40
N GLN C 29 -25.55 -1.21 -2.87
CA GLN C 29 -26.68 -1.33 -1.96
C GLN C 29 -26.63 -2.63 -1.17
N GLU C 30 -26.20 -3.71 -1.84
CA GLU C 30 -26.13 -5.02 -1.19
C GLU C 30 -25.04 -5.05 -0.11
N ILE C 31 -23.89 -4.46 -0.43
CA ILE C 31 -22.79 -4.35 0.55
C ILE C 31 -23.25 -3.52 1.76
N GLU C 32 -23.89 -2.39 1.49
CA GLU C 32 -24.40 -1.55 2.58
C GLU C 32 -25.41 -2.28 3.44
N HIS C 33 -26.31 -3.05 2.81
CA HIS C 33 -27.31 -3.79 3.55
C HIS C 33 -26.67 -4.85 4.46
N ALA C 34 -25.67 -5.56 3.92
CA ALA C 34 -24.91 -6.56 4.69
C ALA C 34 -24.26 -5.94 5.91
N LEU C 35 -23.58 -4.80 5.74
CA LEU C 35 -22.92 -4.13 6.87
C LEU C 35 -23.94 -3.58 7.88
N SER C 36 -25.01 -2.94 7.37
CA SER C 36 -26.07 -2.41 8.25
C SER C 36 -26.74 -3.51 9.08
N LEU C 37 -27.06 -4.63 8.43
CA LEU C 37 -27.71 -5.73 9.13
C LEU C 37 -26.78 -6.37 10.17
N ALA C 38 -25.50 -6.52 9.82
CA ALA C 38 -24.51 -7.09 10.75
C ALA C 38 -24.40 -6.21 11.99
N ALA C 39 -24.37 -4.89 11.80
CA ALA C 39 -24.27 -3.94 12.92
C ALA C 39 -25.52 -3.97 13.81
N SER C 40 -26.69 -3.99 13.18
CA SER C 40 -27.91 -4.00 13.99
C SER C 40 -28.05 -5.36 14.70
N GLY C 41 -27.67 -6.43 14.00
CA GLY C 41 -27.62 -7.78 14.61
C GLY C 41 -26.71 -7.81 15.83
N PHE C 42 -25.47 -7.33 15.66
CA PHE C 42 -24.52 -7.26 16.78
C PHE C 42 -25.07 -6.46 17.97
N LYS C 43 -25.67 -5.29 17.69
CA LYS C 43 -26.19 -4.44 18.77
C LYS C 43 -27.15 -5.21 19.70
N LYS C 44 -27.93 -6.13 19.13
CA LYS C 44 -28.85 -6.93 19.96
C LYS C 44 -28.17 -8.16 20.55
N TRP C 45 -27.36 -8.82 19.72
CA TRP C 45 -26.72 -10.07 20.10
C TRP C 45 -25.75 -9.89 21.26
N LYS C 46 -25.06 -8.75 21.30
CA LYS C 46 -24.09 -8.53 22.36
C LYS C 46 -24.78 -8.43 23.74
N MSE C 47 -26.09 -8.17 23.74
CA MSE C 47 -26.86 -8.06 25.01
C MSE C 47 -27.49 -9.38 25.44
O MSE C 47 -28.15 -9.44 26.48
CB MSE C 47 -27.99 -7.02 24.87
CG MSE C 47 -27.56 -5.64 24.41
SE MSE C 47 -26.24 -4.85 25.63
CE MSE C 47 -27.34 -4.65 27.27
N THR C 48 -27.34 -10.43 24.64
CA THR C 48 -27.89 -11.74 24.99
C THR C 48 -27.04 -12.40 26.08
N SER C 49 -27.60 -13.39 26.79
CA SER C 49 -26.79 -14.13 27.75
C SER C 49 -25.97 -15.17 26.99
N VAL C 50 -24.87 -15.61 27.58
N VAL C 50 -24.86 -15.62 27.57
CA VAL C 50 -24.05 -16.63 26.96
CA VAL C 50 -24.06 -16.64 26.90
C VAL C 50 -24.88 -17.92 26.80
C VAL C 50 -24.85 -17.97 26.81
N ALA C 51 -25.76 -18.19 27.78
CA ALA C 51 -26.62 -19.39 27.74
C ALA C 51 -27.52 -19.38 26.51
N GLN C 52 -28.05 -18.20 26.17
CA GLN C 52 -28.89 -18.04 24.99
C GLN C 52 -28.07 -18.31 23.70
N ARG C 53 -26.86 -17.80 23.66
CA ARG C 53 -26.01 -17.97 22.49
C ARG C 53 -25.61 -19.43 22.36
N ALA C 54 -25.31 -20.08 23.49
CA ALA C 54 -24.97 -21.51 23.49
C ALA C 54 -26.13 -22.35 22.93
N GLN C 55 -27.36 -21.99 23.31
CA GLN C 55 -28.53 -22.69 22.76
C GLN C 55 -28.64 -22.51 21.25
N THR C 56 -28.35 -21.30 20.76
CA THR C 56 -28.34 -21.05 19.32
C THR C 56 -27.32 -21.97 18.62
N LEU C 57 -26.13 -22.14 19.21
CA LEU C 57 -25.16 -23.09 18.66
C LEU C 57 -25.73 -24.50 18.56
N ARG C 58 -26.38 -24.97 19.63
CA ARG C 58 -27.02 -26.30 19.58
C ARG C 58 -28.05 -26.38 18.44
N ASP C 59 -28.83 -25.33 18.30
CA ASP C 59 -29.84 -25.25 17.23
C ASP C 59 -29.22 -25.31 15.83
N ILE C 60 -28.07 -24.64 15.66
CA ILE C 60 -27.34 -24.68 14.38
C ILE C 60 -26.87 -26.10 14.10
N GLY C 61 -26.30 -26.78 15.11
CA GLY C 61 -25.86 -28.18 14.99
C GLY C 61 -27.03 -29.04 14.54
N GLN C 62 -28.19 -28.85 15.17
CA GLN C 62 -29.39 -29.63 14.83
C GLN C 62 -29.86 -29.39 13.37
N ALA C 63 -29.91 -28.12 12.96
CA ALA C 63 -30.30 -27.79 11.58
C ALA C 63 -29.31 -28.35 10.54
N LEU C 64 -28.02 -28.31 10.86
N LEU C 64 -28.02 -28.28 10.84
CA LEU C 64 -27.02 -28.86 9.95
CA LEU C 64 -27.03 -28.86 9.94
C LEU C 64 -27.14 -30.39 9.80
C LEU C 64 -27.31 -30.35 9.79
N ARG C 65 -27.44 -31.07 10.91
CA ARG C 65 -27.64 -32.54 10.88
C ARG C 65 -28.95 -32.89 10.15
N ALA C 66 -29.96 -32.03 10.25
CA ALA C 66 -31.21 -32.25 9.50
C ALA C 66 -31.05 -32.10 7.97
N HIS C 67 -30.03 -31.38 7.51
CA HIS C 67 -29.78 -31.17 6.09
C HIS C 67 -28.43 -31.72 5.66
N ALA C 68 -27.95 -32.71 6.41
CA ALA C 68 -26.58 -33.22 6.27
C ALA C 68 -26.25 -33.74 4.87
N GLU C 69 -27.13 -34.58 4.31
CA GLU C 69 -26.79 -35.12 2.99
C GLU C 69 -26.86 -34.04 1.90
N GLU C 70 -27.85 -33.15 1.99
CA GLU C 70 -27.95 -32.04 1.01
C GLU C 70 -26.66 -31.20 1.03
N MSE C 71 -26.18 -30.90 2.24
CA MSE C 71 -24.96 -30.10 2.42
C MSE C 71 -23.73 -30.82 1.84
O MSE C 71 -22.96 -30.23 1.08
CB MSE C 71 -24.76 -29.80 3.90
CG MSE C 71 -23.59 -28.88 4.26
SE MSE C 71 -24.03 -26.99 3.83
CE MSE C 71 -22.89 -26.86 2.23
N ALA C 72 -23.54 -32.10 2.19
CA ALA C 72 -22.39 -32.87 1.68
C ALA C 72 -22.44 -32.94 0.15
N GLN C 73 -23.63 -33.16 -0.40
CA GLN C 73 -23.79 -33.20 -1.86
C GLN C 73 -23.39 -31.87 -2.50
N CYS C 74 -23.78 -30.76 -1.89
CA CYS C 74 -23.42 -29.44 -2.41
C CYS C 74 -21.89 -29.23 -2.41
N ILE C 75 -21.25 -29.60 -1.30
CA ILE C 75 -19.78 -29.55 -1.17
C ILE C 75 -19.11 -30.35 -2.31
N THR C 76 -19.53 -31.60 -2.50
CA THR C 76 -18.91 -32.42 -3.56
C THR C 76 -19.17 -31.87 -4.96
N ARG C 77 -20.40 -31.43 -5.20
CA ARG C 77 -20.80 -30.93 -6.52
C ARG C 77 -19.96 -29.71 -6.93
N GLU C 78 -19.78 -28.78 -6.00
CA GLU C 78 -19.10 -27.52 -6.32
C GLU C 78 -17.57 -27.59 -6.33
N MSE C 79 -16.98 -28.43 -5.50
CA MSE C 79 -15.52 -28.46 -5.42
C MSE C 79 -14.82 -29.82 -5.51
O MSE C 79 -13.60 -29.91 -5.38
CB MSE C 79 -14.99 -27.53 -4.31
CG MSE C 79 -15.54 -27.72 -2.91
SE MSE C 79 -14.99 -29.46 -2.18
CE MSE C 79 -13.01 -29.23 -2.12
N GLY C 80 -15.59 -30.88 -5.74
CA GLY C 80 -15.00 -32.15 -6.11
C GLY C 80 -14.59 -33.13 -5.02
N LYS C 81 -14.77 -32.75 -3.75
CA LYS C 81 -14.36 -33.62 -2.63
C LYS C 81 -15.11 -34.94 -2.67
N PRO C 82 -14.39 -36.08 -2.48
CA PRO C 82 -15.08 -37.38 -2.38
C PRO C 82 -16.23 -37.27 -1.38
N ILE C 83 -17.41 -37.77 -1.76
CA ILE C 83 -18.60 -37.64 -0.92
C ILE C 83 -18.43 -38.19 0.50
N LYS C 84 -17.62 -39.23 0.66
CA LYS C 84 -17.37 -39.78 2.00
C LYS C 84 -16.75 -38.70 2.90
N GLN C 85 -15.84 -37.91 2.33
CA GLN C 85 -15.16 -36.85 3.08
C GLN C 85 -16.03 -35.60 3.26
N ALA C 86 -16.89 -35.29 2.28
CA ALA C 86 -17.84 -34.20 2.44
C ALA C 86 -18.81 -34.50 3.59
N ARG C 87 -19.27 -35.75 3.69
CA ARG C 87 -20.13 -36.15 4.79
C ARG C 87 -19.38 -36.02 6.12
N ALA C 88 -18.10 -36.41 6.12
CA ALA C 88 -17.27 -36.31 7.36
C ALA C 88 -17.10 -34.84 7.77
N GLU C 89 -16.98 -33.95 6.78
CA GLU C 89 -16.90 -32.51 7.05
C GLU C 89 -18.17 -31.99 7.74
N VAL C 90 -19.33 -32.42 7.27
CA VAL C 90 -20.59 -32.04 7.91
C VAL C 90 -20.64 -32.58 9.36
N THR C 91 -20.29 -33.85 9.56
CA THR C 91 -20.26 -34.43 10.92
C THR C 91 -19.37 -33.61 11.87
N LYS C 92 -18.18 -33.26 11.39
CA LYS C 92 -17.20 -32.53 12.22
C LYS C 92 -17.69 -31.12 12.58
N SER C 93 -18.30 -30.46 11.60
CA SER C 93 -18.81 -29.10 11.78
C SER C 93 -19.99 -29.08 12.76
N ALA C 94 -20.92 -30.04 12.65
CA ALA C 94 -22.02 -30.06 13.59
C ALA C 94 -21.54 -30.39 15.02
N ALA C 95 -20.55 -31.27 15.14
CA ALA C 95 -19.96 -31.64 16.42
C ALA C 95 -19.29 -30.42 17.08
N LEU C 96 -18.68 -29.57 16.26
CA LEU C 96 -18.06 -28.34 16.76
C LEU C 96 -19.09 -27.41 17.41
N CYS C 97 -20.29 -27.32 16.83
CA CYS C 97 -21.38 -26.51 17.42
C CYS C 97 -21.69 -27.00 18.84
N ASP C 98 -21.83 -28.31 18.99
CA ASP C 98 -22.15 -28.88 20.29
C ASP C 98 -20.99 -28.73 21.27
N TRP C 99 -19.77 -28.88 20.78
CA TRP C 99 -18.58 -28.78 21.65
C TRP C 99 -18.46 -27.40 22.26
N TYR C 100 -18.58 -26.35 21.44
CA TYR C 100 -18.53 -25.01 22.00
C TYR C 100 -19.74 -24.67 22.85
N ALA C 101 -20.91 -25.20 22.52
CA ALA C 101 -22.08 -24.98 23.41
C ALA C 101 -21.83 -25.52 24.82
N GLU C 102 -21.12 -26.64 24.90
CA GLU C 102 -20.79 -27.29 26.18
C GLU C 102 -19.63 -26.62 26.93
N HIS C 103 -18.51 -26.45 26.24
CA HIS C 103 -17.25 -25.99 26.85
C HIS C 103 -16.95 -24.51 26.75
N GLY C 104 -17.61 -23.85 25.82
CA GLY C 104 -17.39 -22.44 25.54
C GLY C 104 -17.79 -21.47 26.64
N PRO C 105 -19.01 -21.62 27.19
CA PRO C 105 -19.43 -20.62 28.18
C PRO C 105 -18.43 -20.35 29.31
N ALA C 106 -17.82 -21.40 29.85
CA ALA C 106 -16.84 -21.24 30.95
C ALA C 106 -15.62 -20.42 30.55
N MSE C 107 -15.30 -20.44 29.25
CA MSE C 107 -14.19 -19.65 28.73
C MSE C 107 -14.44 -18.15 28.74
O MSE C 107 -13.53 -17.36 28.50
CB MSE C 107 -13.85 -20.10 27.30
CG MSE C 107 -13.55 -21.57 27.17
SE MSE C 107 -13.39 -21.96 25.23
CE MSE C 107 -12.91 -23.77 25.50
N LEU C 108 -15.69 -17.75 28.95
CA LEU C 108 -16.05 -16.33 28.99
C LEU C 108 -16.24 -15.85 30.41
N ASN C 109 -15.97 -16.70 31.39
CA ASN C 109 -16.04 -16.30 32.79
C ASN C 109 -14.98 -15.23 33.06
N PRO C 110 -15.29 -14.27 33.93
CA PRO C 110 -14.27 -13.27 34.29
C PRO C 110 -13.07 -13.93 34.96
N GLU C 111 -11.87 -13.41 34.69
CA GLU C 111 -10.64 -13.92 35.30
C GLU C 111 -10.29 -13.12 36.54
N PRO C 112 -10.05 -13.79 37.69
N PRO C 112 -9.96 -13.81 37.66
CA PRO C 112 -9.51 -13.09 38.86
CA PRO C 112 -9.46 -13.09 38.83
C PRO C 112 -8.08 -12.58 38.56
C PRO C 112 -8.07 -12.55 38.53
N THR C 113 -7.60 -11.60 39.32
CA THR C 113 -6.24 -11.06 39.16
C THR C 113 -5.61 -10.99 40.55
N LEU C 114 -4.30 -10.74 40.59
CA LEU C 114 -3.56 -10.65 41.86
C LEU C 114 -3.76 -9.35 42.63
N VAL C 115 -4.52 -8.43 42.05
CA VAL C 115 -4.87 -7.18 42.72
C VAL C 115 -5.58 -7.58 44.03
N GLU C 116 -5.18 -6.96 45.13
CA GLU C 116 -5.70 -7.34 46.46
C GLU C 116 -7.21 -7.17 46.59
N ASN C 117 -7.81 -8.02 47.44
CA ASN C 117 -9.23 -7.94 47.80
C ASN C 117 -10.26 -8.03 46.68
N GLN C 118 -9.95 -8.83 45.65
CA GLN C 118 -10.85 -9.06 44.51
C GLN C 118 -11.34 -7.76 43.88
N GLN C 119 -10.48 -6.74 43.82
CA GLN C 119 -10.92 -5.45 43.27
C GLN C 119 -10.78 -5.33 41.74
N ALA C 120 -9.99 -6.21 41.13
CA ALA C 120 -9.86 -6.17 39.67
C ALA C 120 -10.07 -7.53 39.03
N VAL C 121 -10.81 -7.53 37.92
CA VAL C 121 -11.04 -8.77 37.13
C VAL C 121 -10.78 -8.47 35.66
N ILE C 122 -10.62 -9.53 34.87
CA ILE C 122 -10.52 -9.38 33.43
C ILE C 122 -11.80 -9.95 32.83
N GLU C 123 -12.47 -9.16 31.99
CA GLU C 123 -13.72 -9.60 31.35
C GLU C 123 -13.48 -9.80 29.86
N TYR C 124 -14.18 -10.76 29.26
CA TYR C 124 -14.04 -11.03 27.83
C TYR C 124 -15.29 -10.47 27.16
N ARG C 125 -15.18 -9.29 26.56
CA ARG C 125 -16.33 -8.63 25.95
C ARG C 125 -16.39 -8.87 24.45
N PRO C 126 -17.59 -8.83 23.86
CA PRO C 126 -17.70 -8.89 22.41
C PRO C 126 -16.98 -7.71 21.75
N LEU C 127 -16.42 -7.92 20.58
CA LEU C 127 -15.73 -6.85 19.86
C LEU C 127 -16.63 -6.15 18.83
N GLY C 128 -17.42 -6.92 18.08
CA GLY C 128 -18.28 -6.28 17.07
C GLY C 128 -18.53 -7.20 15.89
N VAL C 129 -18.58 -6.65 14.68
CA VAL C 129 -18.76 -7.48 13.47
C VAL C 129 -17.40 -7.92 12.96
N ILE C 130 -17.23 -9.24 12.81
CA ILE C 130 -15.99 -9.81 12.29
C ILE C 130 -16.21 -10.14 10.84
N LEU C 131 -15.37 -9.57 9.97
CA LEU C 131 -15.42 -9.90 8.55
C LEU C 131 -14.59 -11.17 8.32
N ALA C 132 -15.16 -12.17 7.63
CA ALA C 132 -14.44 -13.42 7.38
C ALA C 132 -14.25 -13.66 5.88
N ILE C 133 -13.02 -14.00 5.49
CA ILE C 133 -12.72 -14.33 4.09
C ILE C 133 -12.24 -15.77 4.05
N MSE C 134 -13.06 -16.65 3.44
CA MSE C 134 -12.87 -18.10 3.56
C MSE C 134 -12.63 -18.78 2.20
O MSE C 134 -13.06 -18.25 1.19
CB MSE C 134 -14.07 -18.75 4.28
CG MSE C 134 -14.23 -18.27 5.71
SE MSE C 134 -12.76 -18.94 6.79
CE MSE C 134 -12.15 -17.27 7.62
N PRO C 135 -11.92 -19.93 2.20
CA PRO C 135 -11.59 -20.59 0.92
C PRO C 135 -12.53 -21.77 0.60
N TRP C 136 -12.28 -22.42 -0.53
CA TRP C 136 -13.19 -23.45 -1.03
C TRP C 136 -12.85 -24.88 -0.56
N ASN C 137 -11.71 -25.09 0.10
CA ASN C 137 -11.30 -26.47 0.34
C ASN C 137 -12.13 -27.23 1.40
N PHE C 138 -12.60 -26.49 2.41
CA PHE C 138 -13.61 -27.03 3.36
C PHE C 138 -14.69 -25.98 3.44
N PRO C 139 -15.64 -25.97 2.48
CA PRO C 139 -16.60 -24.86 2.39
C PRO C 139 -17.47 -24.68 3.62
N LEU C 140 -17.69 -25.74 4.38
CA LEU C 140 -18.48 -25.64 5.60
C LEU C 140 -17.60 -25.52 6.85
N TRP C 141 -16.67 -26.45 7.00
CA TRP C 141 -15.79 -26.51 8.17
C TRP C 141 -15.00 -25.21 8.39
N GLN C 142 -14.39 -24.68 7.32
CA GLN C 142 -13.62 -23.45 7.45
C GLN C 142 -14.50 -22.33 8.01
N VAL C 143 -15.73 -22.25 7.53
CA VAL C 143 -16.66 -21.22 7.99
C VAL C 143 -16.97 -21.42 9.48
N LEU C 144 -17.45 -22.61 9.84
CA LEU C 144 -17.89 -22.84 11.20
C LEU C 144 -16.74 -22.86 12.23
N ARG C 145 -15.55 -23.28 11.79
CA ARG C 145 -14.36 -23.32 12.67
C ARG C 145 -14.16 -21.97 13.35
N GLY C 146 -14.41 -20.91 12.60
CA GLY C 146 -14.32 -19.56 13.15
C GLY C 146 -15.67 -19.02 13.61
N ALA C 147 -16.72 -19.23 12.83
CA ALA C 147 -18.01 -18.61 13.15
C ALA C 147 -18.58 -19.04 14.51
N VAL C 148 -18.42 -20.31 14.84
CA VAL C 148 -18.98 -20.85 16.09
C VAL C 148 -18.42 -20.09 17.33
N PRO C 149 -17.10 -20.07 17.53
CA PRO C 149 -16.62 -19.30 18.70
C PRO C 149 -16.83 -17.78 18.57
N ILE C 150 -16.72 -17.24 17.37
CA ILE C 150 -16.97 -15.82 17.16
C ILE C 150 -18.39 -15.45 17.63
N LEU C 151 -19.38 -16.24 17.23
CA LEU C 151 -20.75 -15.99 17.67
C LEU C 151 -20.92 -16.17 19.18
N LEU C 152 -20.31 -17.21 19.74
CA LEU C 152 -20.48 -17.47 21.18
C LEU C 152 -19.93 -16.31 22.00
N ALA C 153 -18.82 -15.74 21.54
CA ALA C 153 -18.21 -14.56 22.18
C ALA C 153 -19.13 -13.32 22.15
N GLY C 154 -20.19 -13.34 21.35
CA GLY C 154 -21.11 -12.19 21.27
C GLY C 154 -20.92 -11.27 20.07
N ASN C 155 -20.10 -11.70 19.11
CA ASN C 155 -19.84 -10.94 17.89
C ASN C 155 -20.84 -11.34 16.81
N SER C 156 -20.94 -10.51 15.78
CA SER C 156 -21.59 -10.92 14.52
C SER C 156 -20.49 -11.43 13.57
N TYR C 157 -20.90 -12.18 12.56
CA TYR C 157 -19.97 -12.79 11.60
C TYR C 157 -20.51 -12.47 10.19
N LEU C 158 -19.69 -11.83 9.37
CA LEU C 158 -20.05 -11.48 8.00
C LEU C 158 -19.05 -12.10 7.03
N LEU C 159 -19.55 -13.01 6.21
CA LEU C 159 -18.72 -13.85 5.36
C LEU C 159 -18.63 -13.44 3.91
N LYS C 160 -17.41 -13.41 3.38
N LYS C 160 -17.39 -13.43 3.43
CA LYS C 160 -17.20 -13.38 1.93
CA LYS C 160 -17.09 -13.38 2.00
C LYS C 160 -16.58 -14.74 1.61
C LYS C 160 -16.58 -14.81 1.71
N HIS C 161 -17.35 -15.60 0.96
CA HIS C 161 -16.90 -16.96 0.66
C HIS C 161 -16.17 -17.03 -0.68
N ALA C 162 -15.45 -18.11 -0.97
CA ALA C 162 -14.76 -18.25 -2.25
C ALA C 162 -15.79 -18.25 -3.40
N PRO C 163 -15.47 -17.57 -4.52
CA PRO C 163 -16.45 -17.41 -5.60
C PRO C 163 -16.87 -18.70 -6.33
N ASN C 164 -16.17 -19.80 -6.13
CA ASN C 164 -16.55 -21.07 -6.77
C ASN C 164 -17.46 -21.92 -5.85
N VAL C 165 -17.71 -21.45 -4.63
CA VAL C 165 -18.61 -22.21 -3.73
C VAL C 165 -19.79 -21.38 -3.22
N THR C 166 -20.33 -20.50 -4.06
CA THR C 166 -21.42 -19.66 -3.59
C THR C 166 -22.72 -20.45 -3.33
N GLY C 167 -22.89 -21.59 -4.00
CA GLY C 167 -24.03 -22.48 -3.73
C GLY C 167 -23.98 -22.99 -2.28
N CYS C 168 -22.81 -23.43 -1.86
CA CYS C 168 -22.56 -23.85 -0.48
C CYS C 168 -22.83 -22.69 0.45
N ALA C 169 -22.32 -21.51 0.11
CA ALA C 169 -22.53 -20.33 0.96
C ALA C 169 -24.03 -20.03 1.12
N GLN C 170 -24.77 -20.06 0.02
CA GLN C 170 -26.21 -19.82 0.10
C GLN C 170 -26.89 -20.86 0.99
N MSE C 171 -26.47 -22.13 0.84
CA MSE C 171 -27.05 -23.21 1.66
C MSE C 171 -26.74 -23.08 3.15
O MSE C 171 -27.63 -23.30 3.98
CB MSE C 171 -26.65 -24.59 1.13
CG MSE C 171 -27.37 -25.70 1.83
SE MSE C 171 -26.86 -27.39 1.03
CE MSE C 171 -27.61 -27.23 -0.78
N ILE C 172 -25.50 -22.74 3.49
CA ILE C 172 -25.15 -22.52 4.90
C ILE C 172 -26.04 -21.39 5.48
N ALA C 173 -26.24 -20.32 4.72
CA ALA C 173 -27.03 -19.21 5.25
C ALA C 173 -28.49 -19.64 5.48
N ARG C 174 -29.04 -20.44 4.56
CA ARG C 174 -30.41 -20.99 4.76
C ARG C 174 -30.52 -21.83 6.03
N ILE C 175 -29.54 -22.70 6.24
CA ILE C 175 -29.54 -23.59 7.41
C ILE C 175 -29.43 -22.82 8.72
N LEU C 176 -28.52 -21.84 8.76
CA LEU C 176 -28.35 -21.04 9.97
C LEU C 176 -29.59 -20.18 10.25
N ALA C 177 -30.26 -19.73 9.20
CA ALA C 177 -31.53 -19.00 9.37
C ALA C 177 -32.65 -19.94 9.86
N GLU C 178 -32.71 -21.16 9.34
CA GLU C 178 -33.68 -22.15 9.85
C GLU C 178 -33.43 -22.44 11.34
N ALA C 179 -32.17 -22.44 11.76
CA ALA C 179 -31.83 -22.68 13.17
C ALA C 179 -32.30 -21.54 14.08
N GLY C 180 -32.71 -20.42 13.48
CA GLY C 180 -33.12 -19.25 14.26
C GLY C 180 -31.98 -18.30 14.63
N THR C 181 -30.86 -18.35 13.90
CA THR C 181 -29.77 -17.40 14.14
C THR C 181 -30.31 -16.02 13.74
N PRO C 182 -30.25 -15.02 14.66
CA PRO C 182 -30.87 -13.72 14.32
C PRO C 182 -30.28 -13.09 13.08
N ALA C 183 -31.11 -12.33 12.39
CA ALA C 183 -30.70 -11.61 11.19
C ALA C 183 -29.44 -10.78 11.50
N GLY C 184 -28.43 -10.89 10.64
CA GLY C 184 -27.22 -10.09 10.81
C GLY C 184 -26.17 -10.70 11.70
N VAL C 185 -26.58 -11.59 12.61
CA VAL C 185 -25.62 -12.25 13.53
C VAL C 185 -24.72 -13.17 12.71
N TYR C 186 -25.35 -13.94 11.82
CA TYR C 186 -24.61 -14.62 10.75
C TYR C 186 -25.10 -14.10 9.41
N GLY C 187 -24.19 -13.74 8.51
CA GLY C 187 -24.63 -13.32 7.16
C GLY C 187 -23.50 -13.45 6.16
N TRP C 188 -23.81 -13.30 4.88
CA TRP C 188 -22.73 -13.37 3.91
C TRP C 188 -23.03 -12.47 2.73
N VAL C 189 -22.00 -12.15 1.97
CA VAL C 189 -22.17 -11.27 0.82
C VAL C 189 -21.20 -11.68 -0.28
N ASN C 190 -21.68 -11.71 -1.53
CA ASN C 190 -20.81 -12.11 -2.64
C ASN C 190 -20.01 -10.89 -3.15
N ALA C 191 -19.09 -10.42 -2.31
CA ALA C 191 -18.36 -9.20 -2.63
C ALA C 191 -17.15 -9.49 -3.49
N ASN C 192 -16.87 -8.59 -4.42
CA ASN C 192 -15.64 -8.69 -5.20
C ASN C 192 -14.52 -8.05 -4.36
N ASN C 193 -13.29 -8.02 -4.87
CA ASN C 193 -12.15 -7.48 -4.11
C ASN C 193 -12.34 -6.04 -3.64
N GLU C 194 -12.90 -5.20 -4.51
N GLU C 194 -12.91 -5.20 -4.51
CA GLU C 194 -13.21 -3.82 -4.16
CA GLU C 194 -13.21 -3.82 -4.16
C GLU C 194 -14.22 -3.75 -3.01
C GLU C 194 -14.21 -3.76 -3.00
N GLY C 195 -15.20 -4.65 -3.04
CA GLY C 195 -16.20 -4.74 -1.97
C GLY C 195 -15.57 -5.18 -0.65
N VAL C 196 -14.62 -6.11 -0.72
CA VAL C 196 -13.92 -6.56 0.50
C VAL C 196 -13.12 -5.41 1.09
N SER C 197 -12.39 -4.68 0.24
CA SER C 197 -11.64 -3.49 0.70
C SER C 197 -12.55 -2.48 1.35
N GLN C 198 -13.69 -2.23 0.69
CA GLN C 198 -14.68 -1.30 1.23
C GLN C 198 -15.11 -1.70 2.65
N MSE C 199 -15.40 -3.00 2.84
CA MSE C 199 -15.85 -3.46 4.15
C MSE C 199 -14.75 -3.37 5.21
O MSE C 199 -15.02 -2.95 6.34
CB MSE C 199 -16.41 -4.89 4.03
CG MSE C 199 -17.69 -4.89 3.20
SE MSE C 199 -18.54 -6.62 3.23
CE MSE C 199 -17.25 -7.61 2.14
N ILE C 200 -13.53 -3.75 4.87
CA ILE C 200 -12.41 -3.66 5.85
C ILE C 200 -12.28 -2.22 6.36
N ASN C 201 -12.46 -1.26 5.46
CA ASN C 201 -12.34 0.15 5.82
C ASN C 201 -13.58 0.79 6.45
N ASP C 202 -14.66 0.02 6.56
CA ASP C 202 -15.89 0.51 7.14
C ASP C 202 -15.81 0.36 8.66
N PRO C 203 -16.18 1.41 9.41
CA PRO C 203 -16.10 1.32 10.89
C PRO C 203 -16.97 0.24 11.54
N ARG C 204 -18.00 -0.24 10.82
CA ARG C 204 -18.85 -1.31 11.34
C ARG C 204 -18.15 -2.66 11.41
N ILE C 205 -17.06 -2.82 10.65
CA ILE C 205 -16.23 -4.03 10.77
C ILE C 205 -15.18 -3.80 11.87
N ALA C 206 -15.18 -4.64 12.90
CA ALA C 206 -14.26 -4.47 14.02
C ALA C 206 -12.92 -5.17 13.81
N ALA C 207 -12.96 -6.32 13.13
CA ALA C 207 -11.75 -7.15 12.94
C ALA C 207 -11.99 -8.09 11.78
N VAL C 208 -10.93 -8.79 11.37
CA VAL C 208 -10.99 -9.64 10.17
C VAL C 208 -10.36 -11.01 10.41
N THR C 209 -10.93 -12.04 9.81
CA THR C 209 -10.31 -13.36 9.89
C THR C 209 -10.18 -13.89 8.46
N VAL C 210 -9.00 -14.42 8.12
CA VAL C 210 -8.77 -14.91 6.77
C VAL C 210 -8.19 -16.31 6.81
N THR C 211 -8.78 -17.21 6.03
CA THR C 211 -8.18 -18.54 5.80
C THR C 211 -8.00 -18.62 4.30
N GLY C 212 -6.78 -18.87 3.84
CA GLY C 212 -6.59 -18.89 2.37
C GLY C 212 -5.13 -18.90 1.97
N SER C 213 -4.88 -18.33 0.80
CA SER C 213 -3.53 -18.30 0.23
C SER C 213 -2.68 -17.21 0.89
N VAL C 214 -1.38 -17.38 0.79
CA VAL C 214 -0.42 -16.40 1.31
C VAL C 214 -0.64 -15.03 0.68
N ARG C 215 -0.85 -14.97 -0.64
CA ARG C 215 -1.09 -13.72 -1.35
C ARG C 215 -2.33 -12.97 -0.87
N ALA C 216 -3.44 -13.69 -0.70
CA ALA C 216 -4.68 -13.11 -0.16
C ALA C 216 -4.47 -12.60 1.28
N GLY C 217 -3.83 -13.43 2.10
CA GLY C 217 -3.52 -13.07 3.48
C GLY C 217 -2.76 -11.77 3.58
N ALA C 218 -1.72 -11.64 2.74
CA ALA C 218 -0.87 -10.44 2.76
C ALA C 218 -1.64 -9.21 2.29
N ALA C 219 -2.48 -9.37 1.28
CA ALA C 219 -3.27 -8.25 0.75
C ALA C 219 -4.30 -7.77 1.77
N ILE C 220 -4.96 -8.73 2.41
CA ILE C 220 -5.96 -8.41 3.41
C ILE C 220 -5.32 -7.92 4.71
N GLY C 221 -4.24 -8.56 5.15
CA GLY C 221 -3.57 -8.16 6.38
C GLY C 221 -3.06 -6.73 6.28
N ALA C 222 -2.56 -6.37 5.09
CA ALA C 222 -2.10 -4.99 4.85
C ALA C 222 -3.25 -4.01 4.99
N GLN C 223 -4.42 -4.35 4.47
CA GLN C 223 -5.58 -3.46 4.53
C GLN C 223 -6.10 -3.34 5.95
N ALA C 224 -6.18 -4.48 6.64
CA ALA C 224 -6.63 -4.49 8.04
C ALA C 224 -5.70 -3.68 8.96
N GLY C 225 -4.38 -3.90 8.82
CA GLY C 225 -3.39 -3.17 9.61
C GLY C 225 -3.52 -1.66 9.41
N ALA C 226 -3.68 -1.25 8.15
CA ALA C 226 -3.83 0.18 7.81
C ALA C 226 -5.09 0.76 8.42
N ALA C 227 -6.09 -0.10 8.65
CA ALA C 227 -7.37 0.30 9.27
C ALA C 227 -7.39 0.15 10.81
N LEU C 228 -6.27 -0.29 11.38
CA LEU C 228 -6.11 -0.50 12.82
C LEU C 228 -7.03 -1.59 13.36
N LYS C 229 -7.19 -2.62 12.54
CA LYS C 229 -8.05 -3.77 12.86
C LYS C 229 -7.24 -5.03 12.94
N LYS C 230 -7.53 -5.80 13.96
CA LYS C 230 -6.82 -7.04 14.21
C LYS C 230 -7.23 -8.09 13.19
N CYS C 231 -6.27 -8.96 12.87
N CYS C 231 -6.30 -8.96 12.82
CA CYS C 231 -6.50 -10.14 12.02
CA CYS C 231 -6.71 -10.12 12.01
C CYS C 231 -6.13 -11.44 12.69
C CYS C 231 -6.07 -11.40 12.51
N VAL C 232 -6.69 -12.52 12.13
CA VAL C 232 -6.15 -13.85 12.34
C VAL C 232 -5.94 -14.30 10.89
N LEU C 233 -4.74 -14.78 10.57
CA LEU C 233 -4.43 -15.24 9.21
C LEU C 233 -3.99 -16.70 9.26
N GLU C 234 -4.80 -17.58 8.67
N GLU C 234 -4.82 -17.60 8.73
CA GLU C 234 -4.55 -19.02 8.63
CA GLU C 234 -4.48 -19.03 8.61
C GLU C 234 -4.29 -19.38 7.15
C GLU C 234 -4.28 -19.31 7.13
N LEU C 235 -3.02 -19.39 6.76
CA LEU C 235 -2.65 -19.48 5.39
C LEU C 235 -2.03 -20.84 5.07
N GLY C 236 -1.39 -20.93 3.93
CA GLY C 236 -0.85 -22.24 3.53
C GLY C 236 0.23 -22.85 4.42
N GLY C 237 0.59 -24.09 4.11
CA GLY C 237 1.67 -24.76 4.82
C GLY C 237 2.42 -25.62 3.84
N SER C 238 3.59 -26.09 4.25
CA SER C 238 4.31 -27.10 3.49
C SER C 238 4.83 -28.00 4.60
N ASP C 239 3.89 -28.68 5.29
CA ASP C 239 4.25 -29.41 6.53
C ASP C 239 5.24 -30.53 6.30
N PRO C 240 6.30 -30.59 7.13
CA PRO C 240 7.25 -31.68 7.07
C PRO C 240 6.71 -32.89 7.84
N PHE C 241 7.07 -34.09 7.39
CA PHE C 241 6.63 -35.36 7.97
C PHE C 241 7.92 -36.16 8.05
N ILE C 242 8.46 -36.25 9.25
CA ILE C 242 9.81 -36.79 9.47
C ILE C 242 9.67 -38.25 9.90
N VAL C 243 10.45 -39.12 9.24
CA VAL C 243 10.42 -40.55 9.59
C VAL C 243 11.86 -40.98 9.89
N LEU C 244 12.10 -41.37 11.13
CA LEU C 244 13.46 -41.78 11.53
C LEU C 244 13.61 -43.30 11.45
N ASN C 245 14.85 -43.78 11.49
CA ASN C 245 15.15 -45.21 11.30
C ASN C 245 14.39 -46.17 12.23
N ASP C 246 14.09 -45.72 13.44
CA ASP C 246 13.44 -46.56 14.44
C ASP C 246 11.90 -46.43 14.47
N ALA C 247 11.32 -45.80 13.45
CA ALA C 247 9.87 -45.64 13.39
C ALA C 247 9.13 -46.98 13.18
N ASP C 248 7.85 -47.01 13.56
CA ASP C 248 6.98 -48.09 13.13
C ASP C 248 6.71 -47.77 11.67
N LEU C 249 7.43 -48.44 10.77
CA LEU C 249 7.38 -48.07 9.34
C LEU C 249 5.99 -48.13 8.72
N GLU C 250 5.25 -49.19 9.00
CA GLU C 250 3.95 -49.33 8.36
C GLU C 250 2.98 -48.24 8.85
N LEU C 251 2.98 -47.96 10.16
CA LEU C 251 2.11 -46.89 10.68
C LEU C 251 2.54 -45.53 10.06
N ALA C 252 3.85 -45.29 9.97
CA ALA C 252 4.34 -44.04 9.38
C ALA C 252 3.82 -43.91 7.94
N VAL C 253 3.89 -45.01 7.18
CA VAL C 253 3.43 -45.00 5.79
C VAL C 253 1.93 -44.71 5.70
N LYS C 254 1.14 -45.34 6.57
CA LYS C 254 -0.30 -45.12 6.54
C LYS C 254 -0.63 -43.67 6.87
N ALA C 255 0.03 -43.12 7.89
CA ALA C 255 -0.22 -41.74 8.30
C ALA C 255 0.23 -40.77 7.21
N ALA C 256 1.33 -41.12 6.55
CA ALA C 256 1.89 -40.29 5.47
C ALA C 256 0.89 -40.22 4.30
N VAL C 257 0.38 -41.36 3.88
CA VAL C 257 -0.56 -41.45 2.75
C VAL C 257 -1.83 -40.68 3.06
N ALA C 258 -2.36 -40.87 4.27
CA ALA C 258 -3.57 -40.16 4.68
C ALA C 258 -3.30 -38.66 4.76
N GLY C 259 -2.14 -38.29 5.30
CA GLY C 259 -1.80 -36.89 5.49
C GLY C 259 -1.64 -36.13 4.18
N ARG C 260 -1.03 -36.77 3.20
CA ARG C 260 -0.82 -36.12 1.90
C ARG C 260 -2.07 -36.10 1.04
N TYR C 261 -2.79 -37.21 1.01
CA TYR C 261 -3.86 -37.38 0.01
C TYR C 261 -5.30 -37.07 0.41
N GLN C 262 -5.54 -36.80 1.69
CA GLN C 262 -6.85 -36.32 2.15
C GLN C 262 -7.31 -35.11 1.31
N ASN C 263 -8.60 -35.05 0.95
CA ASN C 263 -9.16 -33.94 0.15
C ASN C 263 -8.34 -33.70 -1.14
N THR C 264 -7.96 -34.79 -1.78
CA THR C 264 -7.14 -34.78 -3.00
C THR C 264 -5.92 -33.84 -2.82
N GLY C 265 -5.37 -33.83 -1.60
CA GLY C 265 -4.18 -33.05 -1.25
C GLY C 265 -4.40 -31.57 -0.95
N GLN C 266 -5.64 -31.13 -1.01
CA GLN C 266 -5.97 -29.69 -0.91
C GLN C 266 -6.24 -29.30 0.55
N VAL C 267 -5.22 -29.44 1.37
CA VAL C 267 -5.36 -29.13 2.80
C VAL C 267 -4.11 -28.30 3.18
N CYS C 268 -4.33 -27.17 3.87
CA CYS C 268 -3.20 -26.31 4.28
C CYS C 268 -2.24 -27.07 5.19
N ALA C 269 -2.81 -27.86 6.10
CA ALA C 269 -1.99 -28.68 6.98
C ALA C 269 -1.74 -30.12 6.45
N ALA C 270 -1.78 -30.33 5.15
CA ALA C 270 -1.44 -31.66 4.58
C ALA C 270 0.02 -31.99 4.91
N ALA C 271 0.36 -33.26 4.94
CA ALA C 271 1.77 -33.65 4.98
C ALA C 271 2.30 -33.46 3.55
N LYS C 272 3.25 -32.54 3.36
CA LYS C 272 3.72 -32.23 2.02
C LYS C 272 5.19 -32.58 1.72
N ARG C 273 6.05 -32.49 2.74
CA ARG C 273 7.48 -32.76 2.58
C ARG C 273 7.88 -33.93 3.48
N PHE C 274 8.11 -35.11 2.87
CA PHE C 274 8.48 -36.30 3.62
C PHE C 274 9.99 -36.31 3.75
N ILE C 275 10.47 -36.29 4.98
CA ILE C 275 11.90 -36.14 5.27
C ILE C 275 12.22 -37.42 6.01
N VAL C 276 12.94 -38.32 5.32
N VAL C 276 12.97 -38.30 5.34
CA VAL C 276 13.14 -39.69 5.81
CA VAL C 276 13.15 -39.67 5.80
C VAL C 276 14.61 -40.02 6.00
C VAL C 276 14.62 -40.01 6.01
N GLU C 277 14.93 -40.57 7.17
CA GLU C 277 16.32 -40.93 7.49
C GLU C 277 16.85 -41.98 6.50
N GLU C 278 18.12 -41.82 6.11
N GLU C 278 18.10 -41.81 6.09
CA GLU C 278 18.76 -42.66 5.07
CA GLU C 278 18.73 -42.67 5.07
C GLU C 278 18.61 -44.18 5.24
C GLU C 278 18.45 -44.17 5.26
N GLY C 279 18.59 -44.66 6.48
CA GLY C 279 18.43 -46.10 6.77
C GLY C 279 17.09 -46.70 6.34
N ILE C 280 16.02 -45.92 6.48
CA ILE C 280 14.68 -46.40 6.21
C ILE C 280 14.09 -45.79 4.93
N ALA C 281 14.84 -44.88 4.31
CA ALA C 281 14.36 -44.15 3.15
C ALA C 281 13.79 -45.02 2.03
N GLN C 282 14.52 -46.04 1.62
CA GLN C 282 14.06 -46.83 0.49
C GLN C 282 12.82 -47.64 0.84
N ALA C 283 12.81 -48.24 2.04
CA ALA C 283 11.63 -49.02 2.46
C ALA C 283 10.38 -48.14 2.56
N PHE C 284 10.53 -46.95 3.14
CA PHE C 284 9.44 -46.01 3.22
C PHE C 284 8.96 -45.64 1.82
N THR C 285 9.91 -45.35 0.93
CA THR C 285 9.56 -44.89 -0.43
C THR C 285 8.79 -45.97 -1.19
N ASP C 286 9.28 -47.22 -1.14
CA ASP C 286 8.64 -48.33 -1.84
C ASP C 286 7.20 -48.52 -1.38
N ARG C 287 7.00 -48.48 -0.06
CA ARG C 287 5.68 -48.71 0.52
C ARG C 287 4.73 -47.57 0.25
N PHE C 288 5.25 -46.35 0.38
CA PHE C 288 4.45 -45.16 0.12
C PHE C 288 3.96 -45.12 -1.34
N VAL C 289 4.88 -45.35 -2.28
CA VAL C 289 4.50 -45.40 -3.69
C VAL C 289 3.45 -46.46 -3.95
N ALA C 290 3.60 -47.64 -3.36
CA ALA C 290 2.62 -48.72 -3.59
C ALA C 290 1.25 -48.33 -3.06
N ALA C 291 1.20 -47.75 -1.86
CA ALA C 291 -0.09 -47.37 -1.28
C ALA C 291 -0.71 -46.24 -2.09
N ALA C 292 0.10 -45.27 -2.52
CA ALA C 292 -0.44 -44.14 -3.32
C ALA C 292 -1.02 -44.64 -4.66
N ALA C 293 -0.33 -45.59 -5.28
CA ALA C 293 -0.73 -46.15 -6.58
C ALA C 293 -2.05 -46.91 -6.47
N ALA C 294 -2.31 -47.45 -5.29
CA ALA C 294 -3.53 -48.21 -5.05
C ALA C 294 -4.74 -47.34 -4.71
N LEU C 295 -4.53 -46.03 -4.45
CA LEU C 295 -5.66 -45.13 -4.17
C LEU C 295 -6.57 -45.08 -5.39
N LYS C 296 -7.87 -45.10 -5.17
CA LYS C 296 -8.85 -45.04 -6.27
C LYS C 296 -9.25 -43.61 -6.58
N MSE C 297 -9.08 -43.22 -7.83
CA MSE C 297 -9.44 -41.85 -8.23
C MSE C 297 -10.57 -41.89 -9.24
O MSE C 297 -10.54 -42.72 -10.15
CB MSE C 297 -8.24 -41.14 -8.86
CG MSE C 297 -8.59 -39.75 -9.26
SE MSE C 297 -6.98 -38.90 -10.01
CE MSE C 297 -6.67 -40.06 -11.46
N GLY C 298 -11.54 -41.01 -9.10
CA GLY C 298 -12.68 -40.95 -10.01
C GLY C 298 -13.87 -40.21 -9.46
N ASP C 299 -15.04 -40.45 -10.06
CA ASP C 299 -16.28 -39.75 -9.74
C ASP C 299 -16.40 -39.64 -8.20
N PRO C 300 -16.44 -38.40 -7.66
CA PRO C 300 -16.46 -38.23 -6.20
C PRO C 300 -17.82 -38.57 -5.60
N LEU C 301 -18.82 -38.86 -6.44
CA LEU C 301 -20.12 -39.30 -5.93
C LEU C 301 -20.10 -40.77 -5.54
N VAL C 302 -19.03 -41.47 -5.92
CA VAL C 302 -18.89 -42.88 -5.62
C VAL C 302 -18.16 -42.97 -4.28
N GLU C 303 -18.89 -43.46 -3.27
N GLU C 303 -18.88 -43.41 -3.25
CA GLU C 303 -18.47 -43.49 -1.86
CA GLU C 303 -18.37 -43.47 -1.87
C GLU C 303 -17.10 -44.14 -1.60
C GLU C 303 -16.97 -44.00 -1.75
N GLU C 304 -16.70 -45.08 -2.47
CA GLU C 304 -15.41 -45.78 -2.38
C GLU C 304 -14.20 -45.14 -3.07
N ASN C 305 -14.38 -44.06 -3.82
CA ASN C 305 -13.22 -43.44 -4.47
C ASN C 305 -12.49 -42.62 -3.43
N ASP C 306 -11.16 -42.69 -3.41
CA ASP C 306 -10.35 -41.99 -2.40
C ASP C 306 -9.98 -40.59 -2.81
N LEU C 307 -9.84 -40.40 -4.12
CA LEU C 307 -9.41 -39.12 -4.68
C LEU C 307 -10.44 -38.63 -5.69
N GLY C 308 -10.77 -37.34 -5.62
CA GLY C 308 -11.64 -36.74 -6.63
C GLY C 308 -10.82 -35.94 -7.63
N PRO C 309 -11.51 -35.13 -8.44
CA PRO C 309 -10.79 -34.18 -9.30
C PRO C 309 -10.36 -33.04 -8.38
N MSE C 310 -9.36 -32.24 -8.78
CA MSE C 310 -9.07 -31.02 -8.04
C MSE C 310 -10.17 -29.98 -8.25
O MSE C 310 -10.89 -30.03 -9.25
CB MSE C 310 -7.70 -30.46 -8.49
CG MSE C 310 -6.63 -31.42 -8.10
SE MSE C 310 -4.87 -30.85 -8.72
CE MSE C 310 -4.75 -29.12 -7.75
N ALA C 311 -10.27 -29.04 -7.32
CA ALA C 311 -11.37 -28.10 -7.32
C ALA C 311 -11.36 -27.10 -8.47
N ARG C 312 -10.17 -26.65 -8.87
CA ARG C 312 -10.07 -25.54 -9.84
C ARG C 312 -9.14 -25.90 -10.99
N PHE C 313 -9.59 -25.65 -12.23
CA PHE C 313 -8.79 -26.02 -13.37
C PHE C 313 -7.47 -25.27 -13.39
N ASP C 314 -7.49 -23.98 -13.11
CA ASP C 314 -6.24 -23.22 -13.09
C ASP C 314 -5.24 -23.74 -12.03
N LEU C 315 -5.76 -24.22 -10.90
CA LEU C 315 -4.88 -24.74 -9.86
C LEU C 315 -4.26 -26.08 -10.25
N ARG C 316 -4.97 -26.92 -11.00
CA ARG C 316 -4.36 -28.13 -11.54
C ARG C 316 -3.21 -27.76 -12.50
N ASP C 317 -3.42 -26.73 -13.31
CA ASP C 317 -2.37 -26.28 -14.25
C ASP C 317 -1.12 -25.80 -13.49
N GLU C 318 -1.35 -25.04 -12.43
CA GLU C 318 -0.26 -24.52 -11.60
C GLU C 318 0.49 -25.67 -10.94
N LEU C 319 -0.26 -26.64 -10.41
CA LEU C 319 0.35 -27.79 -9.76
C LEU C 319 1.20 -28.60 -10.75
N HIS C 320 0.70 -28.79 -11.97
CA HIS C 320 1.46 -29.55 -12.96
C HIS C 320 2.77 -28.83 -13.29
N GLN C 321 2.72 -27.51 -13.41
CA GLN C 321 3.93 -26.72 -13.60
C GLN C 321 4.94 -26.87 -12.46
N GLN C 322 4.45 -26.99 -11.22
CA GLN C 322 5.33 -27.19 -10.08
C GLN C 322 5.98 -28.56 -10.21
N VAL C 323 5.24 -29.57 -10.67
CA VAL C 323 5.83 -30.89 -10.91
C VAL C 323 6.85 -30.83 -12.06
N GLN C 324 6.47 -30.18 -13.16
CA GLN C 324 7.39 -30.04 -14.30
C GLN C 324 8.71 -29.35 -13.90
N ALA C 325 8.62 -28.25 -13.14
CA ALA C 325 9.82 -27.53 -12.68
C ALA C 325 10.66 -28.41 -11.78
N SER C 326 10.03 -29.12 -10.84
CA SER C 326 10.79 -30.04 -9.96
C SER C 326 11.56 -31.10 -10.76
N VAL C 327 10.90 -31.72 -11.72
CA VAL C 327 11.57 -32.73 -12.55
C VAL C 327 12.72 -32.09 -13.35
N ALA C 328 12.49 -30.91 -13.91
CA ALA C 328 13.53 -30.16 -14.64
C ALA C 328 14.74 -29.87 -13.73
N GLU C 329 14.46 -29.65 -12.45
CA GLU C 329 15.50 -29.36 -11.47
C GLU C 329 16.25 -30.61 -11.00
N GLY C 330 15.73 -31.78 -11.34
CA GLY C 330 16.38 -33.03 -10.99
C GLY C 330 15.61 -34.01 -10.12
N ALA C 331 14.40 -33.64 -9.70
CA ALA C 331 13.57 -34.60 -8.95
C ALA C 331 13.25 -35.84 -9.79
N ARG C 332 13.08 -36.98 -9.13
CA ARG C 332 12.76 -38.22 -9.81
C ARG C 332 11.27 -38.52 -9.68
N LEU C 333 10.60 -38.63 -10.82
CA LEU C 333 9.17 -38.94 -10.85
C LEU C 333 8.93 -40.44 -10.66
N LEU C 334 8.42 -40.85 -9.49
CA LEU C 334 8.18 -42.28 -9.22
C LEU C 334 6.77 -42.76 -9.55
N LEU C 335 5.83 -41.80 -9.62
CA LEU C 335 4.43 -42.12 -9.87
C LEU C 335 3.70 -40.86 -10.36
N GLY C 336 2.80 -41.02 -11.33
CA GLY C 336 1.89 -39.93 -11.70
C GLY C 336 2.57 -38.79 -12.43
N GLY C 337 2.26 -37.56 -12.03
CA GLY C 337 2.84 -36.37 -12.67
C GLY C 337 2.20 -36.03 -14.02
N GLU C 338 0.92 -36.35 -14.16
N GLU C 338 0.92 -36.37 -14.15
CA GLU C 338 0.21 -36.06 -15.41
CA GLU C 338 0.17 -36.13 -15.39
C GLU C 338 -1.25 -35.71 -15.14
C GLU C 338 -1.26 -35.67 -15.08
N LYS C 339 -1.78 -34.79 -15.93
CA LYS C 339 -3.20 -34.45 -15.90
C LYS C 339 -3.89 -35.66 -16.54
N ILE C 340 -5.04 -36.04 -16.02
CA ILE C 340 -5.80 -37.12 -16.62
C ILE C 340 -6.67 -36.60 -17.77
N ALA C 341 -6.60 -37.27 -18.94
CA ALA C 341 -7.39 -36.84 -20.08
C ALA C 341 -8.87 -36.94 -19.77
N GLY C 342 -9.64 -35.98 -20.27
CA GLY C 342 -11.09 -35.96 -20.08
C GLY C 342 -11.56 -34.55 -19.77
N GLU C 343 -12.86 -34.42 -19.54
CA GLU C 343 -13.43 -33.09 -19.29
C GLU C 343 -13.38 -32.66 -17.83
N GLY C 344 -13.13 -33.62 -16.94
CA GLY C 344 -13.01 -33.31 -15.51
C GLY C 344 -11.63 -32.78 -15.20
N ASN C 345 -11.42 -32.41 -13.94
CA ASN C 345 -10.18 -31.80 -13.48
C ASN C 345 -9.29 -32.74 -12.64
N TYR C 346 -9.04 -33.94 -13.16
CA TYR C 346 -8.25 -34.92 -12.42
C TYR C 346 -6.75 -34.82 -12.66
N TYR C 347 -5.98 -35.01 -11.58
CA TYR C 347 -4.53 -35.05 -11.63
C TYR C 347 -4.10 -36.35 -10.96
N ALA C 348 -3.22 -37.10 -11.60
CA ALA C 348 -2.76 -38.40 -11.04
C ALA C 348 -2.10 -38.28 -9.66
N ALA C 349 -2.35 -39.25 -8.77
CA ALA C 349 -1.61 -39.27 -7.51
C ALA C 349 -0.13 -39.38 -7.90
N THR C 350 0.70 -38.53 -7.31
CA THR C 350 2.08 -38.32 -7.74
C THR C 350 3.07 -38.41 -6.59
N VAL C 351 4.24 -38.97 -6.88
CA VAL C 351 5.32 -39.01 -5.92
C VAL C 351 6.62 -38.57 -6.61
N LEU C 352 7.27 -37.57 -6.02
CA LEU C 352 8.56 -37.06 -6.45
C LEU C 352 9.58 -37.47 -5.39
N ALA C 353 10.69 -38.07 -5.83
CA ALA C 353 11.78 -38.44 -4.93
C ALA C 353 13.09 -37.71 -5.29
N ASP C 354 14.13 -37.91 -4.49
CA ASP C 354 15.42 -37.21 -4.69
C ASP C 354 15.19 -35.69 -4.65
N VAL C 355 14.25 -35.25 -3.82
CA VAL C 355 13.96 -33.83 -3.71
C VAL C 355 14.97 -33.19 -2.75
N THR C 356 15.65 -32.14 -3.23
CA THR C 356 16.61 -31.40 -2.41
C THR C 356 16.02 -30.01 -2.09
N PRO C 357 16.55 -29.31 -1.04
CA PRO C 357 15.94 -28.06 -0.56
C PRO C 357 15.88 -26.89 -1.56
N ASP C 358 16.69 -26.93 -2.61
CA ASP C 358 16.64 -25.89 -3.63
C ASP C 358 15.44 -26.05 -4.59
N MSE C 359 14.74 -27.17 -4.54
CA MSE C 359 13.70 -27.48 -5.55
C MSE C 359 12.31 -26.94 -5.27
O MSE C 359 11.92 -26.79 -4.12
CB MSE C 359 13.60 -28.98 -5.77
CG MSE C 359 14.89 -29.55 -6.33
SE MSE C 359 14.66 -31.46 -6.66
CE MSE C 359 16.48 -31.90 -7.12
N THR C 360 11.58 -26.68 -6.36
CA THR C 360 10.19 -26.18 -6.31
C THR C 360 9.33 -27.01 -5.33
N ALA C 361 9.43 -28.33 -5.43
CA ALA C 361 8.64 -29.25 -4.59
C ALA C 361 8.95 -29.14 -3.08
N PHE C 362 10.12 -28.58 -2.76
CA PHE C 362 10.53 -28.38 -1.36
C PHE C 362 10.24 -26.97 -0.90
N ARG C 363 10.32 -25.99 -1.81
CA ARG C 363 10.18 -24.61 -1.38
C ARG C 363 8.79 -23.99 -1.49
N GLN C 364 7.94 -24.55 -2.33
CA GLN C 364 6.59 -24.03 -2.54
C GLN C 364 5.55 -24.99 -2.00
N GLU C 365 4.37 -24.46 -1.67
CA GLU C 365 3.24 -25.29 -1.23
C GLU C 365 2.66 -26.03 -2.43
N LEU C 366 2.67 -27.35 -2.39
CA LEU C 366 2.06 -28.17 -3.45
C LEU C 366 0.65 -28.53 -3.02
N PHE C 367 -0.33 -27.77 -3.49
CA PHE C 367 -1.73 -27.89 -3.01
C PHE C 367 -2.55 -28.90 -3.86
N GLY C 368 -2.15 -30.17 -3.83
CA GLY C 368 -2.80 -31.18 -4.67
C GLY C 368 -2.08 -32.48 -4.37
N PRO C 369 -2.40 -33.54 -5.12
CA PRO C 369 -1.91 -34.89 -4.75
C PRO C 369 -0.46 -35.19 -5.19
N VAL C 370 0.51 -34.44 -4.66
CA VAL C 370 1.92 -34.60 -5.03
C VAL C 370 2.79 -34.67 -3.79
N ALA C 371 3.35 -35.85 -3.54
CA ALA C 371 4.24 -36.06 -2.42
C ALA C 371 5.70 -35.75 -2.82
N ALA C 372 6.45 -35.11 -1.93
CA ALA C 372 7.88 -34.84 -2.13
C ALA C 372 8.65 -35.60 -1.06
N ILE C 373 9.61 -36.42 -1.49
CA ILE C 373 10.43 -37.21 -0.56
C ILE C 373 11.90 -36.77 -0.61
N THR C 374 12.44 -36.44 0.55
CA THR C 374 13.79 -35.95 0.75
C THR C 374 14.48 -36.87 1.77
N VAL C 375 15.72 -37.24 1.49
CA VAL C 375 16.47 -38.13 2.38
C VAL C 375 17.31 -37.31 3.35
N ALA C 376 17.24 -37.67 4.64
CA ALA C 376 17.99 -37.00 5.68
C ALA C 376 19.14 -37.91 6.17
N LYS C 377 20.30 -37.32 6.40
CA LYS C 377 21.47 -38.05 6.89
C LYS C 377 21.26 -38.61 8.29
N ASP C 378 20.62 -37.84 9.17
CA ASP C 378 20.34 -38.24 10.54
C ASP C 378 19.26 -37.32 11.09
N ALA C 379 18.91 -37.49 12.37
CA ALA C 379 17.81 -36.71 12.94
C ALA C 379 18.10 -35.20 12.99
N ALA C 380 19.38 -34.81 13.17
CA ALA C 380 19.73 -33.39 13.16
C ALA C 380 19.49 -32.80 11.78
N HIS C 381 19.89 -33.53 10.74
CA HIS C 381 19.67 -33.10 9.36
C HIS C 381 18.17 -33.00 9.07
N ALA C 382 17.40 -33.98 9.55
CA ALA C 382 15.93 -34.00 9.35
C ALA C 382 15.28 -32.75 9.94
N LEU C 383 15.69 -32.38 11.16
CA LEU C 383 15.16 -31.18 11.80
C LEU C 383 15.51 -29.91 11.01
N ALA C 384 16.77 -29.82 10.57
CA ALA C 384 17.21 -28.68 9.76
C ALA C 384 16.40 -28.58 8.46
N LEU C 385 16.19 -29.71 7.79
CA LEU C 385 15.36 -29.75 6.57
C LEU C 385 13.93 -29.31 6.86
N ALA C 386 13.35 -29.86 7.93
CA ALA C 386 11.99 -29.51 8.31
C ALA C 386 11.83 -27.98 8.46
N ASN C 387 12.80 -27.34 9.11
CA ASN C 387 12.71 -25.91 9.42
C ASN C 387 13.17 -24.99 8.30
N ASP C 388 13.72 -25.57 7.23
CA ASP C 388 14.16 -24.80 6.07
C ASP C 388 12.96 -24.57 5.15
N SER C 389 12.03 -23.74 5.60
CA SER C 389 10.81 -23.48 4.87
C SER C 389 10.32 -22.09 5.27
N GLU C 390 9.65 -21.43 4.33
CA GLU C 390 8.99 -20.17 4.62
C GLU C 390 7.67 -20.37 5.33
N PHE C 391 7.20 -21.61 5.41
CA PHE C 391 5.92 -21.94 6.05
C PHE C 391 6.14 -22.58 7.40
N GLY C 392 5.10 -22.64 8.23
CA GLY C 392 5.27 -23.25 9.55
C GLY C 392 3.93 -23.54 10.20
N LEU C 393 3.14 -24.41 9.58
CA LEU C 393 1.81 -24.68 10.11
C LEU C 393 1.80 -25.86 11.08
N SER C 394 2.06 -27.06 10.60
CA SER C 394 2.21 -28.19 11.52
C SER C 394 3.28 -29.16 11.03
N ALA C 395 3.52 -30.20 11.81
CA ALA C 395 4.58 -31.14 11.48
C ALA C 395 4.25 -32.50 12.08
N THR C 396 4.85 -33.55 11.53
CA THR C 396 4.72 -34.89 12.11
C THR C 396 6.13 -35.46 12.32
N ILE C 397 6.33 -36.22 13.40
CA ILE C 397 7.58 -36.97 13.64
C ILE C 397 7.24 -38.42 14.00
N PHE C 398 7.78 -39.37 13.25
CA PHE C 398 7.67 -40.78 13.57
C PHE C 398 9.00 -41.30 14.06
N THR C 399 9.03 -41.73 15.32
CA THR C 399 10.23 -42.34 15.90
C THR C 399 9.88 -43.07 17.20
N ALA C 400 10.62 -44.14 17.48
CA ALA C 400 10.47 -44.88 18.74
C ALA C 400 11.11 -44.15 19.92
N ASP C 401 11.92 -43.13 19.64
CA ASP C 401 12.64 -42.39 20.68
C ASP C 401 11.80 -41.21 21.19
N ASP C 402 11.04 -41.45 22.25
CA ASP C 402 10.09 -40.46 22.80
C ASP C 402 10.74 -39.19 23.28
N THR C 403 11.89 -39.32 23.93
CA THR C 403 12.64 -38.19 24.42
C THR C 403 13.08 -37.32 23.24
N LEU C 404 13.63 -37.95 22.22
CA LEU C 404 14.09 -37.25 21.03
C LEU C 404 12.91 -36.54 20.34
N ALA C 405 11.80 -37.24 20.21
CA ALA C 405 10.57 -36.68 19.60
C ALA C 405 10.15 -35.41 20.30
N ALA C 406 10.09 -35.45 21.64
CA ALA C 406 9.74 -34.27 22.43
C ALA C 406 10.73 -33.10 22.24
N GLU C 407 12.03 -33.43 22.19
N GLU C 407 12.03 -33.40 22.18
CA GLU C 407 13.11 -32.47 21.93
CA GLU C 407 13.05 -32.37 21.94
C GLU C 407 12.96 -31.80 20.56
C GLU C 407 12.93 -31.77 20.55
N MSE C 408 12.69 -32.61 19.54
CA MSE C 408 12.50 -32.10 18.19
C MSE C 408 11.26 -31.23 18.09
O MSE C 408 11.28 -30.20 17.41
CB MSE C 408 12.46 -33.24 17.18
CG MSE C 408 13.84 -33.87 17.01
SE MSE C 408 13.78 -35.53 15.96
CE MSE C 408 13.65 -34.76 14.15
N ALA C 409 10.19 -31.62 18.78
CA ALA C 409 8.94 -30.84 18.78
C ALA C 409 9.23 -29.42 19.26
N ALA C 410 10.02 -29.29 20.32
CA ALA C 410 10.36 -27.98 20.91
C ALA C 410 11.14 -27.11 19.92
N ARG C 411 11.87 -27.76 19.01
CA ARG C 411 12.71 -27.05 18.04
C ARG C 411 12.08 -26.89 16.65
N LEU C 412 10.90 -27.49 16.45
CA LEU C 412 10.20 -27.34 15.16
C LEU C 412 9.49 -25.99 15.13
N GLU C 413 9.68 -25.26 14.03
CA GLU C 413 9.14 -23.92 13.90
C GLU C 413 7.76 -23.99 13.22
N CYS C 414 6.79 -24.49 13.97
CA CYS C 414 5.41 -24.63 13.51
C CYS C 414 4.46 -24.65 14.70
N GLY C 415 3.17 -24.46 14.44
CA GLY C 415 2.18 -24.34 15.51
C GLY C 415 1.59 -25.65 15.98
N GLY C 416 1.93 -26.76 15.33
CA GLY C 416 1.40 -28.07 15.76
C GLY C 416 2.39 -29.16 15.45
N VAL C 417 2.60 -30.09 16.38
CA VAL C 417 3.49 -31.20 16.11
C VAL C 417 2.77 -32.50 16.54
N PHE C 418 2.71 -33.46 15.63
CA PHE C 418 2.11 -34.75 15.88
C PHE C 418 3.21 -35.79 15.94
N ILE C 419 3.29 -36.49 17.08
CA ILE C 419 4.32 -37.52 17.27
C ILE C 419 3.67 -38.90 17.12
N ASN C 420 4.17 -39.71 16.18
CA ASN C 420 3.63 -41.07 15.95
C ASN C 420 2.10 -41.12 15.81
N GLY C 421 1.57 -40.25 14.96
CA GLY C 421 0.12 -40.22 14.73
C GLY C 421 -0.27 -39.38 13.53
N TYR C 422 -1.58 -39.18 13.40
CA TYR C 422 -2.19 -38.52 12.24
C TYR C 422 -2.55 -37.08 12.58
N SER C 423 -2.00 -36.11 11.84
CA SER C 423 -2.31 -34.71 12.13
C SER C 423 -3.75 -34.39 11.76
N ALA C 424 -4.39 -33.52 12.54
CA ALA C 424 -5.74 -33.07 12.25
C ALA C 424 -6.04 -31.83 13.08
N SER C 425 -7.03 -31.06 12.66
CA SER C 425 -7.54 -30.01 13.54
C SER C 425 -8.57 -30.64 14.48
N ASP C 426 -8.73 -30.08 15.68
CA ASP C 426 -9.65 -30.61 16.67
C ASP C 426 -10.01 -29.46 17.60
N ALA C 427 -11.31 -29.33 17.91
CA ALA C 427 -11.81 -28.26 18.80
C ALA C 427 -11.03 -28.12 20.09
N ARG C 428 -10.48 -29.23 20.60
CA ARG C 428 -9.80 -29.24 21.90
C ARG C 428 -8.39 -28.66 21.91
N VAL C 429 -7.82 -28.38 20.75
CA VAL C 429 -6.42 -27.89 20.72
C VAL C 429 -6.27 -26.71 19.75
N ALA C 430 -5.21 -25.90 19.95
CA ALA C 430 -4.94 -24.74 19.11
C ALA C 430 -4.56 -25.17 17.68
N PHE C 431 -4.92 -24.34 16.72
CA PHE C 431 -4.58 -24.57 15.31
C PHE C 431 -4.08 -23.25 14.73
N GLY C 432 -2.97 -23.30 14.00
CA GLY C 432 -2.45 -22.09 13.34
C GLY C 432 -0.95 -22.15 13.36
N GLY C 433 -0.29 -21.30 12.58
CA GLY C 433 1.15 -21.45 12.48
C GLY C 433 1.98 -20.19 12.61
N VAL C 434 3.18 -20.24 12.04
CA VAL C 434 4.14 -19.14 12.15
C VAL C 434 4.68 -18.87 10.75
N LYS C 435 5.61 -17.90 10.65
CA LYS C 435 6.21 -17.54 9.36
C LYS C 435 5.12 -17.20 8.33
N LYS C 436 5.26 -17.64 7.07
CA LYS C 436 4.25 -17.30 6.05
C LYS C 436 2.92 -18.06 6.17
N SER C 437 2.84 -19.03 7.11
CA SER C 437 1.55 -19.66 7.39
C SER C 437 0.59 -18.70 8.13
N GLY C 438 1.11 -17.54 8.56
CA GLY C 438 0.25 -16.51 9.18
C GLY C 438 0.51 -16.26 10.65
N PHE C 439 -0.55 -15.98 11.39
CA PHE C 439 -0.44 -15.75 12.82
C PHE C 439 -1.83 -15.79 13.42
N GLY C 440 -1.90 -15.94 14.74
CA GLY C 440 -3.19 -16.05 15.42
C GLY C 440 -3.53 -17.53 15.53
N ARG C 441 -4.46 -17.85 16.43
CA ARG C 441 -4.79 -19.27 16.67
C ARG C 441 -6.30 -19.45 16.64
N GLU C 442 -6.71 -20.60 16.14
CA GLU C 442 -8.12 -20.97 16.11
C GLU C 442 -8.35 -22.13 17.07
N LEU C 443 -9.63 -22.32 17.41
CA LEU C 443 -10.12 -23.44 18.22
C LEU C 443 -9.73 -23.36 19.68
N SER C 444 -10.21 -24.32 20.46
CA SER C 444 -10.09 -24.29 21.92
C SER C 444 -10.46 -22.88 22.44
N HIS C 445 -9.82 -22.40 23.50
CA HIS C 445 -10.15 -21.05 24.01
C HIS C 445 -9.48 -19.95 23.18
N PHE C 446 -8.49 -20.33 22.38
CA PHE C 446 -7.77 -19.39 21.49
C PHE C 446 -8.67 -18.74 20.47
N GLY C 447 -9.43 -19.56 19.74
CA GLY C 447 -10.34 -19.05 18.74
C GLY C 447 -11.46 -18.21 19.34
N LEU C 448 -11.81 -18.49 20.57
CA LEU C 448 -12.87 -17.73 21.23
C LEU C 448 -12.33 -16.36 21.67
N HIS C 449 -11.14 -16.33 22.26
CA HIS C 449 -10.60 -15.07 22.78
C HIS C 449 -9.97 -14.14 21.73
N GLU C 450 -9.61 -14.68 20.56
CA GLU C 450 -8.96 -13.84 19.53
C GLU C 450 -9.84 -12.65 19.17
N PHE C 451 -11.15 -12.86 19.15
CA PHE C 451 -12.06 -11.76 18.79
C PHE C 451 -12.87 -11.25 19.96
N CYS C 452 -12.24 -11.23 21.13
CA CYS C 452 -12.81 -10.54 22.31
C CYS C 452 -12.07 -9.24 22.60
N ASN C 453 -12.80 -8.29 23.17
CA ASN C 453 -12.21 -7.11 23.80
C ASN C 453 -11.89 -7.57 25.24
N VAL C 454 -10.61 -7.85 25.50
CA VAL C 454 -10.14 -8.26 26.81
C VAL C 454 -10.13 -6.98 27.65
N GLN C 455 -11.01 -6.90 28.64
CA GLN C 455 -11.24 -5.63 29.35
C GLN C 455 -10.96 -5.76 30.83
N THR C 456 -10.01 -4.97 31.35
CA THR C 456 -9.77 -4.87 32.79
C THR C 456 -10.88 -4.04 33.43
N VAL C 457 -11.47 -4.55 34.52
CA VAL C 457 -12.43 -3.78 35.31
C VAL C 457 -11.89 -3.71 36.72
N TRP C 458 -11.52 -2.49 37.16
CA TRP C 458 -10.83 -2.36 38.45
C TRP C 458 -11.56 -1.33 39.31
N LYS C 459 -12.06 -1.77 40.46
CA LYS C 459 -12.81 -0.91 41.38
C LYS C 459 -11.90 -0.40 42.48
N ASN C 460 -12.13 0.84 42.88
CA ASN C 460 -11.44 1.46 44.02
C ASN C 460 -9.91 1.46 43.96
N ARG C 461 -9.33 1.72 42.78
CA ARG C 461 -7.86 1.79 42.66
C ARG C 461 -7.50 3.13 43.31
N VAL C 462 -6.96 2.95 44.52
CA VAL C 462 -6.93 3.89 45.65
C VAL C 462 -8.10 4.87 45.85
N ALA D 9 -9.21 22.04 9.49
CA ALA D 9 -9.04 23.18 8.54
C ALA D 9 -9.22 24.48 9.30
N LEU D 10 -8.11 24.99 9.81
CA LEU D 10 -8.10 26.22 10.59
C LEU D 10 -7.21 27.22 9.88
N SER D 11 -7.67 28.46 9.78
CA SER D 11 -6.89 29.57 9.27
C SER D 11 -6.47 30.41 10.46
N VAL D 12 -5.18 30.74 10.51
CA VAL D 12 -4.62 31.57 11.57
C VAL D 12 -3.71 32.55 10.85
N ASN D 13 -3.82 33.83 11.20
CA ASN D 13 -2.94 34.83 10.61
C ASN D 13 -1.56 34.66 11.22
N PRO D 14 -0.54 34.29 10.40
CA PRO D 14 0.80 34.03 10.96
C PRO D 14 1.53 35.28 11.48
N ALA D 15 1.07 36.45 11.08
CA ALA D 15 1.68 37.70 11.52
C ALA D 15 1.26 38.02 12.96
N THR D 16 0.07 37.55 13.34
CA THR D 16 -0.52 37.88 14.65
C THR D 16 -0.75 36.68 15.58
N GLY D 17 -0.80 35.48 15.00
CA GLY D 17 -1.11 34.28 15.78
C GLY D 17 -2.59 34.11 16.07
N GLN D 18 -3.43 34.96 15.49
CA GLN D 18 -4.84 34.93 15.80
C GLN D 18 -5.68 34.18 14.77
N THR D 19 -6.65 33.45 15.31
CA THR D 19 -7.57 32.64 14.54
C THR D 19 -8.32 33.49 13.53
N LEU D 20 -8.38 33.02 12.29
CA LEU D 20 -9.14 33.70 11.23
C LEU D 20 -10.47 33.03 10.99
N ALA D 21 -10.47 31.71 10.95
CA ALA D 21 -11.69 30.96 10.70
C ALA D 21 -11.41 29.49 10.81
N ALA D 22 -12.48 28.71 10.99
CA ALA D 22 -12.41 27.26 11.02
C ALA D 22 -13.47 26.78 10.05
N MSE D 23 -13.11 25.87 9.15
CA MSE D 23 -14.08 25.34 8.20
C MSE D 23 -14.13 23.81 8.29
O MSE D 23 -13.13 23.15 8.09
CB MSE D 23 -13.70 25.77 6.79
CG MSE D 23 -14.73 25.38 5.77
SE MSE D 23 -14.02 25.69 3.98
CE MSE D 23 -15.65 25.28 2.96
N PRO D 24 -15.33 23.25 8.60
CA PRO D 24 -15.35 21.79 8.74
C PRO D 24 -15.03 21.09 7.42
N TRP D 25 -14.57 19.85 7.53
CA TRP D 25 -14.25 19.04 6.36
C TRP D 25 -15.54 18.73 5.62
N ALA D 26 -15.44 18.56 4.31
CA ALA D 26 -16.60 18.21 3.50
C ALA D 26 -17.14 16.84 3.94
N ASN D 27 -18.45 16.70 4.02
CA ASN D 27 -19.03 15.40 4.39
C ASN D 27 -19.26 14.57 3.13
N ALA D 28 -19.80 13.36 3.29
CA ALA D 28 -20.02 12.44 2.16
C ALA D 28 -20.91 13.03 1.08
N GLN D 29 -21.94 13.77 1.47
CA GLN D 29 -22.84 14.37 0.49
C GLN D 29 -22.16 15.50 -0.29
N GLU D 30 -21.29 16.24 0.40
CA GLU D 30 -20.55 17.32 -0.22
C GLU D 30 -19.48 16.79 -1.21
N ILE D 31 -18.79 15.71 -0.84
CA ILE D 31 -17.86 15.05 -1.77
C ILE D 31 -18.62 14.55 -3.04
N GLU D 32 -19.73 13.84 -2.83
CA GLU D 32 -20.55 13.35 -3.95
C GLU D 32 -21.02 14.47 -4.86
N HIS D 33 -21.44 15.61 -4.26
CA HIS D 33 -21.92 16.76 -5.04
C HIS D 33 -20.81 17.39 -5.90
N ALA D 34 -19.62 17.54 -5.30
CA ALA D 34 -18.46 18.07 -6.02
C ALA D 34 -18.11 17.19 -7.23
N LEU D 35 -18.10 15.86 -7.04
CA LEU D 35 -17.78 14.94 -8.14
C LEU D 35 -18.87 14.94 -9.21
N SER D 36 -20.13 14.99 -8.77
N SER D 36 -20.13 14.99 -8.77
CA SER D 36 -21.27 14.97 -9.68
CA SER D 36 -21.28 14.98 -9.69
C SER D 36 -21.31 16.22 -10.55
C SER D 36 -21.27 16.21 -10.56
N LEU D 37 -21.07 17.38 -9.93
CA LEU D 37 -21.05 18.64 -10.64
C LEU D 37 -19.86 18.71 -11.62
N ALA D 38 -18.70 18.23 -11.15
CA ALA D 38 -17.51 18.23 -11.99
C ALA D 38 -17.74 17.40 -13.25
N ALA D 39 -18.36 16.22 -13.08
CA ALA D 39 -18.63 15.30 -14.19
C ALA D 39 -19.65 15.86 -15.18
N SER D 40 -20.70 16.51 -14.68
CA SER D 40 -21.71 17.08 -15.57
C SER D 40 -21.14 18.34 -16.25
N GLY D 41 -20.30 19.08 -15.54
CA GLY D 41 -19.65 20.26 -16.09
C GLY D 41 -18.74 19.84 -17.23
N PHE D 42 -17.94 18.79 -17.01
CA PHE D 42 -17.06 18.25 -18.06
C PHE D 42 -17.86 17.81 -19.31
N LYS D 43 -18.96 17.10 -19.09
CA LYS D 43 -19.77 16.59 -20.20
C LYS D 43 -20.19 17.71 -21.17
N LYS D 44 -20.48 18.89 -20.64
CA LYS D 44 -20.82 20.03 -21.49
C LYS D 44 -19.57 20.75 -22.00
N TRP D 45 -18.60 20.95 -21.12
CA TRP D 45 -17.40 21.71 -21.45
C TRP D 45 -16.58 21.06 -22.55
N LYS D 46 -16.54 19.74 -22.58
CA LYS D 46 -15.76 19.02 -23.57
C LYS D 46 -16.31 19.25 -25.00
N MSE D 47 -17.58 19.64 -25.08
CA MSE D 47 -18.26 19.89 -26.36
C MSE D 47 -18.11 21.31 -26.86
O MSE D 47 -18.53 21.64 -27.98
CB MSE D 47 -19.76 19.56 -26.26
CG MSE D 47 -20.05 18.14 -25.84
SE MSE D 47 -19.19 16.83 -27.02
CE MSE D 47 -20.13 17.23 -28.71
N THR D 48 -17.52 22.19 -26.04
CA THR D 48 -17.35 23.59 -26.41
C THR D 48 -16.19 23.75 -27.40
N SER D 49 -16.15 24.88 -28.11
CA SER D 49 -15.00 25.15 -28.99
C SER D 49 -13.86 25.71 -28.17
N VAL D 50 -12.65 25.56 -28.70
CA VAL D 50 -11.45 26.12 -28.08
C VAL D 50 -11.53 27.66 -28.02
N ALA D 51 -12.19 28.28 -29.01
CA ALA D 51 -12.39 29.74 -28.99
C ALA D 51 -13.23 30.16 -27.77
N GLN D 52 -14.32 29.44 -27.50
CA GLN D 52 -15.18 29.72 -26.35
C GLN D 52 -14.40 29.58 -25.03
N ARG D 53 -13.59 28.52 -24.93
CA ARG D 53 -12.77 28.30 -23.73
C ARG D 53 -11.69 29.36 -23.57
N ALA D 54 -11.09 29.77 -24.68
CA ALA D 54 -10.08 30.81 -24.60
C ALA D 54 -10.72 32.13 -24.18
N GLN D 55 -11.96 32.38 -24.63
CA GLN D 55 -12.66 33.60 -24.17
C GLN D 55 -12.93 33.53 -22.66
N THR D 56 -13.30 32.35 -22.16
CA THR D 56 -13.51 32.16 -20.72
C THR D 56 -12.23 32.52 -19.95
N LEU D 57 -11.07 32.08 -20.47
CA LEU D 57 -9.78 32.44 -19.86
C LEU D 57 -9.57 33.96 -19.76
N ARG D 58 -9.90 34.67 -20.82
CA ARG D 58 -9.79 36.14 -20.81
C ARG D 58 -10.72 36.78 -19.78
N ASP D 59 -11.93 36.22 -19.68
CA ASP D 59 -12.92 36.67 -18.70
C ASP D 59 -12.38 36.44 -17.28
N ILE D 60 -11.74 35.29 -17.06
CA ILE D 60 -11.11 35.01 -15.77
C ILE D 60 -10.03 36.05 -15.47
N GLY D 61 -9.16 36.37 -16.45
CA GLY D 61 -8.08 37.34 -16.23
C GLY D 61 -8.66 38.69 -15.82
N GLN D 62 -9.75 39.06 -16.48
CA GLN D 62 -10.45 40.32 -16.23
C GLN D 62 -11.04 40.36 -14.81
N ALA D 63 -11.74 39.30 -14.43
CA ALA D 63 -12.34 39.20 -13.10
C ALA D 63 -11.28 39.27 -12.01
N LEU D 64 -10.13 38.59 -12.22
CA LEU D 64 -9.02 38.68 -11.27
C LEU D 64 -8.51 40.09 -11.11
N ARG D 65 -8.30 40.77 -12.24
CA ARG D 65 -7.84 42.14 -12.21
C ARG D 65 -8.80 43.05 -11.45
N ALA D 66 -10.10 42.82 -11.61
CA ALA D 66 -11.14 43.62 -10.95
C ALA D 66 -11.18 43.42 -9.42
N HIS D 67 -10.66 42.29 -8.94
CA HIS D 67 -10.63 41.98 -7.51
C HIS D 67 -9.19 41.80 -7.03
N ALA D 68 -8.25 42.45 -7.70
CA ALA D 68 -6.83 42.19 -7.48
C ALA D 68 -6.35 42.51 -6.06
N GLU D 69 -6.78 43.65 -5.52
CA GLU D 69 -6.31 44.02 -4.19
C GLU D 69 -6.92 43.13 -3.11
N GLU D 70 -8.20 42.80 -3.24
CA GLU D 70 -8.90 41.93 -2.30
C GLU D 70 -8.23 40.54 -2.27
N MSE D 71 -7.83 40.07 -3.46
CA MSE D 71 -7.16 38.77 -3.60
C MSE D 71 -5.80 38.82 -2.91
O MSE D 71 -5.49 37.93 -2.09
CB MSE D 71 -7.01 38.44 -5.10
CG MSE D 71 -6.48 37.02 -5.43
SE MSE D 71 -7.75 35.61 -4.91
CE MSE D 71 -6.85 34.92 -3.31
N ALA D 72 -5.00 39.84 -3.22
CA ALA D 72 -3.68 40.02 -2.61
C ALA D 72 -3.77 40.11 -1.09
N GLN D 73 -4.73 40.89 -0.59
CA GLN D 73 -4.91 41.02 0.86
C GLN D 73 -5.24 39.68 1.51
N CYS D 74 -6.09 38.90 0.87
CA CYS D 74 -6.47 37.58 1.38
C CYS D 74 -5.24 36.64 1.48
N ILE D 75 -4.42 36.63 0.43
CA ILE D 75 -3.19 35.82 0.39
C ILE D 75 -2.27 36.18 1.57
N THR D 76 -2.01 37.48 1.74
CA THR D 76 -1.17 37.96 2.84
C THR D 76 -1.76 37.64 4.21
N ARG D 77 -3.06 37.85 4.37
CA ARG D 77 -3.73 37.62 5.66
C ARG D 77 -3.61 36.17 6.12
N GLU D 78 -3.85 35.23 5.19
CA GLU D 78 -3.86 33.82 5.57
C GLU D 78 -2.50 33.15 5.67
N MSE D 79 -1.52 33.56 4.86
CA MSE D 79 -0.23 32.86 4.90
C MSE D 79 1.03 33.72 5.05
O MSE D 79 2.15 33.18 5.05
CB MSE D 79 -0.12 31.79 3.77
CG MSE D 79 -0.41 32.28 2.35
SE MSE D 79 1.00 33.49 1.71
CE MSE D 79 2.58 32.36 1.93
N GLY D 80 0.87 35.05 5.19
CA GLY D 80 2.02 35.90 5.63
C GLY D 80 2.93 36.57 4.62
N LYS D 81 2.68 36.32 3.35
CA LYS D 81 3.48 36.85 2.24
C LYS D 81 3.48 38.40 2.24
N PRO D 82 4.65 39.03 2.11
CA PRO D 82 4.67 40.50 1.97
C PRO D 82 3.67 40.94 0.91
N ILE D 83 2.91 42.00 1.19
CA ILE D 83 1.84 42.42 0.29
C ILE D 83 2.29 42.70 -1.16
N LYS D 84 3.51 43.22 -1.34
CA LYS D 84 4.01 43.53 -2.69
C LYS D 84 4.12 42.23 -3.50
N GLN D 85 4.55 41.17 -2.80
CA GLN D 85 4.67 39.84 -3.42
C GLN D 85 3.31 39.19 -3.70
N ALA D 86 2.31 39.43 -2.83
CA ALA D 86 0.95 38.95 -3.06
C ALA D 86 0.36 39.64 -4.29
N ARG D 87 0.62 40.94 -4.44
CA ARG D 87 0.14 41.69 -5.61
C ARG D 87 0.81 41.18 -6.90
N ALA D 88 2.10 40.87 -6.81
CA ALA D 88 2.83 40.35 -7.97
C ALA D 88 2.26 38.99 -8.38
N GLU D 89 1.80 38.22 -7.39
CA GLU D 89 1.24 36.88 -7.62
C GLU D 89 -0.06 37.03 -8.40
N VAL D 90 -0.89 38.00 -8.01
CA VAL D 90 -2.14 38.24 -8.73
C VAL D 90 -1.82 38.71 -10.18
N THR D 91 -0.84 39.59 -10.32
CA THR D 91 -0.47 40.11 -11.64
C THR D 91 -0.01 38.98 -12.58
N LYS D 92 0.82 38.09 -12.08
CA LYS D 92 1.35 36.98 -12.87
C LYS D 92 0.24 35.99 -13.25
N SER D 93 -0.69 35.77 -12.32
CA SER D 93 -1.80 34.85 -12.54
C SER D 93 -2.77 35.36 -13.60
N ALA D 94 -3.08 36.65 -13.57
CA ALA D 94 -3.95 37.24 -14.58
C ALA D 94 -3.26 37.24 -15.96
N ALA D 95 -1.95 37.52 -16.00
CA ALA D 95 -1.21 37.49 -17.27
C ALA D 95 -1.20 36.07 -17.86
N LEU D 96 -1.16 35.07 -16.99
CA LEU D 96 -1.17 33.68 -17.45
C LEU D 96 -2.46 33.36 -18.19
N CYS D 97 -3.59 33.88 -17.71
CA CYS D 97 -4.87 33.66 -18.36
C CYS D 97 -4.81 34.18 -19.80
N ASP D 98 -4.30 35.40 -19.96
CA ASP D 98 -4.19 36.00 -21.28
C ASP D 98 -3.16 35.32 -22.19
N TRP D 99 -2.04 34.89 -21.63
CA TRP D 99 -1.03 34.20 -22.42
C TRP D 99 -1.63 32.93 -23.03
N TYR D 100 -2.27 32.09 -22.21
CA TYR D 100 -2.89 30.87 -22.75
C TYR D 100 -4.06 31.16 -23.69
N ALA D 101 -4.85 32.20 -23.42
CA ALA D 101 -5.93 32.57 -24.33
C ALA D 101 -5.35 32.84 -25.73
N GLU D 102 -4.18 33.45 -25.79
CA GLU D 102 -3.55 33.80 -27.07
C GLU D 102 -2.81 32.64 -27.72
N HIS D 103 -1.91 32.01 -26.96
CA HIS D 103 -1.02 30.98 -27.50
C HIS D 103 -1.50 29.53 -27.35
N GLY D 104 -2.46 29.31 -26.45
CA GLY D 104 -2.99 27.99 -26.18
C GLY D 104 -3.73 27.30 -27.31
N PRO D 105 -4.69 28.00 -27.94
CA PRO D 105 -5.49 27.30 -28.97
C PRO D 105 -4.68 26.54 -30.03
N ALA D 106 -3.60 27.13 -30.53
CA ALA D 106 -2.79 26.48 -31.58
C ALA D 106 -2.18 25.18 -31.11
N MSE D 107 -1.91 25.09 -29.81
CA MSE D 107 -1.35 23.88 -29.20
C MSE D 107 -2.29 22.70 -29.25
O MSE D 107 -1.88 21.56 -29.01
CB MSE D 107 -0.96 24.15 -27.75
CG MSE D 107 0.03 25.21 -27.56
SE MSE D 107 0.24 25.64 -25.65
CE MSE D 107 1.71 26.81 -25.98
N LEU D 108 -3.55 22.96 -29.57
CA LEU D 108 -4.55 21.91 -29.64
C LEU D 108 -4.91 21.51 -31.06
N ASN D 109 -4.19 22.08 -32.03
CA ASN D 109 -4.41 21.74 -33.43
C ASN D 109 -4.02 20.27 -33.63
N PRO D 110 -4.76 19.56 -34.49
CA PRO D 110 -4.35 18.18 -34.80
C PRO D 110 -2.96 18.17 -35.46
N GLU D 111 -2.20 17.11 -35.21
CA GLU D 111 -0.87 16.93 -35.77
C GLU D 111 -0.88 16.01 -36.99
N PRO D 112 -0.24 16.45 -38.08
CA PRO D 112 -0.04 15.50 -39.18
C PRO D 112 0.95 14.42 -38.75
N THR D 113 0.96 13.31 -39.47
CA THR D 113 1.89 12.24 -39.23
C THR D 113 2.59 11.90 -40.54
N LEU D 114 3.57 11.02 -40.45
CA LEU D 114 4.30 10.54 -41.61
C LEU D 114 3.55 9.50 -42.42
N VAL D 115 2.38 9.06 -41.94
CA VAL D 115 1.55 8.14 -42.76
C VAL D 115 1.24 8.89 -44.04
N GLU D 116 1.39 8.23 -45.18
CA GLU D 116 1.23 8.93 -46.45
C GLU D 116 -0.18 9.43 -46.71
N ASN D 117 -0.26 10.54 -47.44
CA ASN D 117 -1.51 11.04 -48.01
C ASN D 117 -2.60 11.45 -47.00
N GLN D 118 -2.14 12.03 -45.88
CA GLN D 118 -3.02 12.59 -44.85
C GLN D 118 -4.09 11.60 -44.39
N GLN D 119 -3.69 10.32 -44.24
CA GLN D 119 -4.64 9.29 -43.78
C GLN D 119 -4.71 9.19 -42.25
N ALA D 120 -3.70 9.68 -41.55
CA ALA D 120 -3.67 9.59 -40.08
C ALA D 120 -3.27 10.91 -39.44
N VAL D 121 -3.96 11.27 -38.36
CA VAL D 121 -3.61 12.48 -37.61
C VAL D 121 -3.60 12.14 -36.13
N ILE D 122 -2.95 13.00 -35.35
CA ILE D 122 -3.03 12.87 -33.89
C ILE D 122 -3.90 14.02 -33.38
N GLU D 123 -4.90 13.69 -32.56
CA GLU D 123 -5.80 14.71 -31.97
C GLU D 123 -5.54 14.76 -30.46
N TYR D 124 -5.73 15.96 -29.88
CA TYR D 124 -5.58 16.19 -28.44
C TYR D 124 -6.98 16.32 -27.84
N ARG D 125 -7.51 15.24 -27.27
CA ARG D 125 -8.86 15.23 -26.71
C ARG D 125 -8.83 15.50 -25.23
N PRO D 126 -9.92 16.08 -24.70
CA PRO D 126 -10.06 16.26 -23.26
C PRO D 126 -10.01 14.88 -22.58
N LEU D 127 -9.47 14.82 -21.38
CA LEU D 127 -9.39 13.59 -20.61
C LEU D 127 -10.61 13.43 -19.66
N GLY D 128 -10.99 14.49 -18.95
CA GLY D 128 -12.09 14.37 -17.99
C GLY D 128 -11.91 15.32 -16.82
N VAL D 129 -12.30 14.89 -15.62
CA VAL D 129 -12.13 15.73 -14.44
C VAL D 129 -10.75 15.48 -13.86
N ILE D 130 -10.00 16.56 -13.69
CA ILE D 130 -8.67 16.46 -13.10
C ILE D 130 -8.77 16.90 -11.64
N LEU D 131 -8.36 16.02 -10.73
CA LEU D 131 -8.34 16.35 -9.30
C LEU D 131 -7.01 17.03 -9.00
N ALA D 132 -7.05 18.20 -8.36
CA ALA D 132 -5.82 18.95 -8.01
C ALA D 132 -5.66 19.08 -6.49
N ILE D 133 -4.45 18.83 -5.99
CA ILE D 133 -4.12 18.98 -4.57
C ILE D 133 -3.03 20.04 -4.52
N MSE D 134 -3.35 21.22 -3.95
CA MSE D 134 -2.44 22.37 -4.02
C MSE D 134 -1.97 22.87 -2.64
O MSE D 134 -2.65 22.64 -1.64
CB MSE D 134 -3.08 23.53 -4.83
CG MSE D 134 -3.40 23.13 -6.27
SE MSE D 134 -1.73 22.99 -7.25
CE MSE D 134 -2.05 21.27 -8.16
N PRO D 135 -0.80 23.53 -2.59
CA PRO D 135 -0.25 23.98 -1.32
C PRO D 135 -0.51 25.48 -1.04
N TRP D 136 -0.06 25.95 0.12
CA TRP D 136 -0.36 27.30 0.57
C TRP D 136 0.66 28.36 0.15
N ASN D 137 1.76 27.99 -0.48
CA ASN D 137 2.79 29.03 -0.67
C ASN D 137 2.48 30.10 -1.75
N PHE D 138 1.75 29.70 -2.79
CA PHE D 138 1.24 30.61 -3.82
C PHE D 138 -0.21 30.16 -4.01
N PRO D 139 -1.11 30.59 -3.10
CA PRO D 139 -2.47 30.06 -3.10
C PRO D 139 -3.26 30.33 -4.37
N LEU D 140 -2.92 31.37 -5.11
CA LEU D 140 -3.57 31.66 -6.39
C LEU D 140 -2.78 31.09 -7.58
N TRP D 141 -1.49 31.43 -7.65
CA TRP D 141 -0.64 31.05 -8.78
C TRP D 141 -0.50 29.53 -8.94
N GLN D 142 -0.34 28.80 -7.85
CA GLN D 142 -0.22 27.35 -7.99
C GLN D 142 -1.49 26.72 -8.55
N VAL D 143 -2.65 27.26 -8.16
CA VAL D 143 -3.93 26.81 -8.68
C VAL D 143 -4.02 27.11 -10.18
N LEU D 144 -3.80 28.36 -10.55
CA LEU D 144 -4.02 28.74 -11.94
C LEU D 144 -2.94 28.22 -12.88
N ARG D 145 -1.71 28.04 -12.40
CA ARG D 145 -0.60 27.50 -13.20
C ARG D 145 -1.03 26.19 -13.87
N GLY D 146 -1.81 25.39 -13.15
CA GLY D 146 -2.34 24.14 -13.69
C GLY D 146 -3.73 24.28 -14.28
N ALA D 147 -4.62 24.96 -13.56
CA ALA D 147 -6.02 25.05 -13.98
C ALA D 147 -6.25 25.72 -15.34
N VAL D 148 -5.47 26.76 -15.65
CA VAL D 148 -5.65 27.48 -16.93
C VAL D 148 -5.44 26.54 -18.12
N PRO D 149 -4.25 25.91 -18.26
CA PRO D 149 -4.12 24.94 -19.36
C PRO D 149 -5.06 23.72 -19.26
N ILE D 150 -5.34 23.23 -18.05
CA ILE D 150 -6.26 22.10 -17.89
C ILE D 150 -7.64 22.46 -18.46
N LEU D 151 -8.15 23.63 -18.09
CA LEU D 151 -9.45 24.06 -18.62
C LEU D 151 -9.44 24.29 -20.12
N LEU D 152 -8.36 24.88 -20.63
CA LEU D 152 -8.29 25.16 -22.07
C LEU D 152 -8.30 23.86 -22.90
N ALA D 153 -7.73 22.79 -22.34
CA ALA D 153 -7.73 21.48 -23.02
C ALA D 153 -9.10 20.83 -23.04
N GLY D 154 -10.06 21.40 -22.33
CA GLY D 154 -11.42 20.86 -22.30
C GLY D 154 -11.74 20.01 -21.09
N ASN D 155 -10.85 19.99 -20.11
CA ASN D 155 -11.08 19.24 -18.87
C ASN D 155 -11.83 20.08 -17.84
N SER D 156 -12.34 19.43 -16.79
N SER D 156 -12.33 19.43 -16.79
CA SER D 156 -12.81 20.14 -15.61
CA SER D 156 -12.80 20.17 -15.61
C SER D 156 -11.67 20.07 -14.58
C SER D 156 -11.76 19.99 -14.51
N TYR D 157 -11.71 20.96 -13.60
CA TYR D 157 -10.69 21.02 -12.56
C TYR D 157 -11.40 21.03 -11.21
N LEU D 158 -11.04 20.08 -10.36
CA LEU D 158 -11.63 19.98 -9.02
C LEU D 158 -10.51 20.04 -8.00
N LEU D 159 -10.51 21.11 -7.22
CA LEU D 159 -9.41 21.43 -6.31
C LEU D 159 -9.64 21.05 -4.83
N LYS D 160 -8.60 20.47 -4.21
CA LYS D 160 -8.51 20.34 -2.76
C LYS D 160 -7.35 21.27 -2.40
N HIS D 161 -7.66 22.37 -1.71
CA HIS D 161 -6.61 23.34 -1.39
C HIS D 161 -6.07 23.08 0.02
N ALA D 162 -4.91 23.66 0.34
CA ALA D 162 -4.32 23.54 1.66
C ALA D 162 -5.31 24.06 2.71
N PRO D 163 -5.43 23.35 3.85
CA PRO D 163 -6.39 23.71 4.88
C PRO D 163 -6.17 25.09 5.51
N ASN D 164 -4.95 25.63 5.48
CA ASN D 164 -4.72 26.99 6.02
C ASN D 164 -5.09 28.15 5.07
N VAL D 165 -5.48 27.84 3.83
CA VAL D 165 -5.85 28.88 2.86
C VAL D 165 -7.26 28.71 2.26
N THR D 166 -8.19 28.19 3.07
CA THR D 166 -9.57 27.98 2.58
C THR D 166 -10.27 29.29 2.25
N GLY D 167 -9.85 30.38 2.91
CA GLY D 167 -10.40 31.71 2.62
C GLY D 167 -10.01 32.11 1.22
N CYS D 168 -8.74 31.92 0.88
CA CYS D 168 -8.26 32.14 -0.48
C CYS D 168 -9.01 31.27 -1.49
N ALA D 169 -9.20 30.00 -1.15
CA ALA D 169 -9.89 29.06 -2.04
C ALA D 169 -11.32 29.52 -2.32
N GLN D 170 -12.01 29.95 -1.27
CA GLN D 170 -13.38 30.44 -1.42
C GLN D 170 -13.45 31.63 -2.36
N MSE D 171 -12.51 32.56 -2.18
CA MSE D 171 -12.42 33.75 -2.99
C MSE D 171 -12.10 33.43 -4.45
O MSE D 171 -12.69 34.00 -5.36
CB MSE D 171 -11.40 34.72 -2.40
CG MSE D 171 -11.37 36.05 -3.13
SE MSE D 171 -10.21 37.35 -2.28
CE MSE D 171 -11.18 37.56 -0.55
N ILE D 172 -11.16 32.51 -4.68
CA ILE D 172 -10.86 32.10 -6.05
C ILE D 172 -12.12 31.56 -6.76
N ALA D 173 -12.86 30.71 -6.07
CA ALA D 173 -14.08 30.13 -6.64
C ALA D 173 -15.11 31.22 -6.97
N ARG D 174 -15.19 32.21 -6.08
N ARG D 174 -15.25 32.21 -6.09
CA ARG D 174 -16.08 33.35 -6.18
CA ARG D 174 -16.17 33.33 -6.31
C ARG D 174 -15.79 34.16 -7.44
C ARG D 174 -15.79 34.12 -7.56
N ILE D 175 -14.50 34.44 -7.67
CA ILE D 175 -14.01 35.20 -8.82
C ILE D 175 -14.22 34.44 -10.14
N LEU D 176 -13.93 33.14 -10.16
CA LEU D 176 -14.11 32.36 -11.39
C LEU D 176 -15.58 32.20 -11.76
N ALA D 177 -16.44 32.10 -10.77
CA ALA D 177 -17.89 32.04 -11.03
C ALA D 177 -18.36 33.38 -11.65
N GLU D 178 -17.88 34.49 -11.09
CA GLU D 178 -18.18 35.84 -11.62
C GLU D 178 -17.74 35.98 -13.07
N ALA D 179 -16.61 35.36 -13.40
CA ALA D 179 -16.08 35.43 -14.77
C ALA D 179 -16.94 34.60 -15.74
N GLY D 180 -17.85 33.82 -15.20
CA GLY D 180 -18.72 32.99 -16.02
C GLY D 180 -18.21 31.58 -16.28
N THR D 181 -17.26 31.12 -15.47
CA THR D 181 -16.78 29.72 -15.55
C THR D 181 -17.95 28.80 -15.17
N PRO D 182 -18.38 27.92 -16.10
CA PRO D 182 -19.55 27.07 -15.84
C PRO D 182 -19.41 26.24 -14.58
N ALA D 183 -20.55 25.94 -13.94
CA ALA D 183 -20.56 25.14 -12.73
C ALA D 183 -19.91 23.79 -13.01
N GLY D 184 -19.03 23.34 -12.10
CA GLY D 184 -18.35 22.05 -12.28
C GLY D 184 -17.09 22.11 -13.11
N VAL D 185 -16.97 23.11 -13.98
CA VAL D 185 -15.77 23.24 -14.81
C VAL D 185 -14.58 23.62 -13.92
N TYR D 186 -14.80 24.57 -13.02
CA TYR D 186 -13.86 24.84 -11.94
C TYR D 186 -14.67 24.70 -10.66
N GLY D 187 -14.14 23.93 -9.72
CA GLY D 187 -14.81 23.75 -8.43
C GLY D 187 -13.79 23.37 -7.39
N TRP D 188 -14.16 23.44 -6.11
CA TRP D 188 -13.24 23.05 -5.06
C TRP D 188 -14.00 22.39 -3.92
N VAL D 189 -13.30 21.61 -3.10
CA VAL D 189 -13.97 20.91 -1.99
C VAL D 189 -12.99 20.83 -0.82
N ASN D 190 -13.46 21.11 0.38
CA ASN D 190 -12.58 21.07 1.57
C ASN D 190 -12.49 19.65 2.11
N ALA D 191 -11.92 18.75 1.31
CA ALA D 191 -11.86 17.34 1.67
C ALA D 191 -10.70 17.04 2.63
N ASN D 192 -10.92 16.13 3.58
CA ASN D 192 -9.82 15.59 4.39
C ASN D 192 -9.13 14.47 3.60
N ASN D 193 -8.05 13.89 4.14
CA ASN D 193 -7.29 12.87 3.41
C ASN D 193 -8.15 11.68 2.95
N GLU D 194 -9.11 11.28 3.78
CA GLU D 194 -10.06 10.22 3.45
C GLU D 194 -10.91 10.59 2.24
N GLY D 195 -11.35 11.85 2.19
CA GLY D 195 -12.10 12.38 1.06
C GLY D 195 -11.27 12.40 -0.23
N VAL D 196 -10.00 12.82 -0.10
CA VAL D 196 -9.08 12.83 -1.25
C VAL D 196 -8.94 11.41 -1.81
N SER D 197 -8.70 10.45 -0.92
CA SER D 197 -8.61 9.03 -1.30
C SER D 197 -9.86 8.57 -2.03
N GLN D 198 -11.02 8.93 -1.50
CA GLN D 198 -12.27 8.52 -2.10
C GLN D 198 -12.42 9.06 -3.53
N MSE D 199 -12.02 10.32 -3.74
CA MSE D 199 -12.13 10.94 -5.06
C MSE D 199 -11.15 10.31 -6.06
O MSE D 199 -11.53 10.03 -7.19
CB MSE D 199 -11.96 12.46 -4.96
CG MSE D 199 -13.09 13.10 -4.16
SE MSE D 199 -12.96 15.05 -4.23
CE MSE D 199 -11.39 15.29 -3.09
N ILE D 200 -9.90 10.10 -5.64
CA ILE D 200 -8.91 9.44 -6.51
C ILE D 200 -9.44 8.10 -7.02
N ASN D 201 -10.16 7.40 -6.15
CA ASN D 201 -10.70 6.08 -6.48
C ASN D 201 -12.05 6.07 -7.19
N ASP D 202 -12.61 7.26 -7.38
CA ASP D 202 -13.88 7.42 -8.09
C ASP D 202 -13.64 7.51 -9.60
N PRO D 203 -14.44 6.76 -10.41
CA PRO D 203 -14.26 6.78 -11.87
C PRO D 203 -14.47 8.13 -12.54
N ARG D 204 -15.12 9.07 -11.85
CA ARG D 204 -15.31 10.42 -12.39
C ARG D 204 -14.02 11.26 -12.37
N ILE D 205 -13.04 10.88 -11.54
CA ILE D 205 -11.72 11.52 -11.59
C ILE D 205 -10.87 10.78 -12.65
N ALA D 206 -10.42 11.51 -13.67
CA ALA D 206 -9.63 10.94 -14.77
C ALA D 206 -8.13 10.89 -14.47
N ALA D 207 -7.62 11.91 -13.78
CA ALA D 207 -6.19 12.04 -13.50
C ALA D 207 -5.99 12.99 -12.31
N VAL D 208 -4.74 13.11 -11.84
CA VAL D 208 -4.48 13.89 -10.61
C VAL D 208 -3.27 14.79 -10.81
N THR D 209 -3.29 15.96 -10.21
CA THR D 209 -2.13 16.84 -10.24
C THR D 209 -1.85 17.31 -8.81
N VAL D 210 -0.60 17.22 -8.37
CA VAL D 210 -0.22 17.56 -7.03
C VAL D 210 0.97 18.51 -7.02
N THR D 211 0.87 19.57 -6.22
CA THR D 211 2.01 20.46 -5.99
C THR D 211 2.10 20.48 -4.46
N GLY D 212 3.25 20.12 -3.92
CA GLY D 212 3.34 20.01 -2.47
C GLY D 212 4.59 19.33 -1.98
N SER D 213 4.50 18.70 -0.82
CA SER D 213 5.67 18.07 -0.22
C SER D 213 5.90 16.70 -0.84
N VAL D 214 7.10 16.17 -0.64
CA VAL D 214 7.47 14.83 -1.09
C VAL D 214 6.57 13.78 -0.45
N ARG D 215 6.30 13.92 0.85
CA ARG D 215 5.44 12.95 1.55
C ARG D 215 4.03 12.92 0.93
N ALA D 216 3.46 14.11 0.71
CA ALA D 216 2.15 14.24 0.09
C ALA D 216 2.14 13.66 -1.34
N GLY D 217 3.15 14.01 -2.13
CA GLY D 217 3.26 13.50 -3.51
C GLY D 217 3.33 11.98 -3.55
N ALA D 218 4.13 11.40 -2.64
CA ALA D 218 4.28 9.94 -2.61
C ALA D 218 2.98 9.22 -2.23
N ALA D 219 2.25 9.78 -1.26
CA ALA D 219 1.00 9.17 -0.79
C ALA D 219 -0.07 9.21 -1.88
N ILE D 220 -0.18 10.37 -2.52
CA ILE D 220 -1.15 10.56 -3.59
C ILE D 220 -0.73 9.80 -4.85
N GLY D 221 0.55 9.89 -5.20
CA GLY D 221 1.07 9.16 -6.37
C GLY D 221 0.78 7.66 -6.28
N ALA D 222 0.98 7.08 -5.08
CA ALA D 222 0.68 5.66 -4.84
C ALA D 222 -0.79 5.33 -5.07
N GLN D 223 -1.67 6.22 -4.62
CA GLN D 223 -3.12 6.00 -4.81
C GLN D 223 -3.51 6.13 -6.28
N ALA D 224 -2.99 7.14 -6.95
CA ALA D 224 -3.31 7.35 -8.38
C ALA D 224 -2.82 6.17 -9.22
N GLY D 225 -1.59 5.72 -8.95
CA GLY D 225 -0.99 4.59 -9.65
C GLY D 225 -1.86 3.36 -9.49
N ALA D 226 -2.29 3.08 -8.25
CA ALA D 226 -3.14 1.90 -7.98
C ALA D 226 -4.47 1.97 -8.71
N ALA D 227 -4.96 3.19 -8.93
CA ALA D 227 -6.22 3.43 -9.65
C ALA D 227 -6.02 3.57 -11.18
N LEU D 228 -4.78 3.40 -11.63
CA LEU D 228 -4.45 3.49 -13.07
C LEU D 228 -4.69 4.89 -13.65
N LYS D 229 -4.43 5.90 -12.83
CA LYS D 229 -4.63 7.27 -13.25
C LYS D 229 -3.31 8.01 -13.24
N LYS D 230 -3.08 8.80 -14.29
CA LYS D 230 -1.81 9.49 -14.37
C LYS D 230 -1.77 10.67 -13.44
N CYS D 231 -0.55 11.02 -13.03
N CYS D 231 -0.57 11.06 -13.04
CA CYS D 231 -0.29 12.19 -12.21
CA CYS D 231 -0.43 12.26 -12.25
C CYS D 231 0.74 13.11 -12.86
C CYS D 231 0.81 13.04 -12.66
N VAL D 232 0.79 14.33 -12.33
CA VAL D 232 1.93 15.21 -12.48
C VAL D 232 2.21 15.55 -11.01
N LEU D 233 3.47 15.39 -10.58
CA LEU D 233 3.87 15.65 -9.19
C LEU D 233 4.96 16.71 -9.24
N GLU D 234 4.66 17.88 -8.68
CA GLU D 234 5.60 19.00 -8.63
C GLU D 234 5.88 19.16 -7.13
N LEU D 235 6.98 18.57 -6.69
CA LEU D 235 7.26 18.48 -5.29
C LEU D 235 8.40 19.41 -4.83
N GLY D 236 9.01 19.13 -3.70
CA GLY D 236 10.01 20.08 -3.21
C GLY D 236 11.28 20.11 -4.05
N GLY D 237 12.19 21.01 -3.67
CA GLY D 237 13.49 21.04 -4.31
C GLY D 237 14.52 21.46 -3.30
N SER D 238 15.78 21.26 -3.65
CA SER D 238 16.89 21.80 -2.86
C SER D 238 17.86 22.34 -3.92
N ASP D 239 17.43 23.38 -4.61
CA ASP D 239 18.11 23.83 -5.82
C ASP D 239 19.52 24.31 -5.53
N PRO D 240 20.51 23.83 -6.32
CA PRO D 240 21.89 24.29 -6.20
C PRO D 240 22.05 25.63 -6.96
N PHE D 241 22.92 26.49 -6.44
CA PHE D 241 23.20 27.78 -7.04
C PHE D 241 24.72 27.82 -7.07
N ILE D 242 25.29 27.62 -8.24
CA ILE D 242 26.73 27.45 -8.39
C ILE D 242 27.37 28.75 -8.79
N VAL D 243 28.43 29.14 -8.09
CA VAL D 243 29.14 30.39 -8.41
C VAL D 243 30.61 30.05 -8.65
N LEU D 244 31.07 30.16 -9.90
CA LEU D 244 32.48 29.84 -10.18
C LEU D 244 33.34 31.10 -10.04
N ASN D 245 34.66 30.91 -9.99
CA ASN D 245 35.62 31.99 -9.78
C ASN D 245 35.47 33.21 -10.69
N ASP D 246 35.06 32.99 -11.93
CA ASP D 246 34.95 34.09 -12.90
C ASP D 246 33.57 34.71 -13.00
N ALA D 247 32.70 34.45 -12.02
CA ALA D 247 31.34 34.95 -12.07
C ALA D 247 31.28 36.48 -11.96
N ASP D 248 30.20 37.06 -12.48
CA ASP D 248 29.83 38.45 -12.20
C ASP D 248 29.34 38.41 -10.75
N LEU D 249 30.22 38.77 -9.82
CA LEU D 249 29.94 38.63 -8.39
C LEU D 249 28.75 39.45 -7.87
N GLU D 250 28.62 40.68 -8.34
N GLU D 250 28.65 40.68 -8.34
CA GLU D 250 27.53 41.53 -7.88
CA GLU D 250 27.55 41.57 -7.95
C GLU D 250 26.15 41.02 -8.35
C GLU D 250 26.21 40.95 -8.33
N LEU D 251 26.07 40.51 -9.58
CA LEU D 251 24.81 39.94 -10.06
C LEU D 251 24.55 38.61 -9.37
N ALA D 252 25.60 37.82 -9.14
CA ALA D 252 25.47 36.53 -8.47
C ALA D 252 24.88 36.71 -7.06
N VAL D 253 25.38 37.71 -6.33
CA VAL D 253 24.84 37.97 -4.99
C VAL D 253 23.39 38.43 -5.04
N LYS D 254 23.05 39.33 -5.95
CA LYS D 254 21.67 39.80 -6.08
C LYS D 254 20.71 38.64 -6.37
N ALA D 255 21.12 37.81 -7.33
CA ALA D 255 20.28 36.68 -7.73
C ALA D 255 20.20 35.63 -6.62
N ALA D 256 21.28 35.51 -5.84
CA ALA D 256 21.34 34.54 -4.74
C ALA D 256 20.36 34.94 -3.65
N VAL D 257 20.39 36.21 -3.30
CA VAL D 257 19.53 36.75 -2.23
C VAL D 257 18.06 36.68 -2.62
N ALA D 258 17.75 37.10 -3.84
CA ALA D 258 16.36 37.06 -4.32
C ALA D 258 15.92 35.58 -4.38
N GLY D 259 16.81 34.71 -4.83
CA GLY D 259 16.53 33.29 -5.02
C GLY D 259 16.18 32.56 -3.72
N ARG D 260 16.96 32.83 -2.68
CA ARG D 260 16.74 32.20 -1.39
C ARG D 260 15.59 32.84 -0.63
N TYR D 261 15.51 34.17 -0.65
CA TYR D 261 14.56 34.86 0.27
C TYR D 261 13.18 35.29 -0.20
N GLN D 262 12.89 35.18 -1.50
N GLN D 262 12.90 35.13 -1.50
CA GLN D 262 11.56 35.51 -1.95
CA GLN D 262 11.56 35.33 -2.04
C GLN D 262 10.57 34.59 -1.23
C GLN D 262 10.55 34.55 -1.20
N ASN D 263 9.39 35.13 -0.95
CA ASN D 263 8.32 34.45 -0.18
C ASN D 263 8.83 33.90 1.15
N THR D 264 9.70 34.66 1.81
CA THR D 264 10.29 34.24 3.08
C THR D 264 10.91 32.82 3.00
N GLY D 265 11.51 32.49 1.86
CA GLY D 265 12.17 31.21 1.62
C GLY D 265 11.26 30.05 1.22
N GLN D 266 9.95 30.26 1.22
CA GLN D 266 8.96 29.18 1.06
C GLN D 266 8.62 28.96 -0.41
N VAL D 267 9.63 28.56 -1.18
CA VAL D 267 9.47 28.37 -2.63
C VAL D 267 10.13 27.03 -2.99
N CYS D 268 9.43 26.16 -3.73
CA CYS D 268 10.00 24.86 -4.05
C CYS D 268 11.26 25.00 -4.90
N ALA D 269 11.21 25.93 -5.84
CA ALA D 269 12.38 26.20 -6.67
C ALA D 269 13.25 27.35 -6.11
N ALA D 270 13.24 27.58 -4.79
CA ALA D 270 14.18 28.56 -4.21
C ALA D 270 15.63 28.09 -4.39
N ALA D 271 16.58 29.03 -4.46
CA ALA D 271 18.01 28.71 -4.37
C ALA D 271 18.25 28.32 -2.92
N LYS D 272 18.62 27.07 -2.68
CA LYS D 272 18.78 26.57 -1.29
C LYS D 272 20.20 26.16 -0.92
N ARG D 273 20.96 25.68 -1.90
CA ARG D 273 22.33 25.22 -1.68
C ARG D 273 23.30 26.05 -2.49
N PHE D 274 24.04 26.95 -1.83
CA PHE D 274 25.03 27.78 -2.52
C PHE D 274 26.35 27.01 -2.59
N ILE D 275 26.79 26.73 -3.80
CA ILE D 275 28.00 25.96 -4.05
C ILE D 275 28.96 26.93 -4.73
N VAL D 276 29.97 27.36 -3.99
CA VAL D 276 30.86 28.45 -4.42
C VAL D 276 32.31 28.01 -4.53
N GLU D 277 32.94 28.32 -5.66
CA GLU D 277 34.32 27.89 -5.91
C GLU D 277 35.25 28.59 -4.91
N GLU D 278 36.29 27.90 -4.49
CA GLU D 278 37.18 28.40 -3.44
C GLU D 278 37.53 29.87 -3.67
N GLY D 279 38.02 30.17 -4.87
CA GLY D 279 38.57 31.51 -5.18
C GLY D 279 37.66 32.68 -4.83
N ILE D 280 36.36 32.49 -5.03
CA ILE D 280 35.39 33.54 -4.84
C ILE D 280 34.55 33.33 -3.56
N ALA D 281 34.73 32.20 -2.90
CA ALA D 281 33.92 31.81 -1.74
C ALA D 281 33.78 32.86 -0.64
N GLN D 282 34.90 33.41 -0.17
CA GLN D 282 34.84 34.34 0.97
C GLN D 282 34.16 35.64 0.58
N ALA D 283 34.49 36.15 -0.62
CA ALA D 283 33.88 37.38 -1.13
C ALA D 283 32.39 37.22 -1.31
N PHE D 284 31.95 36.11 -1.92
CA PHE D 284 30.52 35.82 -2.08
C PHE D 284 29.82 35.79 -0.70
N THR D 285 30.42 35.04 0.22
CA THR D 285 29.85 34.81 1.57
C THR D 285 29.67 36.12 2.35
N ASP D 286 30.71 36.95 2.35
CA ASP D 286 30.65 38.26 3.02
C ASP D 286 29.54 39.12 2.44
N ARG D 287 29.41 39.16 1.13
CA ARG D 287 28.42 39.99 0.46
C ARG D 287 27.02 39.44 0.69
N PHE D 288 26.93 38.12 0.65
CA PHE D 288 25.62 37.46 0.84
C PHE D 288 25.10 37.75 2.24
N VAL D 289 25.93 37.50 3.25
CA VAL D 289 25.55 37.73 4.64
C VAL D 289 25.13 39.17 4.84
N ALA D 290 25.91 40.13 4.31
CA ALA D 290 25.56 41.55 4.44
C ALA D 290 24.21 41.85 3.81
N ALA D 291 23.97 41.30 2.62
CA ALA D 291 22.68 41.53 1.96
C ALA D 291 21.51 40.91 2.75
N ALA D 292 21.71 39.69 3.24
CA ALA D 292 20.68 38.99 4.02
C ALA D 292 20.37 39.77 5.31
N ALA D 293 21.41 40.28 5.96
CA ALA D 293 21.25 41.05 7.20
C ALA D 293 20.51 42.37 6.98
N ALA D 294 20.59 42.91 5.77
CA ALA D 294 19.93 44.15 5.41
C ALA D 294 18.45 43.99 5.08
N LEU D 295 18.00 42.75 4.84
CA LEU D 295 16.58 42.51 4.54
C LEU D 295 15.72 42.90 5.74
N LYS D 296 14.60 43.58 5.49
CA LYS D 296 13.71 43.99 6.58
C LYS D 296 12.59 42.98 6.80
N MSE D 297 12.32 42.67 8.06
CA MSE D 297 11.32 41.66 8.40
C MSE D 297 10.30 42.18 9.39
O MSE D 297 10.66 42.78 10.41
CB MSE D 297 12.01 40.43 8.97
CG MSE D 297 11.03 39.36 9.43
SE MSE D 297 11.96 37.80 10.12
CE MSE D 297 12.90 37.26 8.50
N GLY D 298 9.03 41.95 9.09
CA GLY D 298 7.93 42.37 9.96
C GLY D 298 6.57 42.27 9.29
N ASP D 299 5.60 42.95 9.89
CA ASP D 299 4.23 43.05 9.39
C ASP D 299 4.21 43.05 7.85
N PRO D 300 3.59 42.02 7.23
CA PRO D 300 3.64 41.96 5.75
C PRO D 300 2.68 42.95 5.05
N LEU D 301 1.94 43.71 5.84
CA LEU D 301 1.12 44.79 5.29
C LEU D 301 1.94 46.07 5.15
N VAL D 302 3.12 46.10 5.78
CA VAL D 302 4.02 47.25 5.72
C VAL D 302 4.98 47.03 4.54
N GLU D 303 4.88 47.88 3.53
CA GLU D 303 5.57 47.63 2.26
C GLU D 303 7.09 47.60 2.31
N GLU D 304 7.70 48.22 3.32
CA GLU D 304 9.16 48.21 3.43
C GLU D 304 9.71 46.81 3.78
N ASN D 305 8.84 45.96 4.30
CA ASN D 305 9.29 44.65 4.77
C ASN D 305 9.50 43.67 3.62
N ASP D 306 10.72 43.17 3.52
CA ASP D 306 11.14 42.19 2.51
C ASP D 306 10.72 40.76 2.87
N LEU D 307 10.62 40.49 4.17
CA LEU D 307 10.31 39.17 4.69
C LEU D 307 9.15 39.27 5.64
N GLY D 308 8.22 38.32 5.55
CA GLY D 308 7.10 38.27 6.47
C GLY D 308 7.34 37.16 7.50
N PRO D 309 6.28 36.76 8.21
CA PRO D 309 6.42 35.61 9.10
C PRO D 309 6.35 34.37 8.20
N MSE D 310 6.80 33.22 8.68
CA MSE D 310 6.52 31.96 7.96
C MSE D 310 5.02 31.61 8.07
O MSE D 310 4.33 32.08 8.97
CB MSE D 310 7.41 30.84 8.46
CG MSE D 310 8.87 31.05 8.06
SE MSE D 310 10.02 29.75 8.91
CE MSE D 310 9.32 28.09 8.08
N ALA D 311 4.52 30.79 7.14
CA ALA D 311 3.08 30.52 7.09
C ALA D 311 2.52 29.67 8.22
N ARG D 312 3.29 28.68 8.68
CA ARG D 312 2.78 27.69 9.64
C ARG D 312 3.70 27.55 10.83
N PHE D 313 3.14 27.56 12.02
CA PHE D 313 3.93 27.48 13.24
C PHE D 313 4.73 26.19 13.36
N ASP D 314 4.10 25.08 13.01
CA ASP D 314 4.82 23.80 13.06
C ASP D 314 5.98 23.73 12.06
N LEU D 315 5.83 24.39 10.91
CA LEU D 315 6.92 24.38 9.94
C LEU D 315 8.12 25.25 10.37
N ARG D 316 7.84 26.33 11.10
CA ARG D 316 8.92 27.08 11.70
C ARG D 316 9.65 26.22 12.75
N ASP D 317 8.91 25.44 13.54
CA ASP D 317 9.54 24.54 14.53
C ASP D 317 10.46 23.56 13.82
N GLU D 318 9.96 23.01 12.72
CA GLU D 318 10.73 22.04 11.96
C GLU D 318 11.99 22.67 11.37
N LEU D 319 11.86 23.87 10.78
CA LEU D 319 12.99 24.56 10.19
C LEU D 319 14.05 24.83 11.25
N HIS D 320 13.61 25.29 12.41
CA HIS D 320 14.54 25.55 13.52
C HIS D 320 15.32 24.29 13.89
N GLN D 321 14.63 23.14 13.96
CA GLN D 321 15.31 21.89 14.26
C GLN D 321 16.33 21.51 13.19
N GLN D 322 16.02 21.79 11.92
CA GLN D 322 16.97 21.52 10.82
C GLN D 322 18.24 22.39 10.99
N VAL D 323 18.05 23.64 11.42
CA VAL D 323 19.18 24.54 11.72
C VAL D 323 19.98 24.02 12.93
N GLN D 324 19.28 23.72 14.02
CA GLN D 324 19.95 23.15 15.21
C GLN D 324 20.76 21.89 14.88
N ALA D 325 20.19 21.00 14.09
CA ALA D 325 20.90 19.78 13.69
C ALA D 325 22.14 20.11 12.86
N SER D 326 22.00 21.02 11.90
CA SER D 326 23.12 21.41 11.02
C SER D 326 24.27 21.99 11.84
N VAL D 327 23.94 22.87 12.79
CA VAL D 327 24.94 23.42 13.71
C VAL D 327 25.60 22.30 14.54
N ALA D 328 24.80 21.41 15.13
CA ALA D 328 25.35 20.27 15.89
C ALA D 328 26.28 19.40 15.02
N GLU D 329 25.99 19.32 13.73
CA GLU D 329 26.80 18.53 12.81
C GLU D 329 28.10 19.25 12.39
N GLY D 330 28.20 20.54 12.67
CA GLY D 330 29.43 21.27 12.37
C GLY D 330 29.29 22.51 11.51
N ALA D 331 28.07 22.82 11.07
CA ALA D 331 27.87 24.02 10.26
C ALA D 331 28.12 25.28 11.07
N ARG D 332 28.58 26.32 10.39
CA ARG D 332 28.87 27.60 11.03
C ARG D 332 27.71 28.55 10.83
N LEU D 333 27.15 29.02 11.93
CA LEU D 333 26.05 29.97 11.90
C LEU D 333 26.59 31.39 11.73
N LEU D 334 26.36 31.99 10.57
CA LEU D 334 26.86 33.34 10.29
C LEU D 334 25.84 34.44 10.53
N LEU D 335 24.56 34.08 10.55
CA LEU D 335 23.50 35.05 10.74
C LEU D 335 22.24 34.31 11.16
N GLY D 336 21.42 34.95 12.01
CA GLY D 336 20.12 34.43 12.44
C GLY D 336 20.14 33.10 13.16
N GLY D 337 19.29 32.17 12.71
CA GLY D 337 19.18 30.85 13.32
C GLY D 337 18.40 30.86 14.62
N GLU D 338 17.45 31.79 14.73
CA GLU D 338 16.58 31.92 15.91
C GLU D 338 15.14 32.26 15.55
N LYS D 339 14.21 31.74 16.34
CA LYS D 339 12.82 32.14 16.25
C LYS D 339 12.73 33.55 16.86
N ILE D 340 11.88 34.41 16.31
CA ILE D 340 11.73 35.75 16.89
C ILE D 340 10.63 35.75 17.95
N ALA D 341 10.94 36.27 19.14
CA ALA D 341 9.96 36.36 20.23
C ALA D 341 8.74 37.16 19.80
N GLY D 342 7.57 36.74 20.28
CA GLY D 342 6.33 37.41 19.91
C GLY D 342 5.27 36.39 19.56
N GLU D 343 4.06 36.84 19.31
CA GLU D 343 2.97 35.93 19.00
C GLU D 343 2.86 35.58 17.52
N GLY D 344 3.59 36.30 16.67
CA GLY D 344 3.64 35.99 15.24
C GLY D 344 4.59 34.83 15.00
N ASN D 345 4.69 34.41 13.74
CA ASN D 345 5.49 33.25 13.40
C ASN D 345 6.77 33.60 12.64
N TYR D 346 7.59 34.51 13.18
CA TYR D 346 8.79 35.01 12.49
C TYR D 346 10.04 34.22 12.80
N TYR D 347 10.86 33.99 11.78
CA TYR D 347 12.14 33.32 11.93
C TYR D 347 13.17 34.20 11.27
N ALA D 348 14.28 34.42 11.96
CA ALA D 348 15.32 35.34 11.47
C ALA D 348 15.91 34.87 10.15
N ALA D 349 16.25 35.82 9.29
CA ALA D 349 17.01 35.50 8.07
C ALA D 349 18.31 34.82 8.52
N THR D 350 18.59 33.67 7.96
CA THR D 350 19.68 32.82 8.43
C THR D 350 20.67 32.40 7.34
N VAL D 351 21.95 32.34 7.71
CA VAL D 351 23.03 31.82 6.85
C VAL D 351 23.88 30.80 7.58
N LEU D 352 24.00 29.61 6.98
CA LEU D 352 24.86 28.55 7.47
C LEU D 352 26.00 28.37 6.48
N ALA D 353 27.22 28.36 6.99
CA ALA D 353 28.39 28.17 6.15
C ALA D 353 29.14 26.91 6.55
N ASP D 354 30.19 26.58 5.81
CA ASP D 354 30.96 25.34 6.00
C ASP D 354 30.04 24.12 5.98
N VAL D 355 28.99 24.19 5.15
CA VAL D 355 28.04 23.08 5.01
C VAL D 355 28.66 22.00 4.15
N THR D 356 28.72 20.77 4.66
CA THR D 356 29.26 19.64 3.90
C THR D 356 28.12 18.69 3.50
N PRO D 357 28.34 17.83 2.48
CA PRO D 357 27.23 17.01 1.96
C PRO D 357 26.52 16.05 2.91
N ASP D 358 27.14 15.68 4.03
CA ASP D 358 26.49 14.80 5.00
C ASP D 358 25.47 15.55 5.88
N MSE D 359 25.48 16.87 5.84
CA MSE D 359 24.69 17.67 6.78
C MSE D 359 23.23 17.85 6.43
O MSE D 359 22.85 17.79 5.26
CB MSE D 359 25.33 19.03 6.99
CG MSE D 359 26.70 18.91 7.61
SE MSE D 359 27.35 20.68 7.99
CE MSE D 359 29.10 20.25 8.68
N THR D 360 22.41 18.08 7.46
CA THR D 360 20.97 18.27 7.30
C THR D 360 20.66 19.41 6.32
N ALA D 361 21.40 20.54 6.43
CA ALA D 361 21.20 21.70 5.55
C ALA D 361 21.51 21.40 4.07
N PHE D 362 22.24 20.33 3.81
CA PHE D 362 22.58 19.95 2.44
C PHE D 362 21.65 18.87 1.89
N ARG D 363 21.20 17.98 2.78
CA ARG D 363 20.43 16.81 2.33
C ARG D 363 18.92 16.98 2.33
N GLN D 364 18.42 17.90 3.16
CA GLN D 364 16.97 18.11 3.28
C GLN D 364 16.56 19.44 2.67
N GLU D 365 15.27 19.56 2.33
CA GLU D 365 14.74 20.83 1.82
C GLU D 365 14.50 21.80 2.98
N LEU D 366 15.17 22.96 2.95
CA LEU D 366 14.95 23.96 4.02
C LEU D 366 13.95 24.97 3.49
N PHE D 367 12.70 24.79 3.90
CA PHE D 367 11.60 25.56 3.35
C PHE D 367 11.32 26.84 4.18
N GLY D 368 12.30 27.73 4.21
CA GLY D 368 12.24 28.94 5.01
C GLY D 368 13.51 29.73 4.77
N PRO D 369 13.69 30.85 5.51
CA PRO D 369 14.80 31.79 5.19
C PRO D 369 16.18 31.37 5.73
N VAL D 370 16.69 30.25 5.22
CA VAL D 370 17.96 29.69 5.67
C VAL D 370 18.80 29.27 4.46
N ALA D 371 19.88 30.01 4.23
CA ALA D 371 20.81 29.70 3.15
C ALA D 371 21.87 28.74 3.64
N ALA D 372 22.24 27.77 2.80
CA ALA D 372 23.33 26.87 3.11
C ALA D 372 24.47 27.19 2.12
N ILE D 373 25.68 27.41 2.63
CA ILE D 373 26.85 27.67 1.77
C ILE D 373 27.92 26.60 1.86
N THR D 374 28.31 26.07 0.70
CA THR D 374 29.30 24.99 0.60
C THR D 374 30.40 25.40 -0.38
N VAL D 375 31.65 25.21 0.03
CA VAL D 375 32.78 25.55 -0.83
C VAL D 375 33.19 24.39 -1.75
N ALA D 376 33.33 24.67 -3.06
CA ALA D 376 33.77 23.70 -4.06
C ALA D 376 35.24 23.96 -4.41
N LYS D 377 36.01 22.89 -4.58
CA LYS D 377 37.44 23.02 -4.87
C LYS D 377 37.69 23.44 -6.30
N ASP D 378 36.81 23.01 -7.20
CA ASP D 378 36.93 23.28 -8.64
C ASP D 378 35.56 23.06 -9.29
N ALA D 379 35.46 23.33 -10.60
CA ALA D 379 34.18 23.20 -11.32
C ALA D 379 33.62 21.78 -11.30
N ALA D 380 34.46 20.78 -11.38
CA ALA D 380 34.00 19.39 -11.34
C ALA D 380 33.42 19.05 -9.98
N HIS D 381 34.05 19.52 -8.92
CA HIS D 381 33.56 19.33 -7.56
C HIS D 381 32.22 20.07 -7.39
N ALA D 382 32.11 21.27 -7.98
CA ALA D 382 30.84 22.04 -7.90
C ALA D 382 29.69 21.25 -8.54
N LEU D 383 29.94 20.68 -9.72
CA LEU D 383 28.95 19.88 -10.43
C LEU D 383 28.55 18.65 -9.61
N ALA D 384 29.54 17.97 -9.05
CA ALA D 384 29.31 16.79 -8.22
C ALA D 384 28.44 17.12 -7.03
N LEU D 385 28.79 18.23 -6.36
CA LEU D 385 28.00 18.72 -5.23
C LEU D 385 26.56 19.07 -5.61
N ALA D 386 26.38 19.77 -6.72
CA ALA D 386 25.04 20.14 -7.19
C ALA D 386 24.17 18.90 -7.41
N ASN D 387 24.75 17.88 -8.02
CA ASN D 387 24.01 16.64 -8.33
C ASN D 387 23.87 15.67 -7.15
N ASP D 388 24.55 15.94 -6.04
CA ASP D 388 24.47 15.06 -4.88
C ASP D 388 23.26 15.42 -4.05
N SER D 389 22.07 15.12 -4.59
CA SER D 389 20.85 15.51 -3.92
C SER D 389 19.80 14.51 -4.32
N GLU D 390 18.80 14.29 -3.45
CA GLU D 390 17.65 13.46 -3.79
C GLU D 390 16.62 14.26 -4.57
N PHE D 391 16.83 15.57 -4.69
CA PHE D 391 15.89 16.46 -5.40
C PHE D 391 16.50 16.89 -6.72
N GLY D 392 15.68 17.48 -7.59
CA GLY D 392 16.18 17.88 -8.92
C GLY D 392 15.24 18.80 -9.66
N LEU D 393 14.92 19.94 -9.04
CA LEU D 393 13.91 20.79 -9.62
C LEU D 393 14.52 21.79 -10.61
N SER D 394 15.37 22.67 -10.11
N SER D 394 15.37 22.69 -10.11
CA SER D 394 15.99 23.69 -10.97
CA SER D 394 16.02 23.67 -10.98
C SER D 394 17.41 23.96 -10.46
C SER D 394 17.39 24.04 -10.41
N ALA D 395 18.20 24.70 -11.21
CA ALA D 395 19.56 25.03 -10.78
C ALA D 395 19.96 26.37 -11.38
N THR D 396 20.95 27.01 -10.78
CA THR D 396 21.52 28.25 -11.32
C THR D 396 23.04 28.07 -11.40
N ILE D 397 23.65 28.60 -12.46
CA ILE D 397 25.12 28.62 -12.57
C ILE D 397 25.58 30.03 -13.00
N PHE D 398 26.50 30.58 -12.23
CA PHE D 398 27.12 31.89 -12.54
C PHE D 398 28.56 31.66 -12.93
N THR D 399 28.88 31.98 -14.18
CA THR D 399 30.24 31.92 -14.71
C THR D 399 30.28 32.79 -15.96
N ALA D 400 31.40 33.47 -16.17
CA ALA D 400 31.56 34.30 -17.35
C ALA D 400 31.76 33.47 -18.62
N ASP D 401 32.10 32.20 -18.45
CA ASP D 401 32.41 31.29 -19.58
C ASP D 401 31.15 30.61 -20.14
N ASP D 402 30.65 31.11 -21.27
CA ASP D 402 29.42 30.60 -21.92
C ASP D 402 29.49 29.11 -22.23
N THR D 403 30.64 28.67 -22.73
CA THR D 403 30.85 27.28 -23.10
C THR D 403 30.79 26.37 -21.88
N LEU D 404 31.50 26.74 -20.82
CA LEU D 404 31.51 25.94 -19.59
C LEU D 404 30.11 25.88 -18.99
N ALA D 405 29.40 27.00 -19.02
CA ALA D 405 28.03 27.03 -18.47
C ALA D 405 27.14 26.03 -19.24
N ALA D 406 27.23 26.01 -20.56
CA ALA D 406 26.39 25.09 -21.36
C ALA D 406 26.78 23.63 -21.13
N GLU D 407 28.09 23.37 -21.00
CA GLU D 407 28.57 22.03 -20.69
C GLU D 407 28.06 21.55 -19.34
N MSE D 408 28.08 22.44 -18.34
CA MSE D 408 27.59 22.07 -17.01
C MSE D 408 26.07 21.88 -17.00
O MSE D 408 25.57 20.94 -16.38
CB MSE D 408 28.06 23.09 -15.97
CG MSE D 408 29.56 22.95 -15.70
SE MSE D 408 30.27 24.38 -14.58
CE MSE D 408 29.74 23.64 -12.82
N ALA D 409 25.36 22.74 -17.71
CA ALA D 409 23.91 22.62 -17.82
C ALA D 409 23.49 21.27 -18.38
N ALA D 410 24.24 20.76 -19.37
CA ALA D 410 23.96 19.43 -19.96
C ALA D 410 24.15 18.30 -18.96
N ARG D 411 24.89 18.56 -17.89
CA ARG D 411 25.19 17.57 -16.88
C ARG D 411 24.46 17.76 -15.54
N LEU D 412 23.72 18.85 -15.41
CA LEU D 412 22.93 19.07 -14.19
C LEU D 412 21.66 18.23 -14.19
N GLU D 413 21.45 17.46 -13.12
CA GLU D 413 20.27 16.59 -12.98
C GLU D 413 19.06 17.36 -12.40
N CYS D 414 18.51 18.26 -13.21
CA CYS D 414 17.30 19.02 -12.85
C CYS D 414 16.55 19.42 -14.09
N GLY D 415 15.31 19.87 -13.91
CA GLY D 415 14.43 20.21 -15.02
C GLY D 415 14.54 21.65 -15.51
N GLY D 416 15.36 22.46 -14.85
CA GLY D 416 15.52 23.88 -15.24
C GLY D 416 16.90 24.37 -14.89
N VAL D 417 17.56 25.04 -15.83
CA VAL D 417 18.91 25.54 -15.54
C VAL D 417 18.95 27.01 -15.95
N PHE D 418 19.28 27.87 -15.01
CA PHE D 418 19.38 29.31 -15.27
C PHE D 418 20.84 29.74 -15.26
N ILE D 419 21.30 30.28 -16.38
CA ILE D 419 22.70 30.68 -16.50
C ILE D 419 22.79 32.22 -16.33
N ASN D 420 23.54 32.67 -15.33
CA ASN D 420 23.74 34.12 -15.07
C ASN D 420 22.45 34.92 -14.99
N GLY D 421 21.47 34.41 -14.26
CA GLY D 421 20.19 35.11 -14.13
C GLY D 421 19.39 34.63 -12.95
N TYR D 422 18.14 35.09 -12.87
CA TYR D 422 17.25 34.79 -11.76
C TYR D 422 16.27 33.68 -12.13
N SER D 423 16.28 32.56 -11.42
CA SER D 423 15.34 31.48 -11.74
C SER D 423 13.88 31.89 -11.43
N ALA D 424 12.94 31.36 -12.20
CA ALA D 424 11.53 31.62 -12.00
C ALA D 424 10.72 30.70 -12.91
N SER D 425 9.44 30.56 -12.60
CA SER D 425 8.52 29.87 -13.52
C SER D 425 8.00 30.93 -14.49
N ASP D 426 7.69 30.51 -15.71
CA ASP D 426 7.20 31.42 -16.73
C ASP D 426 6.37 30.61 -17.70
N ALA D 427 5.21 31.15 -18.09
CA ALA D 427 4.31 30.42 -18.99
C ALA D 427 4.97 29.93 -20.28
N ARG D 428 6.04 30.63 -20.69
CA ARG D 428 6.70 30.33 -21.96
C ARG D 428 7.64 29.13 -21.95
N VAL D 429 7.93 28.58 -20.77
CA VAL D 429 8.89 27.50 -20.69
C VAL D 429 8.39 26.37 -19.76
N ALA D 430 8.99 25.20 -19.88
CA ALA D 430 8.63 24.04 -19.02
C ALA D 430 9.07 24.23 -17.56
N PHE D 431 8.26 23.70 -16.65
CA PHE D 431 8.55 23.74 -15.22
C PHE D 431 8.31 22.36 -14.62
N GLY D 432 9.28 21.86 -13.87
CA GLY D 432 9.11 20.60 -13.15
C GLY D 432 10.45 19.94 -13.08
N GLY D 433 10.59 18.91 -12.24
CA GLY D 433 11.87 18.30 -12.00
C GLY D 433 12.01 16.80 -12.17
N VAL D 434 13.05 16.27 -11.53
CA VAL D 434 13.41 14.87 -11.61
C VAL D 434 13.67 14.36 -10.18
N LYS D 435 13.99 13.08 -10.06
CA LYS D 435 14.26 12.45 -8.76
C LYS D 435 13.09 12.71 -7.80
N LYS D 436 13.36 13.04 -6.53
CA LYS D 436 12.24 13.25 -5.58
C LYS D 436 11.47 14.55 -5.76
N SER D 437 11.88 15.39 -6.72
CA SER D 437 11.11 16.58 -7.01
C SER D 437 9.85 16.23 -7.82
N GLY D 438 9.75 14.98 -8.25
CA GLY D 438 8.53 14.50 -8.93
C GLY D 438 8.75 14.10 -10.38
N PHE D 439 7.75 14.41 -11.20
CA PHE D 439 7.77 14.10 -12.63
C PHE D 439 6.60 14.81 -13.29
N GLY D 440 6.65 14.88 -14.62
CA GLY D 440 5.66 15.61 -15.39
C GLY D 440 6.09 17.06 -15.47
N ARG D 441 5.49 17.80 -16.41
CA ARG D 441 5.87 19.21 -16.60
C ARG D 441 4.65 20.09 -16.67
N GLU D 442 4.80 21.32 -16.19
CA GLU D 442 3.76 22.33 -16.27
C GLU D 442 4.19 23.44 -17.20
N LEU D 443 3.21 24.22 -17.64
CA LEU D 443 3.41 25.42 -18.46
C LEU D 443 3.81 25.12 -19.91
N SER D 444 3.90 26.19 -20.71
CA SER D 444 4.08 26.07 -22.15
C SER D 444 3.07 25.03 -22.70
N HIS D 445 3.43 24.28 -23.73
CA HIS D 445 2.53 23.25 -24.26
C HIS D 445 2.53 21.98 -23.41
N PHE D 446 3.51 21.86 -22.51
CA PHE D 446 3.66 20.67 -21.65
C PHE D 446 2.50 20.53 -20.70
N GLY D 447 2.17 21.62 -20.00
CA GLY D 447 1.09 21.61 -19.02
C GLY D 447 -0.26 21.44 -19.69
N LEU D 448 -0.36 21.86 -20.94
CA LEU D 448 -1.59 21.67 -21.66
C LEU D 448 -1.75 20.21 -22.10
N HIS D 449 -0.68 19.60 -22.59
CA HIS D 449 -0.77 18.24 -23.11
C HIS D 449 -0.74 17.13 -22.06
N GLU D 450 -0.25 17.41 -20.85
CA GLU D 450 -0.20 16.39 -19.80
C GLU D 450 -1.57 15.78 -19.54
N PHE D 451 -2.62 16.60 -19.65
CA PHE D 451 -3.97 16.11 -19.34
C PHE D 451 -4.87 16.03 -20.58
N CYS D 452 -4.25 15.59 -21.68
CA CYS D 452 -4.96 15.26 -22.91
C CYS D 452 -4.92 13.76 -23.15
N ASN D 453 -5.96 13.27 -23.81
CA ASN D 453 -5.98 11.95 -24.37
C ASN D 453 -5.43 12.15 -25.78
N VAL D 454 -4.15 11.82 -25.99
CA VAL D 454 -3.51 11.88 -27.29
C VAL D 454 -4.12 10.73 -28.11
N GLN D 455 -4.86 11.06 -29.16
CA GLN D 455 -5.62 10.04 -29.89
C GLN D 455 -5.23 9.98 -31.36
N THR D 456 -4.79 8.81 -31.81
CA THR D 456 -4.49 8.61 -33.22
C THR D 456 -5.84 8.40 -33.93
N VAL D 457 -6.04 9.06 -35.07
CA VAL D 457 -7.25 8.78 -35.91
C VAL D 457 -6.72 8.45 -37.31
N TRP D 458 -6.94 7.21 -37.76
CA TRP D 458 -6.33 6.72 -39.01
C TRP D 458 -7.43 6.13 -39.86
N LYS D 459 -7.66 6.71 -41.03
CA LYS D 459 -8.69 6.19 -41.92
C LYS D 459 -8.09 5.32 -43.03
N ASN D 460 -8.84 4.31 -43.47
CA ASN D 460 -8.47 3.49 -44.63
C ASN D 460 -7.15 2.75 -44.50
N ARG D 461 -6.83 2.26 -43.29
CA ARG D 461 -5.58 1.50 -43.12
C ARG D 461 -5.82 0.08 -43.63
N VAL D 462 -5.32 -0.21 -44.82
CA VAL D 462 -5.57 -1.52 -45.44
C VAL D 462 -4.32 -1.92 -46.17
#